data_7CA5
#
_entry.id   7CA5
#
_cell.length_a   1.00
_cell.length_b   1.00
_cell.length_c   1.00
_cell.angle_alpha   90.00
_cell.angle_beta   90.00
_cell.angle_gamma   90.00
#
_symmetry.space_group_name_H-M   'P 1'
#
loop_
_entity.id
_entity.type
_entity.pdbx_description
1 polymer 'Gamma-aminobutyric acid type B receptor subunit 1'
2 polymer 'Gamma-aminobutyric acid type B receptor subunit 2'
#
loop_
_entity_poly.entity_id
_entity_poly.type
_entity_poly.pdbx_seq_one_letter_code
_entity_poly.pdbx_strand_id
1 'polypeptide(L)'
;MRLLTALFAYFIVALILAFSVSAKSMSERRAVYIGALFPMSGGWPGGQACQPAVEMALEDVNSRRDILPDYELKLIHHDS
KCDPGQATKYLYELLYNDPIKIILMPGCSSVSTLVAEAARMWNLIVLSYGSSSPALSNRQRFPTFFRTHPSATLHNPTRV
KLFEKWGWKKIATIQQTTEVFTSTLDDLEERVKEAGIEITFRQSFFSDPAVPVKNLKRQDARIIVGLFYETEARKVFCEV
YKERLFGKKYVWFLIGWYADNWFKIYDPSINCTVDEMTEAVEGHITTEIVMLNPANTRSISNMTSQEFVEKLTKRLKRHP
EETGGFQEAPLAYDAIWALALALNKTSGGGGRSGVRLEDFNYNNQTITDQIYRAMNSSSFEGVSGHVVFDASGSRMAWTL
IEQLQGGSYKKIGYYDSTKDDLSWSKTDKWIGGSPPADQTLVIKTFRFLSQKLFISVSVLSSLGIVLAVVCLSFNIYNSH
VRYIQNSQPNLNNLTAVGCSLALAAVFPLGLDGYHIGRNQFPFVCQARLWLLGLGFSLGYGSMFTKIWWVHTVFTKKEEK
KEWRKTLEPWKLYATVGLLVGMDVLTLAIWQIVDPLHRTIETFAKEEPKEDIDVSILPQLEHCSSRKMNTWLGIFYGYKG
LLLLLGIFLAYETKSVSTEKINDHRAVGMAIYNVAVLCLITAPVTMILSSQQDAAFAFASLAIVFSSYITLVVLFVPKMR
RLITRGEWQSEAQDTMKTGSSTNNNEEEKSRLLEKENRELEKSGRLEVLFQ
;
A
2 'polypeptide(L)'
;MASPRSSGQPGPPPPPPPPPARLLLLLLLPLLLPLAPGAWGWARGAPRPPPSSPPLSIMGLMPLTKEVAKGSIGRGVLPA
VELAIEQIRNESLLRPYFLDLRLYDTECDNAKGLKAFYDAIKYGPNHLMVFGGVCPSVTSIIAESLQGWNLVQLSFAATT
PVLADKKKYPYFFRTVPSDNAVNPAILKLLKHYQWKRVGTLTQDVQRFSEVRNDLTGVLYGEDIEISDTESFSNDPCTSV
KKLKGNDVRIILGQFDQNMAAKVFCCAYEENMYGSKYQWIIPGWYEPSWWEQVHTEANSSRCLRKNLLAAMEGYIGVDFE
PLSSKQIKTISGKTPQQYEREYNNKRSGVGPSKFHGYAYDGIWVIAKTLQRAMETLHASSRHQRIQDFNYTDHTLGRIIL
NAMNETNFFGVTGQVVFRNGERMGTIKFTQFQDSREVKVGEYNAVADTLEIINDTIRFQGSEPPKDKTIILEQLRKISLP
LYSILSALTILGMIMASAFLFFNIKNRNQKLIKMSSPYMNNLIILGGMLSYASIFLFGLDGSFVSEKTFETLCTVRTWIL
TVGYTTAFGAMFAKTWRVHAIFKNVKMKKKIIKDQKLLVIVGGMLLIDLCILICWQAVDPLRRTVEKYSMEPDPAGRDIS
IRPLLEHCENTHMTIWLGIVYAYKGLLMLFGCFLAWETRNVSIPALNDSKYIGMSVYNVGIMCIIGAAVSFLTRDQPNVQ
FCIVALVIIFCSTITLCLVFVPKLITLRTNPDAATQNRRFQFTQNQKKEDSKTSTSVTSVNQASTSRSGRGGSENLYFQG
GSGSGGDYKDDDDKDYKDDDDK
;
B
#
# COMPACT_ATOMS: atom_id res chain seq x y z
N SER A 27 -52.21 15.50 -41.43
CA SER A 27 -52.37 16.19 -42.69
C SER A 27 -51.49 15.64 -43.81
N GLU A 28 -50.87 16.53 -44.58
CA GLU A 28 -50.14 16.17 -45.77
C GLU A 28 -48.88 15.39 -45.43
N ARG A 29 -48.87 14.10 -45.73
CA ARG A 29 -47.74 13.29 -45.31
C ARG A 29 -46.52 13.65 -46.14
N ARG A 30 -45.94 14.80 -45.81
CA ARG A 30 -44.68 15.21 -46.43
C ARG A 30 -43.54 14.37 -45.87
N ALA A 31 -42.94 13.56 -46.74
CA ALA A 31 -41.93 12.62 -46.29
C ALA A 31 -40.75 13.35 -45.67
N VAL A 32 -40.62 13.21 -44.34
CA VAL A 32 -39.55 13.88 -43.59
C VAL A 32 -38.30 13.03 -43.68
N TYR A 33 -37.19 13.65 -44.05
CA TYR A 33 -35.94 12.92 -44.23
C TYR A 33 -35.56 12.35 -42.89
N ILE A 34 -35.71 11.04 -42.73
CA ILE A 34 -35.42 10.40 -41.47
C ILE A 34 -34.06 9.74 -41.52
N GLY A 35 -33.14 10.23 -40.71
CA GLY A 35 -31.75 9.81 -40.75
C GLY A 35 -31.66 8.38 -40.23
N ALA A 36 -31.53 7.43 -41.14
CA ALA A 36 -31.58 6.02 -40.82
C ALA A 36 -30.43 5.25 -41.48
N LEU A 37 -29.53 4.76 -40.64
CA LEU A 37 -28.54 3.78 -41.06
C LEU A 37 -28.56 2.66 -40.03
N PHE A 38 -28.98 1.48 -40.46
CA PHE A 38 -29.17 0.35 -39.56
C PHE A 38 -27.85 -0.36 -39.32
N PRO A 39 -27.60 -0.74 -38.07
CA PRO A 39 -26.33 -1.39 -37.76
C PRO A 39 -26.36 -2.78 -38.35
N MET A 40 -26.40 -2.83 -39.69
CA MET A 40 -26.40 -4.09 -40.41
C MET A 40 -25.30 -5.01 -39.93
N SER A 41 -24.11 -4.47 -39.68
CA SER A 41 -23.17 -5.04 -38.75
C SER A 41 -23.26 -4.17 -37.50
N GLY A 42 -23.21 -4.82 -36.34
CA GLY A 42 -23.37 -4.11 -35.08
C GLY A 42 -23.23 -5.11 -33.95
N GLY A 43 -23.06 -4.61 -32.72
CA GLY A 43 -23.03 -5.49 -31.56
C GLY A 43 -24.19 -6.47 -31.60
N TRP A 44 -25.39 -5.98 -31.90
CA TRP A 44 -26.51 -6.86 -32.20
C TRP A 44 -27.03 -6.46 -33.56
N PRO A 45 -26.40 -6.98 -34.61
CA PRO A 45 -26.74 -6.58 -35.98
C PRO A 45 -27.95 -7.37 -36.45
N GLY A 46 -28.98 -7.38 -35.60
CA GLY A 46 -30.23 -8.03 -35.98
C GLY A 46 -31.39 -7.08 -35.80
N GLY A 47 -31.32 -6.22 -34.79
CA GLY A 47 -32.21 -5.08 -34.73
C GLY A 47 -32.09 -4.25 -36.00
N GLN A 48 -30.92 -4.28 -36.65
CA GLN A 48 -30.77 -3.70 -37.97
C GLN A 48 -31.94 -4.09 -38.85
N ALA A 49 -32.28 -5.37 -38.86
CA ALA A 49 -33.54 -5.81 -39.43
C ALA A 49 -34.73 -5.27 -38.67
N CYS A 50 -34.82 -5.58 -37.37
CA CYS A 50 -35.91 -5.11 -36.55
C CYS A 50 -36.12 -3.61 -36.71
N GLN A 51 -35.04 -2.89 -37.02
CA GLN A 51 -35.17 -1.50 -37.45
C GLN A 51 -36.25 -1.38 -38.50
N PRO A 52 -36.05 -2.05 -39.63
CA PRO A 52 -37.09 -2.11 -40.65
C PRO A 52 -38.42 -2.46 -40.02
N ALA A 53 -38.43 -3.48 -39.17
CA ALA A 53 -39.63 -3.84 -38.43
C ALA A 53 -40.12 -2.65 -37.61
N VAL A 54 -39.26 -2.11 -36.75
CA VAL A 54 -39.61 -0.87 -36.08
C VAL A 54 -39.98 0.19 -37.09
N GLU A 55 -39.24 0.25 -38.20
CA GLU A 55 -39.64 1.10 -39.31
C GLU A 55 -41.04 0.73 -39.76
N MET A 56 -41.27 -0.56 -40.03
CA MET A 56 -42.62 -1.06 -40.18
C MET A 56 -43.53 -0.48 -39.12
N ALA A 57 -43.16 -0.64 -37.86
CA ALA A 57 -43.88 0.00 -36.76
C ALA A 57 -44.03 1.47 -37.03
N LEU A 58 -42.90 2.13 -37.26
CA LEU A 58 -42.90 3.50 -37.72
C LEU A 58 -43.79 3.66 -38.95
N GLU A 59 -43.59 2.80 -39.94
CA GLU A 59 -44.52 2.78 -41.07
C GLU A 59 -45.94 2.62 -40.59
N ASP A 60 -46.18 1.64 -39.73
CA ASP A 60 -47.45 1.56 -39.02
C ASP A 60 -47.82 2.91 -38.43
N VAL A 61 -46.91 3.47 -37.64
CA VAL A 61 -47.04 4.86 -37.24
C VAL A 61 -47.30 5.75 -38.45
N ASN A 62 -46.38 5.74 -39.42
CA ASN A 62 -46.63 6.44 -40.67
C ASN A 62 -47.97 6.09 -41.24
N SER A 63 -48.38 4.82 -41.14
CA SER A 63 -49.75 4.45 -41.41
C SER A 63 -50.71 5.11 -40.45
N ARG A 64 -50.57 4.87 -39.15
CA ARG A 64 -51.49 5.46 -38.18
C ARG A 64 -51.05 6.89 -37.91
N ARG A 65 -50.86 7.63 -38.99
CA ARG A 65 -50.47 9.03 -38.93
C ARG A 65 -51.62 9.92 -38.52
N ASP A 66 -52.75 9.33 -38.11
CA ASP A 66 -53.94 10.10 -37.77
C ASP A 66 -53.67 11.23 -36.78
N ILE A 67 -52.82 10.99 -35.79
CA ILE A 67 -52.50 12.02 -34.81
C ILE A 67 -52.05 13.31 -35.46
N LEU A 68 -51.02 13.24 -36.30
CA LEU A 68 -50.68 14.37 -37.17
C LEU A 68 -50.02 13.77 -38.41
N PRO A 69 -50.82 13.57 -39.45
CA PRO A 69 -50.25 13.07 -40.70
C PRO A 69 -49.56 14.14 -41.48
N ASP A 70 -49.38 15.31 -40.87
CA ASP A 70 -48.93 16.50 -41.56
C ASP A 70 -47.56 16.35 -42.18
N TYR A 71 -46.95 15.18 -42.03
CA TYR A 71 -45.74 14.83 -42.74
C TYR A 71 -45.65 13.32 -42.80
N GLU A 72 -44.87 12.81 -43.74
CA GLU A 72 -44.47 11.41 -43.76
C GLU A 72 -43.00 11.37 -43.44
N LEU A 73 -42.42 10.18 -43.44
CA LEU A 73 -40.98 10.09 -43.31
C LEU A 73 -40.33 9.84 -44.66
N LYS A 74 -39.42 10.72 -45.04
CA LYS A 74 -38.45 10.39 -46.07
C LYS A 74 -37.41 9.59 -45.29
N LEU A 75 -37.80 8.37 -44.94
CA LEU A 75 -37.04 7.60 -43.98
C LEU A 75 -35.73 7.21 -44.63
N ILE A 76 -34.78 8.12 -44.59
CA ILE A 76 -33.56 7.97 -45.35
C ILE A 76 -32.84 6.77 -44.76
N HIS A 77 -33.06 5.62 -45.37
CA HIS A 77 -32.71 4.37 -44.74
C HIS A 77 -31.39 3.91 -45.29
N HIS A 78 -30.49 3.57 -44.39
CA HIS A 78 -29.19 3.06 -44.79
C HIS A 78 -28.83 1.95 -43.82
N ASP A 79 -27.72 1.30 -44.08
CA ASP A 79 -27.19 0.35 -43.13
C ASP A 79 -26.00 0.97 -42.41
N SER A 80 -26.16 1.24 -41.11
CA SER A 80 -25.00 1.58 -40.33
C SER A 80 -23.91 0.53 -40.51
N LYS A 81 -24.27 -0.74 -40.38
CA LYS A 81 -23.40 -1.81 -40.84
C LYS A 81 -22.02 -1.79 -40.19
N CYS A 82 -21.90 -1.06 -39.08
CA CYS A 82 -20.65 -0.96 -38.33
C CYS A 82 -19.48 -0.46 -39.15
N ASP A 83 -19.73 0.12 -40.32
CA ASP A 83 -18.65 0.57 -41.19
C ASP A 83 -18.14 1.90 -40.67
N PRO A 84 -17.76 1.94 -39.40
CA PRO A 84 -17.72 3.18 -38.63
C PRO A 84 -17.21 4.34 -39.46
N GLY A 85 -16.00 4.21 -40.00
CA GLY A 85 -15.48 5.26 -40.85
C GLY A 85 -16.31 5.40 -42.11
N GLN A 86 -16.47 4.30 -42.84
CA GLN A 86 -17.23 4.36 -44.09
C GLN A 86 -18.69 4.65 -43.83
N ALA A 87 -19.22 4.12 -42.75
CA ALA A 87 -20.51 4.57 -42.28
C ALA A 87 -20.54 6.08 -42.28
N THR A 88 -19.62 6.71 -41.56
CA THR A 88 -19.58 8.17 -41.49
C THR A 88 -19.43 8.77 -42.87
N LYS A 89 -18.72 8.09 -43.75
CA LYS A 89 -18.60 8.59 -45.11
C LYS A 89 -19.98 8.72 -45.72
N TYR A 90 -20.68 7.61 -45.83
CA TYR A 90 -22.07 7.61 -46.29
C TYR A 90 -22.89 8.61 -45.50
N LEU A 91 -22.53 8.80 -44.24
CA LEU A 91 -23.26 9.71 -43.40
C LEU A 91 -23.15 11.11 -43.95
N TYR A 92 -21.93 11.62 -44.00
CA TYR A 92 -21.65 12.86 -44.67
C TYR A 92 -22.39 12.92 -46.00
N GLU A 93 -22.27 11.85 -46.78
CA GLU A 93 -22.98 11.77 -48.05
C GLU A 93 -24.44 12.13 -47.85
N LEU A 94 -25.02 11.64 -46.78
CA LEU A 94 -26.38 12.03 -46.45
C LEU A 94 -26.44 13.49 -46.07
N LEU A 95 -25.58 13.90 -45.14
CA LEU A 95 -25.39 15.32 -44.89
C LEU A 95 -25.16 16.05 -46.19
N TYR A 96 -24.45 15.40 -47.11
CA TYR A 96 -24.30 15.92 -48.45
C TYR A 96 -25.53 15.65 -49.31
N ASN A 97 -26.54 14.98 -48.77
CA ASN A 97 -27.71 14.63 -49.55
C ASN A 97 -28.95 15.31 -48.99
N ASP A 98 -29.98 15.41 -49.84
CA ASP A 98 -31.32 15.77 -49.39
C ASP A 98 -31.95 14.58 -48.70
N PRO A 99 -33.00 14.83 -47.91
CA PRO A 99 -33.56 16.14 -47.61
C PRO A 99 -33.11 16.60 -46.24
N ILE A 100 -33.70 17.70 -45.75
CA ILE A 100 -33.49 18.11 -44.38
C ILE A 100 -33.88 16.97 -43.47
N LYS A 101 -32.89 16.38 -42.80
CA LYS A 101 -33.07 15.07 -42.21
C LYS A 101 -33.52 15.17 -40.76
N ILE A 102 -33.66 14.03 -40.12
CA ILE A 102 -34.23 14.04 -38.78
C ILE A 102 -33.26 13.61 -37.70
N ILE A 103 -32.75 12.38 -37.76
CA ILE A 103 -32.20 11.79 -36.56
C ILE A 103 -31.19 10.73 -36.92
N LEU A 104 -30.83 9.94 -35.91
CA LEU A 104 -29.82 8.91 -36.06
C LEU A 104 -30.49 7.56 -36.01
N MET A 105 -29.99 6.61 -36.77
CA MET A 105 -30.36 5.21 -36.59
C MET A 105 -29.22 4.59 -35.81
N PRO A 106 -29.24 4.80 -34.51
CA PRO A 106 -28.16 4.36 -33.66
C PRO A 106 -28.70 3.57 -32.48
N GLY A 107 -27.90 2.59 -32.05
CA GLY A 107 -28.02 2.00 -30.72
C GLY A 107 -26.67 2.03 -30.02
N CYS A 108 -25.61 1.71 -30.75
CA CYS A 108 -24.26 1.65 -30.24
C CYS A 108 -23.49 2.91 -30.61
N SER A 109 -22.48 3.22 -29.81
CA SER A 109 -21.88 4.53 -29.87
C SER A 109 -20.90 4.71 -31.02
N SER A 110 -19.78 3.99 -30.99
CA SER A 110 -18.52 4.61 -31.35
C SER A 110 -18.66 5.66 -32.44
N VAL A 111 -19.10 5.23 -33.62
CA VAL A 111 -19.24 6.20 -34.70
C VAL A 111 -20.41 7.12 -34.43
N SER A 112 -21.49 6.58 -33.86
CA SER A 112 -22.57 7.46 -33.45
C SER A 112 -22.01 8.53 -32.54
N THR A 113 -21.45 8.11 -31.41
CA THR A 113 -20.80 9.01 -30.48
C THR A 113 -20.01 10.08 -31.21
N LEU A 114 -19.26 9.67 -32.22
CA LEU A 114 -18.58 10.66 -33.03
C LEU A 114 -19.58 11.67 -33.57
N VAL A 115 -20.52 11.19 -34.36
CA VAL A 115 -21.52 12.08 -34.92
C VAL A 115 -22.19 12.90 -33.84
N ALA A 116 -22.31 12.31 -32.66
CA ALA A 116 -22.96 12.98 -31.54
C ALA A 116 -22.18 14.21 -31.15
N GLU A 117 -20.90 14.03 -30.92
CA GLU A 117 -20.01 15.17 -30.83
C GLU A 117 -20.23 16.14 -31.98
N ALA A 118 -20.50 15.62 -33.18
CA ALA A 118 -20.55 16.45 -34.37
C ALA A 118 -21.79 17.33 -34.47
N ALA A 119 -22.89 16.90 -33.85
CA ALA A 119 -24.23 17.35 -34.25
C ALA A 119 -24.31 18.85 -34.54
N ARG A 120 -24.07 19.69 -33.53
CA ARG A 120 -24.37 21.11 -33.56
C ARG A 120 -24.09 21.72 -34.93
N MET A 121 -22.94 21.39 -35.50
CA MET A 121 -22.65 21.75 -36.87
C MET A 121 -23.84 21.54 -37.78
N TRP A 122 -24.36 20.32 -37.84
CA TRP A 122 -25.62 20.10 -38.48
C TRP A 122 -26.77 20.19 -37.52
N ASN A 123 -26.57 19.80 -36.26
CA ASN A 123 -27.56 20.01 -35.21
C ASN A 123 -28.90 19.35 -35.53
N LEU A 124 -28.92 18.01 -35.51
CA LEU A 124 -30.15 17.24 -35.67
C LEU A 124 -30.35 16.28 -34.51
N ILE A 125 -31.33 15.39 -34.64
CA ILE A 125 -31.83 14.63 -33.51
C ILE A 125 -30.89 13.49 -33.12
N VAL A 126 -30.28 13.61 -31.96
CA VAL A 126 -29.37 12.60 -31.46
C VAL A 126 -30.17 11.36 -31.06
N LEU A 127 -30.24 10.39 -31.97
CA LEU A 127 -31.17 9.28 -31.85
C LEU A 127 -30.42 7.96 -31.85
N SER A 128 -29.96 7.55 -30.68
CA SER A 128 -29.75 6.15 -30.42
C SER A 128 -30.83 5.68 -29.46
N TYR A 129 -30.81 4.40 -29.12
CA TYR A 129 -31.57 3.96 -27.96
C TYR A 129 -30.80 3.04 -27.05
N GLY A 130 -29.91 2.20 -27.59
CA GLY A 130 -29.32 1.11 -26.86
C GLY A 130 -27.94 1.44 -26.34
N SER A 131 -27.72 2.69 -25.94
CA SER A 131 -26.43 3.07 -25.40
C SER A 131 -26.60 3.60 -23.99
N SER A 132 -26.39 2.72 -23.01
CA SER A 132 -26.23 3.14 -21.63
C SER A 132 -24.91 3.87 -21.45
N SER A 133 -24.14 4.01 -22.53
CA SER A 133 -22.76 4.48 -22.45
C SER A 133 -22.68 5.74 -21.62
N PRO A 134 -21.93 5.65 -20.53
CA PRO A 134 -21.54 6.85 -19.81
C PRO A 134 -21.05 7.91 -20.77
N ALA A 135 -20.54 7.49 -21.93
CA ALA A 135 -20.36 8.40 -23.03
C ALA A 135 -21.50 9.38 -23.17
N LEU A 136 -22.73 8.92 -22.93
CA LEU A 136 -23.88 9.81 -22.96
C LEU A 136 -23.71 11.04 -22.11
N SER A 137 -22.79 11.03 -21.14
CA SER A 137 -22.74 12.07 -20.12
C SER A 137 -22.14 13.38 -20.63
N ASN A 138 -21.62 13.43 -21.85
CA ASN A 138 -20.83 14.58 -22.29
C ASN A 138 -21.80 15.70 -22.63
N ARG A 139 -22.71 15.99 -21.70
CA ARG A 139 -23.81 16.92 -21.95
C ARG A 139 -23.36 18.15 -22.69
N GLN A 140 -22.18 18.67 -22.34
CA GLN A 140 -21.56 19.69 -23.16
C GLN A 140 -21.56 19.28 -24.61
N ARG A 141 -20.88 18.18 -24.92
CA ARG A 141 -21.02 17.60 -26.24
C ARG A 141 -22.39 16.98 -26.42
N PHE A 142 -22.86 16.23 -25.43
CA PHE A 142 -24.14 15.53 -25.49
C PHE A 142 -25.25 16.55 -25.32
N PRO A 143 -25.40 17.41 -26.33
CA PRO A 143 -26.48 18.38 -26.29
C PRO A 143 -27.82 17.73 -26.64
N THR A 144 -27.94 17.21 -27.86
CA THR A 144 -29.20 16.67 -28.35
C THR A 144 -29.45 15.25 -27.89
N PHE A 145 -28.67 14.77 -26.92
CA PHE A 145 -28.64 13.37 -26.56
C PHE A 145 -30.02 12.76 -26.51
N PHE A 146 -30.17 11.59 -27.12
CA PHE A 146 -31.43 10.88 -27.07
C PHE A 146 -31.16 9.41 -27.32
N ARG A 147 -31.12 8.63 -26.24
CA ARG A 147 -30.90 7.19 -26.31
C ARG A 147 -31.46 6.55 -25.05
N THR A 148 -32.32 5.55 -25.23
CA THR A 148 -33.04 4.96 -24.11
C THR A 148 -32.12 4.34 -23.07
N HIS A 149 -31.15 3.56 -23.50
CA HIS A 149 -30.33 2.76 -22.59
C HIS A 149 -29.55 3.73 -21.72
N PRO A 150 -29.49 3.43 -20.42
CA PRO A 150 -28.83 4.27 -19.44
C PRO A 150 -28.05 3.41 -18.46
N SER A 151 -27.10 4.04 -17.77
CA SER A 151 -26.19 3.30 -16.93
C SER A 151 -26.92 2.67 -15.74
N ALA A 152 -26.69 1.37 -15.58
CA ALA A 152 -27.22 0.67 -14.43
C ALA A 152 -26.53 1.11 -13.15
N THR A 153 -25.68 2.12 -13.24
CA THR A 153 -25.12 2.72 -12.05
C THR A 153 -26.22 3.14 -11.11
N LEU A 154 -27.24 3.81 -11.62
CA LEU A 154 -28.43 4.03 -10.83
C LEU A 154 -28.96 2.71 -10.32
N HIS A 155 -29.15 1.76 -11.20
CA HIS A 155 -29.33 0.39 -10.74
C HIS A 155 -28.29 0.00 -9.72
N ASN A 156 -27.01 0.18 -10.04
CA ASN A 156 -25.98 0.03 -9.03
C ASN A 156 -26.33 0.83 -7.79
N PRO A 157 -26.74 2.08 -7.98
CA PRO A 157 -27.19 2.85 -6.84
C PRO A 157 -28.39 2.20 -6.19
N THR A 158 -29.36 1.79 -7.01
CA THR A 158 -30.39 0.90 -6.51
C THR A 158 -29.75 -0.34 -5.92
N ARG A 159 -28.77 -0.92 -6.60
CA ARG A 159 -27.99 -1.99 -6.02
C ARG A 159 -27.36 -1.54 -4.72
N VAL A 160 -26.91 -0.30 -4.69
CA VAL A 160 -26.59 0.31 -3.42
C VAL A 160 -27.76 0.24 -2.47
N LYS A 161 -28.91 0.80 -2.86
CA LYS A 161 -30.15 0.49 -2.17
C LYS A 161 -30.25 -0.99 -1.88
N LEU A 162 -29.93 -1.82 -2.86
CA LEU A 162 -29.91 -3.25 -2.64
C LEU A 162 -28.83 -3.62 -1.64
N PHE A 163 -27.63 -3.10 -1.82
CA PHE A 163 -26.67 -3.10 -0.75
C PHE A 163 -27.30 -2.69 0.56
N GLU A 164 -28.02 -1.58 0.55
CA GLU A 164 -28.89 -1.25 1.67
C GLU A 164 -29.86 -2.38 1.97
N LYS A 165 -30.65 -2.79 0.99
CA LYS A 165 -31.42 -4.01 1.15
C LYS A 165 -30.55 -5.18 1.58
N TRP A 166 -29.30 -5.20 1.13
CA TRP A 166 -28.32 -6.08 1.74
C TRP A 166 -27.84 -5.56 3.07
N GLY A 167 -28.05 -4.29 3.39
CA GLY A 167 -27.42 -3.67 4.54
C GLY A 167 -25.93 -3.53 4.29
N TRP A 168 -25.54 -3.82 3.05
CA TRP A 168 -24.15 -3.80 2.65
C TRP A 168 -23.70 -2.35 2.56
N LYS A 169 -22.51 -2.05 3.10
CA LYS A 169 -22.02 -0.68 3.11
C LYS A 169 -20.51 -0.62 2.88
N LYS A 170 -19.90 -1.75 2.51
CA LYS A 170 -18.44 -1.85 2.36
C LYS A 170 -18.16 -2.53 1.02
N ILE A 171 -17.70 -1.77 0.05
CA ILE A 171 -17.77 -2.15 -1.36
C ILE A 171 -16.46 -2.75 -1.86
N ALA A 172 -16.49 -4.01 -2.27
CA ALA A 172 -15.37 -4.68 -2.91
C ALA A 172 -15.72 -4.99 -4.36
N THR A 173 -14.93 -4.49 -5.29
CA THR A 173 -15.23 -4.67 -6.70
C THR A 173 -13.99 -4.62 -7.58
N ILE A 174 -14.13 -5.20 -8.77
CA ILE A 174 -13.10 -5.22 -9.79
C ILE A 174 -13.76 -5.36 -11.15
N GLN A 175 -12.95 -5.28 -12.20
CA GLN A 175 -13.48 -5.34 -13.54
C GLN A 175 -12.35 -5.54 -14.55
N GLN A 176 -12.58 -6.45 -15.48
CA GLN A 176 -11.82 -6.41 -16.71
C GLN A 176 -11.97 -5.03 -17.29
N THR A 177 -10.87 -4.28 -17.33
CA THR A 177 -10.98 -2.84 -17.53
C THR A 177 -11.37 -2.57 -18.96
N THR A 178 -12.63 -2.83 -19.29
CA THR A 178 -13.18 -2.42 -20.56
C THR A 178 -13.28 -0.91 -20.52
N GLU A 179 -13.03 -0.26 -21.65
CA GLU A 179 -13.42 1.13 -21.76
C GLU A 179 -14.87 1.27 -21.35
N VAL A 180 -15.70 0.31 -21.75
CA VAL A 180 -16.97 0.15 -21.11
C VAL A 180 -16.81 0.08 -19.61
N PHE A 181 -16.07 -0.92 -19.13
CA PHE A 181 -15.87 -1.06 -17.70
C PHE A 181 -15.14 0.14 -17.13
N THR A 182 -14.42 0.87 -17.99
CA THR A 182 -13.84 2.12 -17.54
C THR A 182 -14.93 3.11 -17.17
N SER A 183 -15.75 3.44 -18.16
CA SER A 183 -16.94 4.24 -17.92
C SER A 183 -17.67 3.74 -16.68
N THR A 184 -17.78 2.42 -16.57
CA THR A 184 -18.35 1.83 -15.38
C THR A 184 -17.64 2.34 -14.15
N LEU A 185 -16.36 2.00 -14.02
CA LEU A 185 -15.57 2.39 -12.87
C LEU A 185 -15.86 3.83 -12.49
N ASP A 186 -15.98 4.69 -13.49
CA ASP A 186 -16.43 6.05 -13.21
C ASP A 186 -17.78 6.03 -12.52
N ASP A 187 -18.78 5.50 -13.21
CA ASP A 187 -20.14 5.50 -12.68
C ASP A 187 -20.19 4.90 -11.29
N LEU A 188 -19.49 3.79 -11.12
CA LEU A 188 -19.22 3.27 -9.80
C LEU A 188 -18.78 4.37 -8.88
N GLU A 189 -17.65 5.00 -9.18
CA GLU A 189 -17.14 6.06 -8.33
C GLU A 189 -18.18 7.14 -8.13
N GLU A 190 -18.86 7.51 -9.21
CA GLU A 190 -19.93 8.48 -9.08
C GLU A 190 -20.87 8.09 -7.97
N ARG A 191 -21.42 6.88 -8.04
CA ARG A 191 -22.36 6.41 -7.04
C ARG A 191 -21.68 6.37 -5.68
N VAL A 192 -20.58 5.64 -5.58
CA VAL A 192 -19.83 5.52 -4.33
C VAL A 192 -19.72 6.84 -3.61
N LYS A 193 -19.35 7.88 -4.34
CA LYS A 193 -19.43 9.23 -3.80
C LYS A 193 -20.84 9.54 -3.36
N GLU A 194 -21.79 9.53 -4.30
CA GLU A 194 -23.18 9.73 -3.95
C GLU A 194 -23.60 8.80 -2.82
N ALA A 195 -23.17 7.54 -2.91
CA ALA A 195 -23.42 6.58 -1.86
C ALA A 195 -22.90 7.03 -0.52
N GLY A 196 -21.69 7.55 -0.46
CA GLY A 196 -21.01 7.75 0.81
C GLY A 196 -21.02 6.47 1.63
N ILE A 197 -20.87 5.34 0.95
CA ILE A 197 -20.70 4.05 1.60
C ILE A 197 -19.29 3.57 1.33
N GLU A 198 -18.82 2.65 2.16
CA GLU A 198 -17.42 2.24 2.14
C GLU A 198 -17.16 1.53 0.82
N ILE A 199 -16.43 2.20 -0.07
CA ILE A 199 -15.95 1.55 -1.27
C ILE A 199 -14.82 0.63 -0.84
N THR A 200 -15.17 -0.43 -0.10
CA THR A 200 -14.18 -1.20 0.64
C THR A 200 -13.02 -1.61 -0.24
N PHE A 201 -13.28 -1.88 -1.52
CA PHE A 201 -12.21 -2.26 -2.41
C PHE A 201 -12.55 -1.85 -3.82
N ARG A 202 -11.54 -1.39 -4.55
CA ARG A 202 -11.66 -1.06 -5.96
C ARG A 202 -10.51 -1.72 -6.68
N GLN A 203 -10.68 -2.98 -7.04
CA GLN A 203 -9.74 -3.67 -7.90
C GLN A 203 -10.21 -3.55 -9.33
N SER A 204 -9.56 -4.28 -10.22
CA SER A 204 -9.92 -4.27 -11.63
C SER A 204 -9.32 -5.50 -12.28
N PHE A 205 -9.34 -5.51 -13.61
CA PHE A 205 -8.74 -6.57 -14.40
C PHE A 205 -8.58 -6.04 -15.81
N PHE A 206 -7.75 -6.72 -16.60
CA PHE A 206 -7.77 -6.51 -18.03
C PHE A 206 -8.08 -7.79 -18.79
N SER A 207 -7.30 -8.84 -18.58
CA SER A 207 -7.54 -10.12 -19.24
C SER A 207 -7.74 -11.27 -18.29
N ASP A 208 -6.79 -11.52 -17.39
CA ASP A 208 -6.92 -12.55 -16.37
C ASP A 208 -6.28 -12.05 -15.10
N PRO A 209 -7.07 -11.41 -14.26
CA PRO A 209 -6.61 -10.92 -12.97
C PRO A 209 -6.63 -12.01 -11.91
N ALA A 210 -6.65 -13.28 -12.31
CA ALA A 210 -6.51 -14.38 -11.37
C ALA A 210 -5.43 -14.05 -10.36
N VAL A 211 -4.39 -13.37 -10.80
CA VAL A 211 -3.47 -12.74 -9.86
C VAL A 211 -4.21 -11.78 -8.94
N PRO A 212 -4.84 -10.75 -9.48
CA PRO A 212 -5.60 -9.83 -8.64
C PRO A 212 -6.70 -10.57 -7.93
N VAL A 213 -7.13 -11.71 -8.47
CA VAL A 213 -8.05 -12.56 -7.72
C VAL A 213 -7.41 -13.04 -6.43
N LYS A 214 -6.20 -13.57 -6.53
CA LYS A 214 -5.49 -13.93 -5.32
C LYS A 214 -5.26 -12.71 -4.45
N ASN A 215 -5.09 -11.55 -5.07
CA ASN A 215 -4.92 -10.31 -4.32
C ASN A 215 -6.19 -9.97 -3.56
N LEU A 216 -7.31 -10.39 -4.13
CA LEU A 216 -8.58 -10.14 -3.49
C LEU A 216 -8.78 -11.10 -2.34
N LYS A 217 -8.42 -12.37 -2.57
CA LYS A 217 -8.20 -13.25 -1.45
C LYS A 217 -7.38 -12.53 -0.39
N ARG A 218 -6.27 -11.95 -0.81
CA ARG A 218 -5.49 -11.09 0.06
C ARG A 218 -6.32 -9.88 0.47
N GLN A 219 -7.03 -9.28 -0.46
CA GLN A 219 -7.97 -8.22 -0.09
C GLN A 219 -9.11 -8.75 0.76
N ASP A 220 -9.10 -10.05 1.09
CA ASP A 220 -9.95 -10.63 2.13
C ASP A 220 -11.43 -10.46 1.79
N ALA A 221 -11.83 -11.17 0.75
CA ALA A 221 -13.19 -11.13 0.21
C ALA A 221 -14.30 -11.22 1.26
N ARG A 222 -15.14 -10.19 1.32
CA ARG A 222 -16.41 -10.23 2.02
C ARG A 222 -17.59 -9.77 1.18
N ILE A 223 -17.39 -8.79 0.30
CA ILE A 223 -18.45 -8.15 -0.48
C ILE A 223 -17.94 -7.89 -1.90
N ILE A 224 -18.25 -8.81 -2.80
CA ILE A 224 -17.59 -8.90 -4.10
C ILE A 224 -18.53 -8.54 -5.24
N VAL A 225 -18.00 -7.80 -6.21
CA VAL A 225 -18.67 -7.57 -7.48
C VAL A 225 -17.62 -7.22 -8.51
N GLY A 226 -17.89 -7.50 -9.78
CA GLY A 226 -16.92 -7.26 -10.84
C GLY A 226 -17.66 -6.96 -12.14
N LEU A 227 -16.90 -6.58 -13.16
CA LEU A 227 -17.47 -6.17 -14.44
C LEU A 227 -16.63 -6.71 -15.60
N PHE A 228 -17.26 -7.46 -16.50
CA PHE A 228 -16.59 -8.00 -17.68
C PHE A 228 -17.65 -8.34 -18.72
N TYR A 229 -17.23 -9.04 -19.76
CA TYR A 229 -18.09 -9.41 -20.88
C TYR A 229 -18.26 -10.92 -20.90
N GLU A 230 -19.37 -11.37 -21.47
CA GLU A 230 -19.80 -12.76 -21.37
C GLU A 230 -18.64 -13.74 -21.52
N THR A 231 -17.71 -13.45 -22.42
CA THR A 231 -16.55 -14.31 -22.57
C THR A 231 -15.46 -13.93 -21.59
N GLU A 232 -15.19 -12.62 -21.48
CA GLU A 232 -14.40 -12.15 -20.35
C GLU A 232 -15.00 -12.69 -19.07
N ALA A 233 -16.32 -12.62 -18.95
CA ALA A 233 -17.01 -13.24 -17.83
C ALA A 233 -16.73 -14.72 -17.76
N ARG A 234 -16.59 -15.39 -18.89
CA ARG A 234 -16.32 -16.81 -18.86
C ARG A 234 -14.98 -17.08 -18.21
N LYS A 235 -13.94 -16.43 -18.73
CA LYS A 235 -12.62 -16.53 -18.12
C LYS A 235 -12.68 -16.15 -16.65
N VAL A 236 -13.52 -15.18 -16.33
CA VAL A 236 -13.67 -14.77 -14.95
C VAL A 236 -14.17 -15.92 -14.10
N PHE A 237 -15.35 -16.42 -14.40
CA PHE A 237 -15.89 -17.56 -13.69
C PHE A 237 -14.90 -18.70 -13.64
N CYS A 238 -14.09 -18.86 -14.68
CA CYS A 238 -13.03 -19.84 -14.64
C CYS A 238 -12.12 -19.57 -13.46
N GLU A 239 -11.57 -18.36 -13.42
CA GLU A 239 -10.72 -17.95 -12.30
C GLU A 239 -11.45 -18.15 -10.97
N VAL A 240 -12.75 -17.88 -10.98
CA VAL A 240 -13.56 -17.99 -9.77
C VAL A 240 -13.53 -19.42 -9.26
N TYR A 241 -13.99 -20.36 -10.09
CA TYR A 241 -13.95 -21.77 -9.74
C TYR A 241 -12.56 -22.19 -9.30
N LYS A 242 -11.54 -21.65 -9.97
CA LYS A 242 -10.18 -21.90 -9.53
C LYS A 242 -9.98 -21.48 -8.09
N GLU A 243 -10.14 -20.20 -7.80
CA GLU A 243 -10.09 -19.75 -6.41
C GLU A 243 -11.05 -20.52 -5.53
N ARG A 244 -12.21 -20.88 -6.06
CA ARG A 244 -13.18 -21.71 -5.34
C ARG A 244 -13.48 -21.12 -3.97
N LEU A 245 -13.28 -19.81 -3.83
CA LEU A 245 -13.43 -19.12 -2.56
C LEU A 245 -14.89 -18.86 -2.26
N PHE A 246 -15.77 -19.59 -2.94
CA PHE A 246 -17.20 -19.50 -2.76
C PHE A 246 -17.57 -19.64 -1.29
N GLY A 247 -18.23 -18.60 -0.80
CA GLY A 247 -18.75 -18.60 0.56
C GLY A 247 -19.47 -17.27 0.74
N LYS A 248 -20.19 -17.11 1.84
CA LYS A 248 -20.81 -15.81 2.10
C LYS A 248 -19.76 -14.70 2.08
N LYS A 249 -18.49 -15.06 2.24
CA LYS A 249 -17.41 -14.14 1.92
C LYS A 249 -17.46 -13.72 0.46
N TYR A 250 -17.45 -14.68 -0.45
CA TYR A 250 -17.53 -14.42 -1.89
C TYR A 250 -18.83 -13.69 -2.18
N VAL A 251 -18.90 -13.01 -3.32
CA VAL A 251 -20.14 -12.37 -3.74
C VAL A 251 -20.19 -12.20 -5.24
N TRP A 252 -21.15 -12.87 -5.87
CA TRP A 252 -21.32 -12.83 -7.31
C TRP A 252 -22.33 -11.75 -7.64
N PHE A 253 -21.98 -10.53 -7.27
CA PHE A 253 -22.83 -9.37 -7.53
C PHE A 253 -22.48 -8.92 -8.94
N LEU A 254 -23.48 -8.96 -9.83
CA LEU A 254 -23.28 -8.64 -11.23
C LEU A 254 -24.54 -8.01 -11.83
N ILE A 255 -24.60 -8.02 -13.16
CA ILE A 255 -25.72 -7.47 -13.91
C ILE A 255 -25.80 -8.12 -15.28
N GLY A 256 -26.88 -7.85 -16.02
CA GLY A 256 -27.14 -8.60 -17.23
C GLY A 256 -26.34 -8.10 -18.42
N TRP A 257 -25.03 -7.95 -18.24
CA TRP A 257 -24.13 -7.73 -19.37
C TRP A 257 -23.89 -8.98 -20.18
N TYR A 258 -23.66 -10.12 -19.53
CA TYR A 258 -23.49 -11.36 -20.24
C TYR A 258 -24.83 -12.03 -20.52
N ALA A 259 -24.77 -13.29 -20.91
CA ALA A 259 -25.96 -14.10 -21.08
C ALA A 259 -26.01 -15.17 -20.01
N ASP A 260 -27.21 -15.67 -19.73
CA ASP A 260 -27.33 -16.78 -18.78
C ASP A 260 -26.49 -17.96 -19.22
N ASN A 261 -26.71 -18.41 -20.44
CA ASN A 261 -25.89 -19.47 -21.00
C ASN A 261 -24.43 -19.07 -21.01
N TRP A 262 -24.13 -17.81 -21.33
CA TRP A 262 -22.76 -17.33 -21.24
C TRP A 262 -22.16 -17.76 -19.92
N PHE A 263 -22.94 -17.68 -18.85
CA PHE A 263 -22.63 -18.46 -17.67
C PHE A 263 -23.08 -19.90 -17.82
N LYS A 264 -24.38 -20.11 -17.99
CA LYS A 264 -24.93 -21.45 -17.92
C LYS A 264 -24.25 -22.39 -18.90
N ILE A 265 -24.25 -22.05 -20.18
CA ILE A 265 -23.54 -22.85 -21.15
C ILE A 265 -22.06 -22.76 -20.86
N TYR A 266 -21.35 -23.87 -21.04
CA TYR A 266 -19.91 -23.89 -20.82
C TYR A 266 -19.17 -23.90 -22.15
N ASP A 267 -17.89 -23.51 -22.09
CA ASP A 267 -17.06 -23.35 -23.28
C ASP A 267 -15.93 -24.37 -23.26
N PRO A 268 -15.64 -24.94 -24.43
CA PRO A 268 -14.50 -25.84 -24.53
C PRO A 268 -13.19 -25.17 -24.16
N SER A 269 -13.05 -23.88 -24.48
CA SER A 269 -11.83 -23.16 -24.17
C SER A 269 -11.49 -23.16 -22.68
N ILE A 270 -12.41 -23.58 -21.83
CA ILE A 270 -12.23 -23.56 -20.40
C ILE A 270 -11.51 -24.82 -19.93
N ASN A 271 -11.09 -24.82 -18.67
CA ASN A 271 -10.41 -25.95 -18.07
C ASN A 271 -10.96 -26.32 -16.69
N CYS A 272 -11.77 -25.47 -16.08
CA CYS A 272 -12.20 -25.70 -14.71
C CYS A 272 -13.37 -26.69 -14.65
N THR A 273 -13.97 -26.77 -13.47
CA THR A 273 -15.03 -27.75 -13.19
C THR A 273 -16.40 -27.15 -13.44
N VAL A 274 -16.91 -27.41 -14.65
CA VAL A 274 -18.23 -26.94 -15.02
C VAL A 274 -19.26 -27.31 -13.97
N ASP A 275 -19.03 -28.40 -13.24
CA ASP A 275 -19.90 -28.71 -12.13
C ASP A 275 -19.67 -27.76 -10.97
N GLU A 276 -18.42 -27.63 -10.53
CA GLU A 276 -18.12 -26.75 -9.41
C GLU A 276 -18.47 -25.32 -9.80
N MET A 277 -17.95 -24.89 -10.95
CA MET A 277 -18.29 -23.57 -11.46
C MET A 277 -19.79 -23.39 -11.59
N THR A 278 -20.50 -24.43 -12.05
CA THR A 278 -21.94 -24.34 -12.17
C THR A 278 -22.56 -24.06 -10.81
N GLU A 279 -22.22 -24.88 -9.82
CA GLU A 279 -22.63 -24.64 -8.45
C GLU A 279 -22.42 -23.18 -8.07
N ALA A 280 -21.20 -22.69 -8.30
CA ALA A 280 -20.90 -21.30 -8.00
C ALA A 280 -21.89 -20.36 -8.68
N VAL A 281 -22.24 -20.68 -9.92
CA VAL A 281 -23.11 -19.79 -10.70
C VAL A 281 -24.45 -19.55 -10.02
N GLU A 282 -24.97 -20.53 -9.29
CA GLU A 282 -26.26 -20.37 -8.64
C GLU A 282 -26.25 -19.14 -7.75
N GLY A 283 -27.39 -18.46 -7.67
CA GLY A 283 -27.57 -17.34 -6.76
C GLY A 283 -26.75 -16.14 -7.18
N HIS A 284 -25.95 -16.26 -8.24
CA HIS A 284 -25.14 -15.15 -8.66
C HIS A 284 -26.00 -13.91 -8.87
N ILE A 285 -25.67 -12.87 -8.13
CA ILE A 285 -26.46 -11.66 -8.11
C ILE A 285 -26.29 -10.92 -9.42
N THR A 286 -27.42 -10.59 -10.05
CA THR A 286 -27.43 -9.77 -11.24
C THR A 286 -28.82 -9.21 -11.44
N THR A 287 -29.03 -8.55 -12.57
CA THR A 287 -30.30 -7.92 -12.85
C THR A 287 -30.31 -7.35 -14.26
N GLU A 288 -31.47 -6.81 -14.63
CA GLU A 288 -31.63 -6.00 -15.81
C GLU A 288 -32.89 -5.18 -15.64
N ILE A 289 -32.85 -3.95 -16.12
CA ILE A 289 -34.02 -3.08 -16.02
C ILE A 289 -35.17 -3.71 -16.77
N VAL A 290 -36.36 -3.13 -16.63
CA VAL A 290 -37.49 -3.63 -17.38
C VAL A 290 -37.23 -3.30 -18.84
N MET A 291 -36.65 -4.26 -19.56
CA MET A 291 -36.17 -4.04 -20.92
C MET A 291 -37.30 -3.98 -21.95
N LEU A 292 -38.56 -4.04 -21.52
CA LEU A 292 -39.70 -3.94 -22.42
C LEU A 292 -40.93 -3.73 -21.57
N ASN A 293 -42.06 -3.42 -22.22
CA ASN A 293 -43.32 -3.36 -21.50
C ASN A 293 -43.52 -4.62 -20.69
N PRO A 294 -43.54 -4.47 -19.36
CA PRO A 294 -43.74 -5.62 -18.49
C PRO A 294 -45.09 -6.27 -18.74
N ALA A 295 -46.17 -5.54 -18.55
CA ALA A 295 -47.49 -6.07 -18.89
C ALA A 295 -47.73 -5.96 -20.38
N ASN A 296 -48.74 -6.68 -20.86
CA ASN A 296 -49.10 -6.71 -22.27
C ASN A 296 -50.22 -5.73 -22.60
N THR A 297 -50.28 -4.61 -21.90
CA THR A 297 -51.33 -3.63 -22.14
C THR A 297 -51.27 -3.14 -23.58
N ARG A 298 -52.45 -2.77 -24.10
CA ARG A 298 -52.52 -2.06 -25.37
C ARG A 298 -51.56 -0.89 -25.33
N SER A 299 -50.71 -0.79 -26.35
CA SER A 299 -49.64 0.19 -26.39
C SER A 299 -50.20 1.60 -26.41
N ILE A 300 -49.31 2.58 -26.37
CA ILE A 300 -49.67 3.90 -26.88
C ILE A 300 -50.25 3.76 -28.28
N SER A 301 -49.75 2.82 -29.05
CA SER A 301 -50.39 2.39 -30.28
C SER A 301 -51.42 1.30 -30.05
N ASN A 302 -51.94 1.16 -28.83
CA ASN A 302 -52.98 0.19 -28.49
C ASN A 302 -52.54 -1.25 -28.73
N MET A 303 -51.25 -1.47 -28.95
CA MET A 303 -50.72 -2.81 -29.14
C MET A 303 -50.37 -3.45 -27.80
N THR A 304 -50.75 -4.70 -27.64
CA THR A 304 -50.32 -5.45 -26.48
C THR A 304 -48.82 -5.71 -26.59
N SER A 305 -48.14 -5.65 -25.45
CA SER A 305 -46.76 -6.14 -25.43
C SER A 305 -46.75 -7.60 -25.85
N GLN A 306 -47.80 -8.33 -25.50
CA GLN A 306 -48.05 -9.60 -26.16
C GLN A 306 -48.12 -9.40 -27.67
N GLU A 307 -49.07 -8.59 -28.12
CA GLU A 307 -49.16 -8.25 -29.53
C GLU A 307 -47.84 -7.72 -30.05
N PHE A 308 -47.08 -7.06 -29.19
CA PHE A 308 -45.74 -6.65 -29.60
C PHE A 308 -44.93 -7.87 -30.00
N VAL A 309 -44.72 -8.79 -29.07
CA VAL A 309 -43.98 -10.02 -29.38
C VAL A 309 -44.59 -10.73 -30.57
N GLU A 310 -45.92 -10.71 -30.66
CA GLU A 310 -46.59 -11.23 -31.83
C GLU A 310 -46.03 -10.62 -33.10
N LYS A 311 -46.13 -9.30 -33.21
CA LYS A 311 -45.62 -8.60 -34.38
C LYS A 311 -44.14 -8.90 -34.57
N LEU A 312 -43.42 -9.04 -33.46
CA LEU A 312 -42.02 -9.41 -33.51
C LEU A 312 -41.86 -10.68 -34.32
N THR A 313 -42.50 -11.73 -33.84
CA THR A 313 -42.54 -12.99 -34.57
C THR A 313 -42.97 -12.77 -36.01
N LYS A 314 -43.96 -11.89 -36.22
CA LYS A 314 -44.48 -11.65 -37.55
C LYS A 314 -43.36 -11.19 -38.47
N ARG A 315 -42.77 -10.05 -38.15
CA ARG A 315 -41.59 -9.59 -38.84
C ARG A 315 -40.41 -10.54 -38.67
N LEU A 316 -40.47 -11.48 -37.72
CA LEU A 316 -39.31 -12.33 -37.51
C LEU A 316 -39.20 -13.30 -38.67
N LYS A 317 -38.69 -12.81 -39.79
CA LYS A 317 -38.53 -13.63 -40.98
C LYS A 317 -37.27 -14.48 -40.93
N ARG A 318 -36.34 -14.17 -40.06
CA ARG A 318 -35.17 -14.99 -39.83
C ARG A 318 -35.32 -15.69 -38.48
N HIS A 319 -34.28 -16.41 -38.09
CA HIS A 319 -34.25 -17.09 -36.81
C HIS A 319 -34.50 -16.11 -35.68
N PRO A 320 -35.58 -16.35 -34.94
CA PRO A 320 -35.80 -15.60 -33.71
C PRO A 320 -34.63 -15.81 -32.76
N GLU A 321 -33.96 -16.95 -32.89
CA GLU A 321 -32.64 -17.08 -32.28
C GLU A 321 -31.69 -16.00 -32.78
N GLU A 322 -31.73 -15.72 -34.08
CA GLU A 322 -30.81 -14.73 -34.65
C GLU A 322 -31.33 -13.32 -34.43
N THR A 323 -32.27 -13.14 -33.51
CA THR A 323 -32.90 -11.84 -33.28
C THR A 323 -31.97 -10.92 -32.50
N GLY A 324 -31.07 -10.25 -33.23
CA GLY A 324 -30.24 -9.24 -32.61
C GLY A 324 -31.09 -8.02 -32.27
N GLY A 325 -30.73 -7.37 -31.17
CA GLY A 325 -31.52 -6.27 -30.64
C GLY A 325 -32.98 -6.65 -30.49
N PHE A 326 -33.22 -7.93 -30.22
CA PHE A 326 -34.58 -8.40 -30.05
C PHE A 326 -35.30 -7.58 -28.99
N GLN A 327 -34.82 -7.66 -27.76
CA GLN A 327 -35.35 -6.82 -26.71
C GLN A 327 -35.22 -5.35 -27.04
N GLU A 328 -34.19 -4.97 -27.79
CA GLU A 328 -34.04 -3.60 -28.22
C GLU A 328 -35.12 -3.18 -29.19
N ALA A 329 -35.54 -4.09 -30.07
CA ALA A 329 -36.62 -3.76 -31.00
C ALA A 329 -37.81 -3.16 -30.28
N PRO A 330 -38.03 -3.59 -29.04
CA PRO A 330 -39.01 -2.91 -28.19
C PRO A 330 -38.73 -1.42 -28.14
N LEU A 331 -37.55 -1.06 -27.64
CA LEU A 331 -37.14 0.33 -27.63
C LEU A 331 -37.18 0.92 -29.04
N ALA A 332 -37.01 0.08 -30.04
CA ALA A 332 -36.97 0.60 -31.40
C ALA A 332 -38.33 1.13 -31.84
N TYR A 333 -39.35 0.28 -31.87
CA TYR A 333 -40.67 0.75 -32.20
C TYR A 333 -41.13 1.79 -31.18
N ASP A 334 -40.65 1.67 -29.94
CA ASP A 334 -40.91 2.70 -28.97
C ASP A 334 -40.43 4.04 -29.48
N ALA A 335 -39.19 4.11 -29.94
CA ALA A 335 -38.66 5.34 -30.49
C ALA A 335 -39.45 5.78 -31.69
N ILE A 336 -39.92 4.82 -32.49
CA ILE A 336 -40.83 5.18 -33.57
C ILE A 336 -41.96 6.01 -33.01
N TRP A 337 -42.70 5.44 -32.07
CA TRP A 337 -43.78 6.16 -31.42
C TRP A 337 -43.29 7.45 -30.79
N ALA A 338 -42.02 7.52 -30.41
CA ALA A 338 -41.55 8.67 -29.66
C ALA A 338 -41.28 9.85 -30.58
N LEU A 339 -40.55 9.60 -31.64
CA LEU A 339 -40.55 10.51 -32.76
C LEU A 339 -41.96 10.98 -33.05
N ALA A 340 -42.88 10.04 -33.19
CA ALA A 340 -44.27 10.40 -33.44
C ALA A 340 -44.80 11.33 -32.35
N LEU A 341 -44.35 11.11 -31.12
CA LEU A 341 -44.80 11.95 -30.02
C LEU A 341 -44.35 13.37 -30.24
N ALA A 342 -43.06 13.56 -30.49
CA ALA A 342 -42.57 14.89 -30.80
C ALA A 342 -43.34 15.49 -31.97
N LEU A 343 -43.69 14.65 -32.94
CA LEU A 343 -44.41 15.13 -34.11
C LEU A 343 -45.76 15.69 -33.74
N ASN A 344 -46.63 14.82 -33.20
CA ASN A 344 -47.97 15.28 -32.80
C ASN A 344 -47.88 16.38 -31.75
N LYS A 345 -46.75 16.48 -31.07
CA LYS A 345 -46.51 17.66 -30.24
C LYS A 345 -46.45 18.90 -31.10
N THR A 346 -45.51 18.93 -32.04
CA THR A 346 -45.58 19.94 -33.09
C THR A 346 -46.88 19.79 -33.88
N SER A 347 -47.47 18.61 -33.83
CA SER A 347 -48.73 18.30 -34.51
C SER A 347 -48.60 18.54 -36.00
N ARG A 356 -43.13 22.85 -44.37
CA ARG A 356 -43.68 23.75 -43.38
C ARG A 356 -42.56 24.50 -42.68
N LEU A 357 -42.31 24.11 -41.43
CA LEU A 357 -41.21 24.65 -40.65
C LEU A 357 -39.84 24.23 -41.20
N GLU A 358 -39.83 23.56 -42.35
CA GLU A 358 -38.65 22.93 -42.91
C GLU A 358 -37.48 23.89 -43.13
N ASP A 359 -37.66 25.18 -42.86
CA ASP A 359 -36.67 26.19 -43.20
C ASP A 359 -35.39 26.06 -42.40
N PHE A 360 -35.24 25.01 -41.62
CA PHE A 360 -33.96 24.76 -40.97
C PHE A 360 -32.98 24.16 -41.96
N ASN A 361 -31.74 24.61 -41.87
CA ASN A 361 -30.62 23.95 -42.51
C ASN A 361 -29.87 23.20 -41.43
N TYR A 362 -28.72 22.63 -41.79
CA TYR A 362 -27.80 22.18 -40.76
C TYR A 362 -27.49 23.30 -39.78
N ASN A 363 -27.71 24.55 -40.20
CA ASN A 363 -27.57 25.70 -39.34
C ASN A 363 -28.91 26.24 -38.86
N ASN A 364 -29.82 26.57 -39.78
CA ASN A 364 -30.95 27.45 -39.50
C ASN A 364 -31.72 26.90 -38.30
N GLN A 365 -31.64 27.63 -37.19
CA GLN A 365 -31.86 27.04 -35.88
C GLN A 365 -33.20 27.39 -35.25
N THR A 366 -34.11 28.02 -35.98
CA THR A 366 -35.39 28.39 -35.37
C THR A 366 -36.17 27.16 -34.96
N ILE A 367 -36.59 26.36 -35.93
CA ILE A 367 -37.32 25.15 -35.61
C ILE A 367 -36.43 24.19 -34.84
N THR A 368 -35.12 24.31 -35.05
CA THR A 368 -34.18 23.57 -34.22
C THR A 368 -34.46 23.81 -32.76
N ASP A 369 -34.39 25.07 -32.34
CA ASP A 369 -34.67 25.41 -30.95
C ASP A 369 -36.08 25.03 -30.56
N GLN A 370 -37.01 25.11 -31.51
CA GLN A 370 -38.38 24.70 -31.24
C GLN A 370 -38.41 23.27 -30.76
N ILE A 371 -37.95 22.35 -31.61
CA ILE A 371 -37.81 20.97 -31.21
C ILE A 371 -36.94 20.81 -29.98
N TYR A 372 -35.98 21.71 -29.79
CA TYR A 372 -35.12 21.61 -28.62
C TYR A 372 -35.93 21.77 -27.37
N ARG A 373 -36.80 22.77 -27.35
CA ARG A 373 -37.78 22.87 -26.29
C ARG A 373 -38.61 21.61 -26.19
N ALA A 374 -39.17 21.18 -27.32
CA ALA A 374 -39.94 19.95 -27.34
C ALA A 374 -39.17 18.81 -26.70
N MET A 375 -37.85 18.89 -26.75
CA MET A 375 -36.99 17.91 -26.11
C MET A 375 -36.87 18.15 -24.63
N ASN A 376 -36.50 19.36 -24.22
CA ASN A 376 -36.71 19.76 -22.85
C ASN A 376 -38.13 19.45 -22.42
N SER A 377 -39.06 19.46 -23.36
CA SER A 377 -40.41 18.99 -23.13
C SER A 377 -40.56 17.49 -23.38
N SER A 378 -39.54 16.84 -23.90
CA SER A 378 -39.71 15.44 -24.26
C SER A 378 -39.70 14.55 -23.02
N SER A 379 -40.89 14.07 -22.68
CA SER A 379 -41.10 13.00 -21.71
C SER A 379 -42.57 12.60 -21.78
N PHE A 380 -42.86 11.31 -21.67
CA PHE A 380 -44.22 10.84 -21.92
C PHE A 380 -44.46 9.60 -21.08
N GLU A 381 -45.47 8.83 -21.44
CA GLU A 381 -45.68 7.50 -20.86
C GLU A 381 -45.78 6.51 -22.00
N GLY A 382 -44.63 6.03 -22.47
CA GLY A 382 -44.64 5.04 -23.53
C GLY A 382 -45.14 3.71 -22.99
N VAL A 383 -45.65 2.89 -23.90
CA VAL A 383 -46.17 1.59 -23.49
C VAL A 383 -45.09 0.67 -22.99
N SER A 384 -43.92 0.64 -23.63
CA SER A 384 -42.80 -0.08 -23.06
C SER A 384 -42.51 0.36 -21.64
N GLY A 385 -42.75 1.64 -21.33
CA GLY A 385 -42.68 2.14 -19.97
C GLY A 385 -43.01 3.61 -20.01
N HIS A 386 -43.43 4.18 -18.88
CA HIS A 386 -43.74 5.60 -18.87
C HIS A 386 -42.54 6.30 -19.47
N VAL A 387 -42.72 6.82 -20.67
CA VAL A 387 -41.60 7.23 -21.49
C VAL A 387 -40.75 8.18 -20.70
N VAL A 388 -39.58 7.70 -20.29
CA VAL A 388 -38.80 8.37 -19.29
C VAL A 388 -37.61 9.02 -19.96
N PHE A 389 -37.56 10.33 -19.82
CA PHE A 389 -36.39 11.08 -20.24
C PHE A 389 -35.47 11.22 -19.05
N ASP A 390 -34.32 10.57 -19.13
CA ASP A 390 -33.29 10.83 -18.14
C ASP A 390 -32.82 12.26 -18.36
N ALA A 391 -31.83 12.69 -17.56
CA ALA A 391 -31.22 13.98 -17.80
C ALA A 391 -30.90 14.18 -19.27
N SER A 392 -30.30 13.17 -19.90
CA SER A 392 -30.10 13.16 -21.34
C SER A 392 -31.21 12.44 -22.09
N GLY A 393 -32.39 12.34 -21.50
CA GLY A 393 -33.57 11.73 -22.09
C GLY A 393 -33.59 10.21 -22.01
N SER A 394 -32.56 9.56 -21.48
CA SER A 394 -32.56 8.10 -21.45
C SER A 394 -33.73 7.58 -20.65
N ARG A 395 -34.08 6.32 -20.92
CA ARG A 395 -35.25 5.71 -20.32
C ARG A 395 -35.06 5.58 -18.81
N MET A 396 -36.13 5.18 -18.12
CA MET A 396 -36.12 4.92 -16.69
C MET A 396 -37.40 4.20 -16.26
N ALA A 397 -37.25 3.07 -15.57
CA ALA A 397 -38.42 2.29 -15.13
C ALA A 397 -37.98 1.26 -14.09
N TRP A 398 -38.90 0.36 -13.75
CA TRP A 398 -38.58 -0.72 -12.84
C TRP A 398 -37.48 -1.59 -13.42
N THR A 399 -36.79 -2.28 -12.53
CA THR A 399 -35.62 -3.05 -12.92
C THR A 399 -35.73 -4.42 -12.29
N LEU A 400 -35.95 -5.43 -13.12
CA LEU A 400 -35.96 -6.79 -12.63
C LEU A 400 -34.58 -7.12 -12.08
N ILE A 401 -34.58 -7.89 -11.01
CA ILE A 401 -33.37 -8.06 -10.21
C ILE A 401 -33.34 -9.50 -9.77
N GLU A 402 -32.41 -10.25 -10.34
CA GLU A 402 -32.35 -11.69 -10.22
C GLU A 402 -30.96 -12.13 -9.76
N GLN A 403 -30.88 -12.63 -8.55
CA GLN A 403 -29.76 -13.47 -8.19
C GLN A 403 -29.95 -14.74 -8.98
N LEU A 404 -28.86 -15.38 -9.38
CA LEU A 404 -28.99 -16.53 -10.27
C LEU A 404 -29.62 -17.64 -9.44
N GLN A 405 -30.87 -17.46 -9.07
CA GLN A 405 -31.49 -18.25 -8.02
C GLN A 405 -31.52 -19.69 -8.49
N GLY A 406 -30.60 -20.48 -7.96
CA GLY A 406 -30.30 -21.81 -8.52
C GLY A 406 -29.99 -21.70 -10.01
N GLY A 407 -29.39 -20.58 -10.40
CA GLY A 407 -29.16 -20.24 -11.79
C GLY A 407 -30.46 -19.97 -12.53
N SER A 408 -31.59 -20.24 -11.88
CA SER A 408 -32.88 -19.79 -12.34
C SER A 408 -33.04 -18.41 -11.76
N TYR A 409 -32.39 -17.45 -12.39
CA TYR A 409 -32.21 -16.18 -11.74
C TYR A 409 -33.56 -15.55 -11.47
N LYS A 410 -33.98 -15.62 -10.23
CA LYS A 410 -35.30 -15.16 -9.85
C LYS A 410 -35.28 -13.65 -9.76
N LYS A 411 -35.90 -13.00 -10.74
CA LYS A 411 -35.90 -11.55 -10.76
C LYS A 411 -36.83 -11.08 -9.64
N ILE A 412 -36.33 -11.17 -8.41
CA ILE A 412 -37.15 -10.85 -7.25
C ILE A 412 -37.15 -9.38 -6.94
N GLY A 413 -36.55 -8.56 -7.79
CA GLY A 413 -36.63 -7.13 -7.53
C GLY A 413 -37.13 -6.47 -8.80
N TYR A 414 -37.77 -5.32 -8.62
CA TYR A 414 -38.16 -4.49 -9.76
C TYR A 414 -38.05 -3.04 -9.33
N TYR A 415 -36.88 -2.46 -9.56
CA TYR A 415 -36.58 -1.12 -9.08
C TYR A 415 -37.35 -0.12 -9.92
N ASP A 416 -38.42 0.40 -9.37
CA ASP A 416 -39.27 1.37 -10.07
C ASP A 416 -38.48 2.65 -10.13
N SER A 417 -37.71 2.81 -11.21
CA SER A 417 -36.72 3.88 -11.29
C SER A 417 -37.26 5.20 -10.77
N THR A 418 -38.57 5.42 -10.93
CA THR A 418 -39.21 6.56 -10.27
C THR A 418 -38.72 6.69 -8.84
N LYS A 419 -38.89 5.64 -8.05
CA LYS A 419 -38.20 5.56 -6.78
C LYS A 419 -37.07 4.55 -6.81
N ASP A 420 -36.73 4.01 -7.97
CA ASP A 420 -35.97 2.78 -8.07
C ASP A 420 -36.57 1.75 -7.11
N ASP A 421 -37.87 1.85 -6.93
CA ASP A 421 -38.56 1.16 -5.86
C ASP A 421 -38.57 -0.31 -6.21
N LEU A 422 -37.58 -1.03 -5.70
CA LEU A 422 -37.41 -2.44 -6.02
C LEU A 422 -38.59 -3.18 -5.42
N SER A 423 -39.48 -3.66 -6.27
CA SER A 423 -40.43 -4.66 -5.81
C SER A 423 -39.57 -5.84 -5.40
N TRP A 424 -39.43 -6.02 -4.10
CA TRP A 424 -38.54 -7.03 -3.54
C TRP A 424 -39.33 -8.31 -3.41
N SER A 425 -39.50 -9.02 -4.53
CA SER A 425 -40.26 -10.26 -4.53
C SER A 425 -39.66 -11.30 -3.59
N LYS A 426 -38.50 -11.02 -3.00
CA LYS A 426 -38.01 -11.75 -1.85
C LYS A 426 -37.80 -13.23 -2.15
N THR A 427 -37.35 -13.54 -3.36
CA THR A 427 -36.94 -14.89 -3.70
C THR A 427 -35.58 -15.24 -3.16
N ASP A 428 -35.08 -14.49 -2.18
CA ASP A 428 -33.68 -14.57 -1.80
C ASP A 428 -33.34 -15.93 -1.22
N LYS A 429 -32.62 -16.71 -2.00
CA LYS A 429 -31.80 -17.77 -1.49
C LYS A 429 -30.38 -17.24 -1.46
N TRP A 430 -29.93 -16.89 -0.26
CA TRP A 430 -28.81 -15.98 -0.11
C TRP A 430 -28.06 -16.30 1.17
N ILE A 431 -27.22 -15.35 1.61
CA ILE A 431 -26.22 -15.61 2.64
C ILE A 431 -26.80 -16.44 3.78
N GLY A 432 -27.80 -15.89 4.45
CA GLY A 432 -28.66 -16.68 5.32
C GLY A 432 -29.95 -17.05 4.63
N GLY A 433 -29.91 -17.25 3.31
CA GLY A 433 -31.12 -17.12 2.52
C GLY A 433 -31.29 -15.61 2.34
N SER A 434 -30.34 -14.85 2.84
CA SER A 434 -30.58 -13.46 3.20
C SER A 434 -29.58 -12.54 2.53
N PRO A 435 -30.08 -11.36 2.17
CA PRO A 435 -29.22 -10.30 1.66
C PRO A 435 -28.38 -9.75 2.80
N PRO A 436 -27.36 -10.50 3.20
CA PRO A 436 -26.49 -10.06 4.27
C PRO A 436 -25.76 -8.78 3.87
N ALA A 437 -25.05 -8.22 4.83
CA ALA A 437 -24.41 -6.92 4.66
C ALA A 437 -22.95 -7.10 4.29
N ASP A 438 -22.36 -6.01 3.84
CA ASP A 438 -20.96 -6.02 3.42
C ASP A 438 -20.06 -6.11 4.62
N GLN A 439 -18.75 -6.22 4.36
CA GLN A 439 -17.75 -6.34 5.41
C GLN A 439 -18.11 -7.49 6.36
N THR A 440 -18.32 -8.65 5.78
CA THR A 440 -18.84 -9.78 6.54
C THR A 440 -17.76 -10.23 7.52
N LEU A 441 -17.76 -9.64 8.71
CA LEU A 441 -16.82 -9.98 9.78
C LEU A 441 -17.30 -9.32 11.05
N VAL A 442 -17.45 -10.11 12.11
CA VAL A 442 -17.91 -9.60 13.41
C VAL A 442 -17.33 -10.49 14.50
N ILE A 443 -16.25 -10.04 15.13
CA ILE A 443 -15.51 -10.87 16.06
C ILE A 443 -15.74 -10.46 17.51
N LYS A 444 -15.54 -11.43 18.41
CA LYS A 444 -15.70 -11.19 19.83
C LYS A 444 -14.43 -10.59 20.42
N THR A 445 -14.38 -10.57 21.75
CA THR A 445 -13.23 -10.11 22.51
C THR A 445 -13.37 -10.60 23.94
N PHE A 446 -12.35 -11.30 24.44
CA PHE A 446 -12.36 -11.87 25.78
C PHE A 446 -11.93 -10.78 26.75
N ARG A 447 -12.66 -9.67 26.74
CA ARG A 447 -12.22 -8.47 27.45
C ARG A 447 -11.94 -8.76 28.91
N PHE A 448 -12.57 -9.79 29.47
CA PHE A 448 -12.35 -10.15 30.86
C PHE A 448 -12.84 -11.58 31.06
N LEU A 449 -12.89 -11.97 32.34
CA LEU A 449 -13.46 -13.24 32.76
C LEU A 449 -13.81 -13.09 34.25
N SER A 450 -14.56 -14.06 34.78
CA SER A 450 -14.93 -13.98 36.18
C SER A 450 -14.64 -15.28 36.93
N GLN A 451 -14.74 -16.41 36.24
CA GLN A 451 -14.65 -17.74 36.85
C GLN A 451 -15.66 -17.92 37.98
N LYS A 452 -16.63 -17.02 38.04
CA LYS A 452 -17.61 -16.92 39.12
C LYS A 452 -16.90 -16.58 40.42
N LEU A 453 -15.58 -16.47 40.37
CA LEU A 453 -14.73 -16.53 41.55
C LEU A 453 -15.22 -17.65 42.45
N PHE A 454 -15.78 -18.70 41.87
CA PHE A 454 -16.57 -19.64 42.64
C PHE A 454 -15.80 -20.23 43.80
N ILE A 455 -14.81 -21.06 43.53
CA ILE A 455 -13.89 -21.46 44.57
C ILE A 455 -13.15 -20.24 45.11
N SER A 456 -12.89 -19.27 44.23
CA SER A 456 -12.14 -18.10 44.62
C SER A 456 -12.87 -17.31 45.70
N VAL A 457 -14.05 -16.77 45.36
CA VAL A 457 -14.80 -16.00 46.33
C VAL A 457 -15.19 -16.87 47.53
N SER A 458 -15.40 -18.17 47.29
CA SER A 458 -15.71 -19.07 48.39
C SER A 458 -14.60 -19.06 49.44
N VAL A 459 -13.41 -19.49 49.04
CA VAL A 459 -12.28 -19.48 49.95
C VAL A 459 -11.99 -18.08 50.46
N LEU A 460 -12.35 -17.06 49.66
CA LEU A 460 -12.11 -15.69 50.06
C LEU A 460 -12.93 -15.32 51.29
N SER A 461 -14.24 -15.53 51.21
CA SER A 461 -15.10 -15.30 52.37
C SER A 461 -14.66 -16.17 53.54
N SER A 462 -14.33 -17.43 53.28
CA SER A 462 -13.90 -18.32 54.35
C SER A 462 -12.68 -17.75 55.07
N LEU A 463 -11.69 -17.30 54.30
CA LEU A 463 -10.47 -16.79 54.88
C LEU A 463 -10.72 -15.51 55.65
N GLY A 464 -11.50 -14.59 55.09
CA GLY A 464 -11.83 -13.38 55.82
C GLY A 464 -12.49 -13.71 57.15
N ILE A 465 -13.38 -14.69 57.13
CA ILE A 465 -14.03 -15.13 58.37
C ILE A 465 -13.00 -15.59 59.39
N VAL A 466 -12.21 -16.61 59.03
CA VAL A 466 -11.22 -17.13 59.95
C VAL A 466 -10.26 -16.04 60.42
N LEU A 467 -9.99 -15.06 59.56
CA LEU A 467 -9.05 -14.00 59.89
C LEU A 467 -9.59 -13.11 60.98
N ALA A 468 -10.79 -12.57 60.77
CA ALA A 468 -11.42 -11.78 61.83
C ALA A 468 -11.53 -12.60 63.10
N VAL A 469 -11.78 -13.90 62.95
CA VAL A 469 -11.89 -14.78 64.12
C VAL A 469 -10.61 -14.75 64.94
N VAL A 470 -9.49 -15.05 64.29
CA VAL A 470 -8.22 -15.06 65.00
C VAL A 470 -7.88 -13.68 65.54
N CYS A 471 -8.25 -12.62 64.81
CA CYS A 471 -8.00 -11.27 65.29
C CYS A 471 -8.69 -11.04 66.63
N LEU A 472 -9.98 -11.32 66.69
CA LEU A 472 -10.71 -11.18 67.94
C LEU A 472 -10.15 -12.10 69.02
N SER A 473 -9.74 -13.32 68.65
CA SER A 473 -9.20 -14.24 69.63
C SER A 473 -7.95 -13.66 70.30
N PHE A 474 -7.01 -13.17 69.48
CA PHE A 474 -5.80 -12.60 70.03
C PHE A 474 -6.10 -11.34 70.84
N ASN A 475 -7.05 -10.52 70.36
CA ASN A 475 -7.43 -9.35 71.13
C ASN A 475 -7.95 -9.73 72.50
N ILE A 476 -8.81 -10.75 72.56
CA ILE A 476 -9.27 -11.26 73.85
C ILE A 476 -8.10 -11.73 74.70
N TYR A 477 -7.19 -12.49 74.10
CA TYR A 477 -5.94 -12.83 74.76
C TYR A 477 -5.15 -11.60 75.16
N ASN A 478 -5.31 -10.49 74.45
CA ASN A 478 -4.62 -9.26 74.78
C ASN A 478 -5.35 -8.54 75.91
N SER A 479 -4.89 -7.33 76.22
CA SER A 479 -5.41 -6.37 77.18
C SER A 479 -5.09 -6.75 78.63
N HIS A 480 -4.56 -7.94 78.91
CA HIS A 480 -4.10 -8.25 80.27
C HIS A 480 -3.09 -9.38 80.23
N VAL A 481 -1.80 -9.04 80.29
CA VAL A 481 -0.72 -10.01 80.48
C VAL A 481 0.63 -9.30 80.58
N ARG A 482 1.59 -9.91 81.28
CA ARG A 482 2.97 -9.47 81.17
C ARG A 482 3.94 -10.62 81.31
N TYR A 483 3.47 -11.82 81.61
CA TYR A 483 4.37 -12.91 81.99
C TYR A 483 4.78 -13.78 80.81
N ILE A 484 4.70 -13.23 79.60
CA ILE A 484 5.07 -13.99 78.36
C ILE A 484 6.55 -13.77 78.07
N GLN A 485 6.94 -13.90 76.80
CA GLN A 485 8.35 -13.72 76.38
C GLN A 485 8.88 -12.38 76.91
N ASN A 486 8.12 -11.30 76.67
CA ASN A 486 8.52 -9.95 77.14
C ASN A 486 7.46 -9.41 78.11
N SER A 487 6.60 -8.50 77.63
CA SER A 487 5.52 -7.92 78.46
C SER A 487 4.47 -7.28 77.56
N GLN A 488 4.61 -7.43 76.24
CA GLN A 488 3.67 -6.87 75.29
C GLN A 488 3.71 -7.62 73.96
N PRO A 489 2.52 -8.00 73.49
CA PRO A 489 2.38 -8.55 72.14
C PRO A 489 2.07 -7.41 71.17
N ASN A 490 2.92 -6.39 71.23
CA ASN A 490 2.85 -5.33 70.23
C ASN A 490 3.05 -5.90 68.84
N LEU A 491 3.84 -6.96 68.72
CA LEU A 491 4.02 -7.62 67.44
C LEU A 491 2.74 -8.29 66.96
N ASN A 492 1.90 -8.76 67.88
CA ASN A 492 0.59 -9.28 67.48
C ASN A 492 -0.17 -8.25 66.69
N ASN A 493 0.05 -6.97 66.99
CA ASN A 493 -0.60 -5.90 66.24
C ASN A 493 -0.15 -5.88 64.79
N LEU A 494 1.17 -5.90 64.55
CA LEU A 494 1.66 -5.87 63.18
C LEU A 494 1.26 -7.14 62.43
N THR A 495 1.17 -8.26 63.17
CA THR A 495 0.63 -9.48 62.59
C THR A 495 -0.79 -9.25 62.08
N ALA A 496 -1.66 -8.69 62.93
CA ALA A 496 -3.02 -8.40 62.51
C ALA A 496 -3.03 -7.42 61.35
N VAL A 497 -2.04 -6.52 61.30
CA VAL A 497 -1.96 -5.58 60.18
C VAL A 497 -1.72 -6.31 58.87
N GLY A 498 -0.75 -7.23 58.85
CA GLY A 498 -0.53 -8.05 57.67
C GLY A 498 -1.78 -8.83 57.31
N CYS A 499 -2.45 -9.39 58.31
CA CYS A 499 -3.67 -10.15 58.04
C CYS A 499 -4.75 -9.28 57.44
N SER A 500 -4.88 -8.05 57.93
CA SER A 500 -5.81 -7.10 57.35
C SER A 500 -5.46 -6.81 55.91
N LEU A 501 -4.16 -6.66 55.63
CA LEU A 501 -3.73 -6.51 54.25
C LEU A 501 -4.21 -7.68 53.39
N ALA A 502 -4.06 -8.90 53.91
CA ALA A 502 -4.50 -10.09 53.19
C ALA A 502 -5.99 -10.01 52.87
N LEU A 503 -6.80 -9.72 53.89
CA LEU A 503 -8.25 -9.63 53.70
C LEU A 503 -8.59 -8.54 52.67
N ALA A 504 -7.94 -7.38 52.78
CA ALA A 504 -8.19 -6.28 51.87
C ALA A 504 -7.88 -6.62 50.43
N ALA A 505 -6.76 -7.28 50.18
CA ALA A 505 -6.45 -7.73 48.84
C ALA A 505 -7.41 -8.79 48.32
N VAL A 506 -7.87 -9.68 49.20
CA VAL A 506 -8.99 -10.55 48.81
C VAL A 506 -10.16 -9.72 48.31
N PHE A 507 -10.48 -8.65 49.01
CA PHE A 507 -11.49 -7.73 48.50
C PHE A 507 -11.00 -6.99 47.26
N PRO A 508 -9.73 -6.59 47.24
CA PRO A 508 -9.27 -5.66 46.22
C PRO A 508 -9.15 -6.32 44.86
N LEU A 509 -8.23 -7.29 44.77
CA LEU A 509 -7.99 -8.04 43.51
C LEU A 509 -8.86 -9.31 43.50
N GLY A 510 -10.10 -9.20 43.98
CA GLY A 510 -11.03 -10.35 44.02
C GLY A 510 -11.85 -10.40 42.73
N LEU A 511 -13.18 -10.56 42.86
CA LEU A 511 -14.08 -10.61 41.68
C LEU A 511 -15.19 -9.57 41.84
N ASP A 512 -14.81 -8.29 41.97
CA ASP A 512 -15.79 -7.19 42.13
C ASP A 512 -15.18 -5.88 41.60
N GLY A 513 -14.39 -5.97 40.53
CA GLY A 513 -13.75 -4.78 39.93
C GLY A 513 -13.58 -4.99 38.42
N TYR A 514 -14.09 -6.11 37.90
CA TYR A 514 -13.99 -6.41 36.45
C TYR A 514 -14.29 -7.90 36.22
N HIS A 515 -14.52 -8.66 37.30
CA HIS A 515 -14.83 -10.10 37.21
C HIS A 515 -16.35 -10.30 37.22
N ILE A 516 -16.87 -10.94 38.27
CA ILE A 516 -18.32 -11.20 38.39
C ILE A 516 -19.09 -9.87 38.32
N GLY A 517 -18.89 -9.00 39.31
CA GLY A 517 -19.57 -7.68 39.36
C GLY A 517 -19.12 -6.83 38.16
N ARG A 518 -20.08 -6.29 37.41
CA ARG A 518 -19.77 -5.44 36.22
C ARG A 518 -19.77 -3.97 36.63
N ASN A 519 -18.61 -3.44 37.03
CA ASN A 519 -18.48 -2.04 37.45
C ASN A 519 -17.01 -1.61 37.40
N GLN A 520 -16.40 -1.68 36.20
CA GLN A 520 -15.00 -1.32 36.03
C GLN A 520 -14.82 0.18 35.80
N PHE A 521 -15.64 0.75 34.93
CA PHE A 521 -15.56 2.17 34.56
C PHE A 521 -15.46 3.04 35.80
N PRO A 522 -16.05 2.57 36.89
CA PRO A 522 -15.70 3.08 38.20
C PRO A 522 -14.83 2.10 38.97
N PHE A 523 -15.27 0.84 39.04
CA PHE A 523 -14.53 -0.16 39.82
C PHE A 523 -13.07 -0.21 39.43
N VAL A 524 -12.79 -0.56 38.16
CA VAL A 524 -11.41 -0.54 37.67
C VAL A 524 -10.73 0.76 38.04
N CYS A 525 -11.44 1.89 37.83
CA CYS A 525 -10.91 3.18 38.26
C CYS A 525 -10.58 3.14 39.74
N GLN A 526 -11.59 2.90 40.58
CA GLN A 526 -11.34 2.73 42.00
C GLN A 526 -10.33 1.62 42.26
N ALA A 527 -10.31 0.59 41.42
CA ALA A 527 -9.38 -0.52 41.63
C ALA A 527 -7.94 -0.02 41.63
N ARG A 528 -7.70 1.07 40.89
CA ARG A 528 -6.37 1.68 40.86
C ARG A 528 -5.79 1.83 42.25
N LEU A 529 -6.63 2.10 43.25
CA LEU A 529 -6.13 2.26 44.61
C LEU A 529 -6.05 0.92 45.34
N TRP A 530 -7.06 0.06 45.14
CA TRP A 530 -7.42 -0.93 46.15
C TRP A 530 -6.22 -1.79 46.53
N LEU A 531 -5.76 -2.62 45.58
CA LEU A 531 -4.63 -3.50 45.86
C LEU A 531 -3.51 -2.74 46.52
N LEU A 532 -3.16 -1.59 45.93
CA LEU A 532 -2.09 -0.74 46.43
C LEU A 532 -2.18 -0.59 47.94
N GLY A 533 -3.32 -0.08 48.41
CA GLY A 533 -3.50 0.22 49.82
C GLY A 533 -3.03 -0.96 50.65
N LEU A 534 -3.57 -2.14 50.36
CA LEU A 534 -3.29 -3.31 51.19
C LEU A 534 -1.81 -3.59 51.34
N GLY A 535 -1.04 -3.51 50.25
CA GLY A 535 0.36 -3.89 50.29
C GLY A 535 1.08 -3.19 51.42
N PHE A 536 0.56 -2.02 51.81
CA PHE A 536 1.16 -1.24 52.88
C PHE A 536 1.48 -2.07 54.11
N SER A 537 0.53 -2.86 54.62
CA SER A 537 0.75 -3.53 55.89
C SER A 537 1.63 -4.77 55.75
N LEU A 538 2.07 -5.09 54.53
CA LEU A 538 2.60 -6.41 54.20
C LEU A 538 3.57 -6.95 55.25
N GLY A 539 4.67 -6.25 55.49
CA GLY A 539 5.74 -6.80 56.30
C GLY A 539 5.64 -6.47 57.78
N TYR A 540 4.50 -5.91 58.22
CA TYR A 540 4.40 -5.39 59.58
C TYR A 540 4.99 -6.32 60.64
N GLY A 541 4.45 -7.53 60.79
CA GLY A 541 4.87 -8.42 61.86
C GLY A 541 6.37 -8.66 61.88
N SER A 542 7.03 -8.68 60.72
CA SER A 542 8.45 -8.98 60.67
C SER A 542 9.30 -7.98 61.43
N MET A 543 8.75 -6.83 61.80
CA MET A 543 9.54 -5.74 62.38
C MET A 543 10.35 -6.21 63.59
N PHE A 544 9.77 -7.13 64.37
CA PHE A 544 10.42 -7.64 65.58
C PHE A 544 11.86 -8.06 65.29
N THR A 545 12.05 -8.67 64.12
CA THR A 545 13.36 -9.12 63.65
C THR A 545 14.46 -8.13 63.97
N LYS A 546 14.20 -6.84 63.75
CA LYS A 546 15.20 -5.81 64.00
C LYS A 546 15.72 -5.90 65.43
N ILE A 547 14.82 -5.72 66.39
CA ILE A 547 15.20 -5.96 67.77
C ILE A 547 15.74 -7.37 67.94
N TRP A 548 15.10 -8.35 67.26
CA TRP A 548 15.64 -9.70 67.26
C TRP A 548 17.04 -9.73 66.70
N TRP A 549 17.27 -8.99 65.61
CA TRP A 549 18.63 -8.77 65.17
C TRP A 549 19.45 -8.11 66.27
N VAL A 550 18.92 -7.04 66.84
CA VAL A 550 19.51 -6.49 68.06
C VAL A 550 19.61 -7.56 69.13
N HIS A 551 18.60 -8.43 69.21
CA HIS A 551 18.70 -9.57 70.10
C HIS A 551 19.67 -10.61 69.58
N THR A 552 19.70 -10.80 68.25
CA THR A 552 20.84 -11.48 67.67
C THR A 552 22.13 -10.82 68.11
N VAL A 553 22.12 -9.49 68.27
CA VAL A 553 23.22 -8.82 68.94
C VAL A 553 23.36 -9.31 70.38
N PHE A 554 22.24 -9.43 71.10
CA PHE A 554 22.28 -9.89 72.47
C PHE A 554 22.67 -11.35 72.53
N GLU A 568 14.18 1.85 73.80
CA GLU A 568 13.45 0.58 73.90
C GLU A 568 12.54 0.40 72.70
N PRO A 569 11.23 0.53 72.92
CA PRO A 569 10.27 0.42 71.83
C PRO A 569 10.56 1.44 70.73
N TRP A 570 11.27 2.52 71.06
CA TRP A 570 11.61 3.54 70.07
C TRP A 570 12.45 2.96 68.94
N LYS A 571 13.36 2.04 69.27
CA LYS A 571 14.24 1.48 68.25
C LYS A 571 13.47 0.74 67.18
N LEU A 572 12.78 -0.33 67.57
CA LEU A 572 12.01 -1.11 66.62
C LEU A 572 10.89 -0.27 66.02
N TYR A 573 10.38 0.70 66.78
CA TYR A 573 9.38 1.62 66.24
C TYR A 573 9.92 2.37 65.04
N ALA A 574 11.10 2.98 65.19
CA ALA A 574 11.74 3.67 64.08
C ALA A 574 12.05 2.71 62.95
N THR A 575 12.39 1.46 63.27
CA THR A 575 12.63 0.47 62.23
C THR A 575 11.40 0.27 61.35
N VAL A 576 10.26 -0.04 61.97
CA VAL A 576 9.04 -0.23 61.21
C VAL A 576 8.64 1.06 60.48
N GLY A 577 8.92 2.21 61.10
CA GLY A 577 8.65 3.48 60.43
C GLY A 577 9.45 3.60 59.15
N LEU A 578 10.73 3.19 59.19
CA LEU A 578 11.55 3.22 57.98
C LEU A 578 11.02 2.27 56.93
N LEU A 579 10.57 1.09 57.37
CA LEU A 579 9.90 0.18 56.44
C LEU A 579 8.74 0.87 55.74
N VAL A 580 7.85 1.49 56.53
CA VAL A 580 6.73 2.21 55.96
C VAL A 580 7.18 3.35 55.06
N GLY A 581 8.33 3.95 55.35
CA GLY A 581 8.82 5.04 54.52
C GLY A 581 9.24 4.54 53.15
N MET A 582 9.97 3.43 53.11
CA MET A 582 10.27 2.80 51.82
C MET A 582 8.98 2.48 51.09
N ASP A 583 7.98 1.98 51.84
CA ASP A 583 6.67 1.71 51.26
C ASP A 583 6.10 2.95 50.59
N VAL A 584 6.10 4.07 51.29
CA VAL A 584 5.53 5.30 50.75
C VAL A 584 6.32 5.80 49.54
N LEU A 585 7.64 5.63 49.56
CA LEU A 585 8.44 5.97 48.39
C LEU A 585 7.97 5.19 47.17
N THR A 586 7.84 3.87 47.31
CA THR A 586 7.35 3.08 46.20
C THR A 586 5.91 3.46 45.83
N LEU A 587 5.14 3.91 46.83
CA LEU A 587 3.76 4.31 46.55
C LEU A 587 3.72 5.54 45.67
N ALA A 588 4.61 6.49 45.92
CA ALA A 588 4.72 7.63 45.01
C ALA A 588 5.23 7.18 43.65
N ILE A 589 6.18 6.26 43.63
CA ILE A 589 6.64 5.69 42.36
C ILE A 589 5.47 5.12 41.58
N TRP A 590 4.50 4.53 42.29
CA TRP A 590 3.34 3.94 41.64
C TRP A 590 2.38 5.03 41.19
N GLN A 591 2.08 5.99 42.08
CA GLN A 591 1.28 7.15 41.71
C GLN A 591 1.79 7.75 40.42
N ILE A 592 3.11 7.76 40.23
CA ILE A 592 3.67 8.13 38.95
C ILE A 592 3.37 7.08 37.90
N VAL A 593 3.56 5.80 38.25
CA VAL A 593 3.43 4.68 37.33
C VAL A 593 1.98 4.22 37.19
N ASP A 594 1.03 5.13 37.40
CA ASP A 594 -0.38 4.76 37.57
C ASP A 594 -1.04 4.39 36.25
N PRO A 595 -2.37 4.36 36.24
CA PRO A 595 -3.18 3.86 35.13
C PRO A 595 -2.96 2.36 34.93
N LEU A 596 -3.33 1.57 35.94
CA LEU A 596 -3.12 0.12 35.93
C LEU A 596 -4.28 -0.62 35.26
N HIS A 597 -5.52 -0.28 35.60
CA HIS A 597 -6.64 -1.08 35.16
C HIS A 597 -6.78 -0.93 33.65
N ARG A 598 -5.95 -1.65 32.92
CA ARG A 598 -5.70 -1.39 31.51
C ARG A 598 -6.14 -2.56 30.64
N THR A 599 -5.78 -2.46 29.37
CA THR A 599 -6.26 -3.37 28.34
C THR A 599 -5.37 -4.60 28.25
N ILE A 600 -5.96 -5.69 27.78
CA ILE A 600 -5.33 -6.97 27.54
C ILE A 600 -6.43 -7.88 27.01
N GLU A 601 -6.05 -8.98 26.39
CA GLU A 601 -4.75 -9.22 25.80
C GLU A 601 -5.08 -9.75 24.44
N THR A 602 -4.24 -9.43 23.46
CA THR A 602 -4.54 -9.79 22.09
C THR A 602 -4.75 -11.30 21.96
N PHE A 603 -5.77 -11.66 21.19
CA PHE A 603 -6.03 -13.02 20.74
C PHE A 603 -7.21 -12.99 19.80
N ALA A 604 -7.37 -14.06 19.03
CA ALA A 604 -8.58 -14.24 18.25
C ALA A 604 -9.54 -15.14 19.03
N LYS A 605 -10.69 -15.41 18.42
CA LYS A 605 -11.62 -16.38 18.97
C LYS A 605 -12.36 -17.06 17.83
N GLU A 606 -13.21 -18.01 18.19
CA GLU A 606 -14.02 -18.73 17.23
C GLU A 606 -15.29 -17.95 16.92
N ILE A 616 -19.80 -15.05 12.26
CA ILE A 616 -19.50 -15.88 13.41
C ILE A 616 -18.04 -15.69 13.81
N LEU A 617 -17.48 -14.54 13.47
CA LEU A 617 -16.10 -14.21 13.78
C LEU A 617 -15.97 -14.05 15.28
N PRO A 618 -14.77 -14.32 15.80
CA PRO A 618 -14.53 -14.21 17.24
C PRO A 618 -13.14 -13.65 17.46
N GLN A 619 -13.04 -12.77 18.45
CA GLN A 619 -11.74 -12.31 18.90
C GLN A 619 -11.70 -12.49 20.40
N LEU A 620 -10.52 -12.28 20.96
CA LEU A 620 -10.31 -12.41 22.40
C LEU A 620 -9.34 -11.32 22.82
N GLU A 621 -9.88 -10.17 23.20
CA GLU A 621 -9.07 -9.18 23.89
C GLU A 621 -8.88 -9.68 25.31
N HIS A 622 -8.03 -10.69 25.42
CA HIS A 622 -8.08 -11.59 26.55
C HIS A 622 -7.80 -10.84 27.86
N CYS A 623 -8.89 -10.60 28.59
CA CYS A 623 -8.83 -10.12 29.97
C CYS A 623 -8.07 -8.78 30.09
N SER A 624 -8.66 -7.74 29.52
CA SER A 624 -8.20 -6.38 29.80
C SER A 624 -8.17 -6.16 31.31
N SER A 625 -7.00 -5.84 31.85
CA SER A 625 -6.87 -5.82 33.29
C SER A 625 -5.75 -4.93 33.79
N ARG A 626 -5.49 -4.99 35.10
CA ARG A 626 -4.46 -4.19 35.72
C ARG A 626 -3.16 -4.26 34.93
N LYS A 627 -2.70 -3.11 34.46
CA LYS A 627 -1.50 -3.02 33.63
C LYS A 627 -1.06 -1.57 33.61
N MET A 628 0.17 -1.31 34.06
CA MET A 628 0.74 0.04 34.06
C MET A 628 2.25 -0.05 33.91
N ASN A 629 2.94 1.04 34.21
CA ASN A 629 4.38 1.12 34.01
C ASN A 629 5.10 0.07 34.87
N THR A 630 5.93 -0.74 34.22
CA THR A 630 6.69 -1.78 34.91
C THR A 630 7.72 -1.23 35.82
N TRP A 631 7.87 0.10 35.81
CA TRP A 631 8.73 0.77 36.78
C TRP A 631 8.30 0.43 38.20
N LEU A 632 7.00 0.59 38.47
CA LEU A 632 6.48 0.15 39.76
C LEU A 632 6.70 -1.35 39.93
N GLY A 633 6.76 -2.10 38.83
CA GLY A 633 7.08 -3.52 38.93
C GLY A 633 8.47 -3.72 39.51
N ILE A 634 9.45 -2.99 38.99
CA ILE A 634 10.79 -3.04 39.56
C ILE A 634 10.78 -2.56 41.01
N PHE A 635 9.95 -1.56 41.30
CA PHE A 635 9.82 -1.10 42.68
C PHE A 635 9.38 -2.24 43.58
N TYR A 636 8.40 -3.03 43.13
CA TYR A 636 7.97 -4.19 43.88
C TYR A 636 9.09 -5.20 44.01
N GLY A 637 9.87 -5.39 42.94
CA GLY A 637 11.04 -6.26 43.02
C GLY A 637 11.96 -5.81 44.14
N TYR A 638 12.13 -4.50 44.29
CA TYR A 638 12.99 -3.96 45.33
C TYR A 638 12.41 -4.21 46.71
N LYS A 639 11.10 -4.02 46.85
CA LYS A 639 10.44 -4.37 48.09
C LYS A 639 10.72 -5.82 48.45
N GLY A 640 10.53 -6.71 47.49
CA GLY A 640 10.82 -8.13 47.72
C GLY A 640 12.28 -8.35 48.04
N LEU A 641 13.15 -7.50 47.51
CA LEU A 641 14.56 -7.58 47.85
C LEU A 641 14.77 -7.32 49.34
N LEU A 642 14.17 -6.24 49.82
CA LEU A 642 14.21 -5.97 51.26
C LEU A 642 13.67 -7.16 52.04
N LEU A 643 12.61 -7.78 51.52
CA LEU A 643 12.05 -8.96 52.16
C LEU A 643 13.10 -10.07 52.26
N LEU A 644 13.77 -10.35 51.15
CA LEU A 644 14.79 -11.38 51.14
C LEU A 644 15.92 -11.04 52.10
N LEU A 645 16.19 -9.74 52.26
CA LEU A 645 17.14 -9.31 53.27
C LEU A 645 16.71 -9.79 54.64
N GLY A 646 15.46 -9.49 55.00
CA GLY A 646 14.92 -10.00 56.25
C GLY A 646 15.03 -11.52 56.30
N ILE A 647 14.85 -12.18 55.16
CA ILE A 647 14.87 -13.63 55.12
C ILE A 647 16.23 -14.17 55.51
N PHE A 648 17.28 -13.62 54.92
CA PHE A 648 18.63 -14.01 55.30
C PHE A 648 18.90 -13.68 56.77
N LEU A 649 18.46 -12.51 57.22
CA LEU A 649 18.64 -12.15 58.63
C LEU A 649 18.04 -13.21 59.53
N ALA A 650 16.90 -13.76 59.13
CA ALA A 650 16.32 -14.88 59.85
C ALA A 650 17.20 -16.11 59.77
N TYR A 651 17.62 -16.47 58.55
CA TYR A 651 18.54 -17.58 58.36
C TYR A 651 19.71 -17.51 59.33
N GLU A 652 20.10 -16.30 59.73
CA GLU A 652 21.16 -16.16 60.73
C GLU A 652 20.75 -16.79 62.06
N THR A 653 19.73 -16.23 62.70
CA THR A 653 19.38 -16.66 64.04
C THR A 653 18.81 -18.08 64.05
N ASP A 663 10.85 -20.74 72.12
CA ASP A 663 10.02 -19.60 72.50
C ASP A 663 10.12 -18.53 71.43
N HIS A 664 10.67 -17.38 71.82
CA HIS A 664 11.06 -16.39 70.83
C HIS A 664 11.92 -17.02 69.74
N ARG A 665 12.74 -18.02 70.08
CA ARG A 665 13.42 -18.80 69.06
C ARG A 665 12.44 -19.64 68.26
N ALA A 666 11.51 -20.32 68.94
CA ALA A 666 10.46 -21.02 68.22
C ALA A 666 9.61 -20.04 67.43
N VAL A 667 9.39 -18.85 67.99
CA VAL A 667 8.72 -17.79 67.25
C VAL A 667 9.47 -17.49 65.97
N GLY A 668 10.80 -17.42 66.05
CA GLY A 668 11.59 -17.13 64.87
C GLY A 668 11.52 -18.27 63.87
N MET A 669 11.40 -19.50 64.35
CA MET A 669 11.23 -20.64 63.44
C MET A 669 9.92 -20.53 62.69
N ALA A 670 8.85 -20.20 63.42
CA ALA A 670 7.59 -19.89 62.76
C ALA A 670 7.77 -18.79 61.73
N ILE A 671 8.50 -17.74 62.09
CA ILE A 671 8.75 -16.66 61.15
C ILE A 671 9.56 -17.13 59.96
N TYR A 672 10.39 -18.15 60.15
CA TYR A 672 11.15 -18.71 59.04
C TYR A 672 10.21 -19.39 58.07
N ASN A 673 9.34 -20.24 58.60
CA ASN A 673 8.28 -20.81 57.76
C ASN A 673 7.49 -19.70 57.07
N VAL A 674 7.25 -18.60 57.78
CA VAL A 674 6.50 -17.48 57.22
C VAL A 674 7.24 -16.85 56.04
N ALA A 675 8.54 -16.59 56.22
CA ALA A 675 9.33 -16.07 55.13
C ALA A 675 9.35 -17.05 53.96
N VAL A 676 9.29 -18.34 54.25
CA VAL A 676 9.18 -19.32 53.18
C VAL A 676 7.89 -19.12 52.39
N LEU A 677 6.78 -18.94 53.11
CA LEU A 677 5.53 -18.62 52.44
C LEU A 677 5.65 -17.35 51.62
N CYS A 678 6.34 -16.35 52.16
CA CYS A 678 6.53 -15.10 51.43
C CYS A 678 7.29 -15.35 50.14
N LEU A 679 8.34 -16.17 50.21
CA LEU A 679 9.08 -16.59 49.03
C LEU A 679 8.18 -17.27 48.02
N ILE A 680 7.30 -18.16 48.48
CA ILE A 680 6.30 -18.72 47.59
C ILE A 680 5.48 -17.65 46.90
N THR A 681 4.97 -16.69 47.68
CA THR A 681 4.19 -15.59 47.12
C THR A 681 5.00 -14.83 46.06
N ALA A 682 6.31 -14.74 46.27
CA ALA A 682 7.17 -14.07 45.32
C ALA A 682 7.07 -14.71 43.94
N PRO A 683 6.88 -16.03 43.90
CA PRO A 683 6.75 -16.70 42.61
C PRO A 683 5.44 -16.32 41.93
N VAL A 684 4.33 -16.34 42.67
CA VAL A 684 3.07 -15.88 42.11
C VAL A 684 3.20 -14.47 41.57
N THR A 685 3.91 -13.61 42.31
CA THR A 685 4.28 -12.32 41.76
C THR A 685 4.98 -12.50 40.41
N MET A 686 6.09 -13.24 40.41
CA MET A 686 6.78 -13.61 39.18
C MET A 686 5.89 -14.35 38.21
N ILE A 687 4.80 -14.95 38.68
CA ILE A 687 3.80 -15.53 37.80
C ILE A 687 2.88 -14.47 37.22
N LEU A 688 3.31 -13.21 37.28
CA LEU A 688 2.60 -12.09 36.69
C LEU A 688 2.21 -12.39 35.25
N SER A 689 3.01 -13.21 34.57
CA SER A 689 2.62 -13.76 33.28
C SER A 689 1.17 -14.19 33.34
N SER A 690 0.85 -15.01 34.35
CA SER A 690 -0.51 -15.37 34.70
C SER A 690 -1.33 -15.66 33.45
N GLN A 691 -0.80 -16.57 32.64
CA GLN A 691 -1.47 -17.01 31.43
C GLN A 691 -2.93 -17.32 31.75
N GLN A 692 -3.14 -18.28 32.63
CA GLN A 692 -4.46 -18.55 33.18
C GLN A 692 -4.61 -17.70 34.41
N ASP A 693 -4.44 -16.38 34.24
CA ASP A 693 -4.81 -15.46 35.31
C ASP A 693 -6.21 -15.72 35.80
N ALA A 694 -7.11 -16.09 34.90
CA ALA A 694 -8.45 -16.54 35.25
C ALA A 694 -8.41 -17.77 36.14
N ALA A 695 -7.24 -18.36 36.34
CA ALA A 695 -7.08 -19.49 37.25
C ALA A 695 -5.80 -19.41 38.09
N PHE A 696 -5.20 -18.23 38.25
CA PHE A 696 -3.86 -18.13 38.80
C PHE A 696 -3.81 -17.59 40.22
N ALA A 697 -4.40 -16.43 40.47
CA ALA A 697 -4.04 -15.60 41.61
C ALA A 697 -4.45 -16.24 42.93
N PHE A 698 -4.13 -15.55 44.02
CA PHE A 698 -4.70 -15.69 45.36
C PHE A 698 -4.19 -16.87 46.17
N ALA A 699 -3.36 -17.75 45.60
CA ALA A 699 -2.78 -18.81 46.42
C ALA A 699 -2.04 -18.22 47.61
N SER A 700 -1.33 -17.12 47.40
CA SER A 700 -0.59 -16.48 48.47
C SER A 700 -1.50 -15.98 49.58
N LEU A 701 -2.76 -15.69 49.27
CA LEU A 701 -3.68 -15.30 50.32
C LEU A 701 -3.85 -16.44 51.32
N ALA A 702 -4.05 -17.65 50.81
CA ALA A 702 -4.11 -18.82 51.67
C ALA A 702 -2.77 -19.04 52.37
N ILE A 703 -1.68 -18.72 51.68
CA ILE A 703 -0.38 -18.77 52.35
C ILE A 703 -0.40 -17.90 53.59
N VAL A 704 -0.76 -16.63 53.43
CA VAL A 704 -0.89 -15.71 54.55
C VAL A 704 -1.84 -16.23 55.60
N PHE A 705 -2.91 -16.87 55.17
CA PHE A 705 -3.83 -17.49 56.12
C PHE A 705 -3.10 -18.47 57.01
N SER A 706 -2.46 -19.48 56.40
CA SER A 706 -1.74 -20.48 57.17
C SER A 706 -0.64 -19.83 58.00
N SER A 707 -0.09 -18.73 57.51
CA SER A 707 0.96 -18.04 58.25
C SER A 707 0.42 -17.48 59.54
N TYR A 708 -0.61 -16.62 59.45
CA TYR A 708 -1.26 -16.12 60.63
C TYR A 708 -1.75 -17.25 61.52
N ILE A 709 -2.10 -18.39 60.89
CA ILE A 709 -2.50 -19.55 61.65
C ILE A 709 -1.39 -20.03 62.56
N THR A 710 -0.20 -20.26 62.00
CA THR A 710 0.93 -20.63 62.82
C THR A 710 1.22 -19.58 63.87
N LEU A 711 1.05 -18.30 63.50
CA LEU A 711 1.29 -17.22 64.44
C LEU A 711 0.40 -17.36 65.67
N VAL A 712 -0.90 -17.51 65.46
CA VAL A 712 -1.81 -17.69 66.57
C VAL A 712 -1.55 -18.99 67.30
N VAL A 713 -1.17 -20.04 66.57
CA VAL A 713 -0.82 -21.29 67.21
C VAL A 713 0.27 -21.10 68.24
N LEU A 714 1.30 -20.34 67.89
CA LEU A 714 2.29 -19.95 68.88
C LEU A 714 1.66 -19.13 69.99
N PHE A 715 0.93 -18.07 69.61
CA PHE A 715 0.46 -17.11 70.61
C PHE A 715 -0.58 -17.70 71.55
N VAL A 716 -1.04 -18.91 71.28
CA VAL A 716 -2.20 -19.39 72.04
C VAL A 716 -1.91 -20.04 73.38
N PRO A 717 -1.39 -21.27 73.38
CA PRO A 717 -1.66 -22.14 74.52
C PRO A 717 -0.59 -22.02 75.60
N LYS A 718 0.65 -22.37 75.25
CA LYS A 718 1.74 -22.15 76.20
C LYS A 718 1.95 -20.66 76.43
N MET A 719 1.53 -19.84 75.46
CA MET A 719 1.62 -18.40 75.63
C MET A 719 0.65 -17.92 76.69
N ARG A 720 -0.57 -18.46 76.69
CA ARG A 720 -1.48 -18.19 77.80
C ARG A 720 -0.89 -18.69 79.10
N ARG A 721 -0.46 -19.94 79.12
CA ARG A 721 0.21 -20.51 80.29
C ARG A 721 1.31 -19.62 80.83
N LEU A 722 2.06 -18.95 79.94
CA LEU A 722 3.15 -18.11 80.40
C LEU A 722 2.66 -16.74 80.83
N ILE A 723 2.08 -15.98 79.90
CA ILE A 723 1.71 -14.59 80.15
C ILE A 723 0.52 -14.46 81.08
N THR A 724 -0.61 -15.08 80.72
CA THR A 724 -1.83 -14.86 81.48
C THR A 724 -2.05 -15.96 82.51
N ARG A 725 -2.19 -17.21 82.06
CA ARG A 725 -2.52 -18.32 82.95
C ARG A 725 -2.33 -19.65 82.26
N SER B 53 -0.68 24.72 -66.52
CA SER B 53 0.00 23.64 -65.82
C SER B 53 -1.00 22.82 -65.03
N PRO B 54 -0.89 21.50 -65.11
CA PRO B 54 -1.82 20.63 -64.41
C PRO B 54 -1.76 20.94 -62.93
N PRO B 55 -2.81 21.56 -62.42
CA PRO B 55 -2.83 21.95 -61.03
C PRO B 55 -2.78 20.71 -60.14
N LEU B 56 -2.49 20.95 -58.87
CA LEU B 56 -2.40 19.90 -57.87
C LEU B 56 -3.22 20.34 -56.66
N SER B 57 -4.52 20.10 -56.71
CA SER B 57 -5.39 20.41 -55.59
C SER B 57 -4.96 19.54 -54.43
N ILE B 58 -4.38 20.15 -53.41
CA ILE B 58 -3.79 19.41 -52.33
C ILE B 58 -4.66 19.58 -51.11
N MET B 59 -4.79 18.52 -50.32
CA MET B 59 -5.57 18.66 -49.11
C MET B 59 -4.79 19.49 -48.11
N GLY B 60 -4.53 20.74 -48.49
CA GLY B 60 -3.71 21.66 -47.73
C GLY B 60 -4.67 22.37 -46.80
N LEU B 61 -5.04 21.70 -45.72
CA LEU B 61 -5.93 22.27 -44.74
C LEU B 61 -5.58 21.64 -43.41
N MET B 62 -5.49 22.47 -42.38
CA MET B 62 -5.16 22.01 -41.05
C MET B 62 -5.52 23.11 -40.08
N PRO B 63 -5.57 22.77 -38.81
CA PRO B 63 -6.01 23.73 -37.81
C PRO B 63 -4.96 24.81 -37.68
N LEU B 64 -5.18 25.93 -38.37
CA LEU B 64 -4.13 26.91 -38.44
C LEU B 64 -4.57 28.33 -38.13
N THR B 65 -5.73 28.53 -37.52
CA THR B 65 -6.16 29.86 -37.15
C THR B 65 -5.14 30.53 -36.24
N LYS B 66 -5.17 31.87 -36.23
CA LYS B 66 -4.47 32.60 -35.18
C LYS B 66 -4.88 32.10 -33.81
N GLU B 67 -6.17 31.86 -33.62
CA GLU B 67 -6.64 31.24 -32.38
C GLU B 67 -6.01 29.86 -32.19
N VAL B 68 -5.92 29.08 -33.27
CA VAL B 68 -5.26 27.78 -33.19
C VAL B 68 -3.85 27.96 -32.66
N ALA B 69 -3.59 27.40 -31.48
CA ALA B 69 -2.46 27.84 -30.67
C ALA B 69 -1.15 27.78 -31.44
N LYS B 70 -0.70 26.58 -31.78
CA LYS B 70 0.42 26.49 -32.70
C LYS B 70 -0.06 26.63 -34.14
N GLY B 71 -1.37 26.52 -34.35
CA GLY B 71 -1.92 26.64 -35.69
C GLY B 71 -1.61 28.01 -36.28
N SER B 72 -1.65 29.05 -35.44
CA SER B 72 -1.09 30.33 -35.84
C SER B 72 0.34 30.14 -36.33
N ILE B 73 1.21 29.64 -35.46
CA ILE B 73 2.56 29.29 -35.88
C ILE B 73 2.55 28.28 -37.01
N GLY B 74 1.47 27.52 -37.15
CA GLY B 74 1.31 26.66 -38.31
C GLY B 74 1.32 27.49 -39.59
N ARG B 75 0.49 28.52 -39.64
CA ARG B 75 0.62 29.50 -40.71
C ARG B 75 2.02 30.07 -40.73
N GLY B 76 2.62 30.25 -39.55
CA GLY B 76 4.00 30.71 -39.46
C GLY B 76 4.97 29.76 -40.15
N VAL B 77 4.61 28.48 -40.27
CA VAL B 77 5.38 27.56 -41.07
C VAL B 77 4.79 27.39 -42.45
N LEU B 78 3.51 27.75 -42.64
CA LEU B 78 2.90 27.70 -43.95
C LEU B 78 3.73 28.46 -44.96
N PRO B 79 3.91 29.76 -44.72
CA PRO B 79 4.70 30.60 -45.60
C PRO B 79 6.01 29.91 -45.98
N ALA B 80 6.73 29.45 -44.95
CA ALA B 80 7.97 28.71 -45.20
C ALA B 80 7.74 27.55 -46.14
N VAL B 81 6.84 26.64 -45.78
CA VAL B 81 6.45 25.60 -46.70
C VAL B 81 6.00 26.20 -48.02
N GLU B 82 5.18 27.24 -47.95
CA GLU B 82 4.85 28.01 -49.15
C GLU B 82 6.12 28.47 -49.85
N LEU B 83 7.00 29.12 -49.11
CA LEU B 83 8.34 29.39 -49.61
C LEU B 83 8.96 28.12 -50.19
N ALA B 84 8.97 27.05 -49.40
CA ALA B 84 9.38 25.75 -49.94
C ALA B 84 8.61 25.45 -51.22
N ILE B 85 7.28 25.54 -51.14
CA ILE B 85 6.45 25.48 -52.35
C ILE B 85 6.95 26.47 -53.38
N GLU B 86 7.06 27.74 -53.00
CA GLU B 86 7.67 28.72 -53.88
C GLU B 86 9.00 28.23 -54.38
N GLN B 87 9.84 27.74 -53.47
CA GLN B 87 11.07 27.07 -53.87
C GLN B 87 10.77 26.00 -54.89
N ILE B 88 9.91 25.04 -54.52
CA ILE B 88 9.42 24.08 -55.49
C ILE B 88 8.84 24.76 -56.71
N ARG B 89 8.07 25.83 -56.50
CA ARG B 89 7.62 26.63 -57.65
C ARG B 89 8.81 27.24 -58.36
N ASN B 90 9.71 27.87 -57.61
CA ASN B 90 10.99 28.27 -58.19
C ASN B 90 11.66 27.09 -58.86
N GLU B 91 11.70 25.95 -58.17
CA GLU B 91 12.11 24.72 -58.84
C GLU B 91 11.20 24.42 -60.02
N SER B 92 9.90 24.66 -59.87
CA SER B 92 8.91 24.23 -60.86
C SER B 92 9.18 22.77 -61.24
N LEU B 93 9.64 22.00 -60.26
CA LEU B 93 10.30 20.73 -60.49
C LEU B 93 9.45 19.76 -61.29
N LEU B 94 8.25 19.45 -60.80
CA LEU B 94 7.42 18.41 -61.37
C LEU B 94 6.31 18.95 -62.25
N ARG B 95 6.57 20.02 -63.00
CA ARG B 95 5.64 20.49 -64.00
C ARG B 95 5.15 19.31 -64.85
N PRO B 96 3.90 19.37 -65.30
CA PRO B 96 3.03 20.55 -65.22
C PRO B 96 2.25 20.66 -63.92
N TYR B 97 2.73 20.06 -62.84
CA TYR B 97 2.08 20.26 -61.57
C TYR B 97 2.00 21.75 -61.25
N PHE B 98 0.77 22.27 -61.24
CA PHE B 98 0.53 23.62 -60.78
C PHE B 98 -0.10 23.51 -59.40
N LEU B 99 0.75 23.46 -58.38
CA LEU B 99 0.31 22.97 -57.08
C LEU B 99 -0.75 23.89 -56.49
N ASP B 100 -2.00 23.48 -56.62
CA ASP B 100 -3.14 24.23 -56.08
C ASP B 100 -3.52 23.58 -54.77
N LEU B 101 -2.82 23.96 -53.70
CA LEU B 101 -3.13 23.41 -52.39
C LEU B 101 -4.45 23.97 -51.92
N ARG B 102 -5.50 23.17 -52.04
CA ARG B 102 -6.80 23.54 -51.52
C ARG B 102 -6.63 23.71 -50.02
N LEU B 103 -6.60 24.96 -49.60
CA LEU B 103 -6.02 25.34 -48.33
C LEU B 103 -7.11 25.82 -47.41
N TYR B 104 -7.04 25.38 -46.16
CA TYR B 104 -8.04 25.76 -45.17
C TYR B 104 -7.43 25.62 -43.79
N ASP B 105 -7.06 26.76 -43.21
CA ASP B 105 -6.74 26.75 -41.79
C ASP B 105 -7.93 26.24 -41.03
N THR B 106 -7.83 25.02 -40.51
CA THR B 106 -9.00 24.38 -39.93
C THR B 106 -9.39 24.95 -38.58
N GLU B 107 -8.56 25.79 -37.97
CA GLU B 107 -8.94 26.56 -36.80
C GLU B 107 -9.29 25.69 -35.60
N CYS B 108 -9.14 24.38 -35.74
CA CYS B 108 -9.09 23.43 -34.63
C CYS B 108 -10.44 23.17 -33.97
N ASP B 109 -11.48 23.90 -34.31
CA ASP B 109 -12.77 23.58 -33.73
C ASP B 109 -13.25 22.26 -34.30
N ASN B 110 -13.36 21.26 -33.42
CA ASN B 110 -13.72 19.92 -33.87
C ASN B 110 -14.88 19.97 -34.85
N ALA B 111 -15.91 20.75 -34.52
CA ALA B 111 -17.03 20.88 -35.45
C ALA B 111 -16.62 21.68 -36.66
N LYS B 112 -15.73 22.66 -36.47
CA LYS B 112 -15.26 23.40 -37.64
C LYS B 112 -14.59 22.42 -38.57
N GLY B 113 -13.72 21.57 -38.02
CA GLY B 113 -13.09 20.57 -38.85
C GLY B 113 -14.13 19.64 -39.46
N LEU B 114 -15.20 19.36 -38.74
CA LEU B 114 -16.25 18.53 -39.30
C LEU B 114 -16.77 19.15 -40.58
N LYS B 115 -17.36 20.32 -40.45
CA LYS B 115 -17.83 21.05 -41.62
C LYS B 115 -16.73 21.25 -42.64
N ALA B 116 -15.49 21.31 -42.20
CA ALA B 116 -14.40 21.39 -43.14
C ALA B 116 -14.40 20.16 -44.02
N PHE B 117 -14.14 19.01 -43.41
CA PHE B 117 -14.25 17.73 -44.10
C PHE B 117 -15.45 17.72 -45.01
N TYR B 118 -16.55 18.24 -44.50
CA TYR B 118 -17.79 18.29 -45.27
C TYR B 118 -17.57 19.05 -46.56
N ASP B 119 -17.23 20.33 -46.46
CA ASP B 119 -17.07 21.14 -47.65
C ASP B 119 -15.91 20.65 -48.49
N ALA B 120 -14.81 20.31 -47.85
CA ALA B 120 -13.72 19.61 -48.49
C ALA B 120 -14.25 18.58 -49.46
N ILE B 121 -15.17 17.75 -49.01
CA ILE B 121 -15.79 16.83 -49.95
C ILE B 121 -16.66 17.58 -50.94
N LYS B 122 -17.74 18.19 -50.45
CA LYS B 122 -18.78 18.71 -51.31
C LYS B 122 -18.30 19.86 -52.18
N TYR B 123 -18.03 20.98 -51.55
CA TYR B 123 -17.45 22.12 -52.24
C TYR B 123 -16.00 21.89 -52.61
N GLY B 124 -15.23 21.25 -51.74
CA GLY B 124 -13.80 21.15 -51.96
C GLY B 124 -13.50 20.35 -53.23
N PRO B 125 -12.47 20.78 -53.94
CA PRO B 125 -12.07 20.15 -55.19
C PRO B 125 -11.22 18.92 -54.92
N ASN B 126 -10.59 18.38 -55.96
CA ASN B 126 -9.87 17.11 -55.90
C ASN B 126 -8.52 17.32 -55.22
N HIS B 127 -8.57 17.63 -53.92
CA HIS B 127 -7.36 17.83 -53.15
C HIS B 127 -6.64 16.49 -52.95
N LEU B 128 -5.50 16.56 -52.26
CA LEU B 128 -4.58 15.43 -52.30
C LEU B 128 -4.41 14.65 -51.01
N MET B 129 -3.95 15.26 -49.92
CA MET B 129 -3.57 14.42 -48.78
C MET B 129 -3.32 15.27 -47.56
N VAL B 130 -3.01 14.59 -46.47
CA VAL B 130 -3.25 15.07 -45.12
C VAL B 130 -2.27 16.16 -44.72
N PHE B 131 -2.68 17.41 -44.94
CA PHE B 131 -2.05 18.51 -44.24
C PHE B 131 -2.45 18.38 -42.79
N GLY B 132 -1.58 17.81 -41.97
CA GLY B 132 -2.06 17.27 -40.71
C GLY B 132 -1.02 17.24 -39.61
N GLY B 133 -1.31 16.45 -38.57
CA GLY B 133 -0.58 16.47 -37.32
C GLY B 133 -0.94 17.72 -36.53
N VAL B 134 -2.22 18.07 -36.54
CA VAL B 134 -2.66 19.30 -35.88
C VAL B 134 -3.57 19.06 -34.67
N CYS B 135 -4.69 18.38 -34.88
CA CYS B 135 -5.74 18.35 -33.88
C CYS B 135 -6.12 16.91 -33.56
N PRO B 136 -5.53 16.39 -32.48
CA PRO B 136 -5.71 14.98 -32.13
C PRO B 136 -7.16 14.54 -32.25
N SER B 137 -8.10 15.38 -31.82
CA SER B 137 -9.49 15.01 -31.95
C SER B 137 -9.84 14.85 -33.42
N VAL B 138 -9.73 15.94 -34.15
CA VAL B 138 -9.99 15.83 -35.57
C VAL B 138 -8.94 14.99 -36.25
N THR B 139 -7.80 14.79 -35.61
CA THR B 139 -6.86 13.84 -36.15
C THR B 139 -7.62 12.53 -36.25
N SER B 140 -8.07 12.05 -35.10
CA SER B 140 -8.85 10.84 -35.03
C SER B 140 -9.96 10.88 -36.06
N ILE B 141 -10.55 12.05 -36.22
CA ILE B 141 -11.55 12.20 -37.27
C ILE B 141 -10.98 11.73 -38.59
N ILE B 142 -9.84 12.29 -38.95
CA ILE B 142 -9.17 11.86 -40.15
C ILE B 142 -8.82 10.39 -40.07
N ALA B 143 -8.52 9.92 -38.87
CA ALA B 143 -8.06 8.56 -38.69
C ALA B 143 -9.17 7.67 -39.19
N GLU B 144 -10.37 8.04 -38.81
CA GLU B 144 -11.56 7.43 -39.37
C GLU B 144 -11.68 7.67 -40.86
N SER B 145 -11.32 8.86 -41.31
CA SER B 145 -11.44 9.23 -42.72
C SER B 145 -10.47 8.48 -43.61
N LEU B 146 -9.58 7.72 -43.00
CA LEU B 146 -8.39 7.15 -43.65
C LEU B 146 -8.68 6.64 -45.05
N GLN B 147 -9.61 5.70 -45.20
CA GLN B 147 -9.95 5.27 -46.54
C GLN B 147 -11.23 5.94 -47.02
N GLY B 148 -11.62 7.04 -46.42
CA GLY B 148 -12.98 7.55 -46.56
C GLY B 148 -13.41 7.80 -48.00
N TRP B 149 -12.84 8.78 -48.67
CA TRP B 149 -13.20 9.05 -50.05
C TRP B 149 -12.51 8.06 -50.97
N ASN B 150 -12.71 6.78 -50.71
CA ASN B 150 -11.70 5.77 -51.03
C ASN B 150 -10.35 6.28 -50.55
N LEU B 151 -10.40 7.06 -49.48
CA LEU B 151 -9.36 8.02 -49.15
C LEU B 151 -8.09 7.29 -48.75
N VAL B 152 -7.01 8.05 -48.66
CA VAL B 152 -5.79 7.69 -47.95
C VAL B 152 -4.86 8.90 -47.97
N GLN B 153 -4.11 9.07 -46.89
CA GLN B 153 -3.20 10.20 -46.79
C GLN B 153 -2.26 10.00 -45.63
N LEU B 154 -1.53 11.05 -45.30
CA LEU B 154 -0.59 11.00 -44.19
C LEU B 154 -0.34 12.41 -43.72
N SER B 155 -0.36 12.60 -42.43
CA SER B 155 0.37 13.68 -41.81
C SER B 155 1.74 13.12 -41.52
N PHE B 156 2.54 13.87 -40.75
CA PHE B 156 3.74 13.28 -40.20
C PHE B 156 4.10 13.82 -38.82
N ALA B 157 3.29 14.71 -38.27
CA ALA B 157 3.76 15.55 -37.18
C ALA B 157 3.59 14.92 -35.81
N ALA B 158 2.38 14.54 -35.44
CA ALA B 158 2.04 14.32 -34.04
C ALA B 158 2.64 13.01 -33.54
N THR B 159 3.26 13.07 -32.37
CA THR B 159 3.76 11.88 -31.68
C THR B 159 2.65 11.00 -31.17
N THR B 160 1.40 11.34 -31.41
CA THR B 160 0.33 10.68 -30.69
C THR B 160 0.23 9.24 -31.14
N PRO B 161 0.92 8.36 -30.42
CA PRO B 161 0.89 6.95 -30.74
C PRO B 161 -0.51 6.38 -30.65
N VAL B 162 -1.49 7.21 -30.31
CA VAL B 162 -2.81 6.99 -30.87
C VAL B 162 -2.70 6.68 -32.35
N LEU B 163 -1.81 7.38 -33.05
CA LEU B 163 -1.48 7.07 -34.44
C LEU B 163 -1.24 5.59 -34.65
N ALA B 164 -0.85 4.87 -33.61
CA ALA B 164 -0.55 3.46 -33.68
C ALA B 164 -1.69 2.63 -34.28
N ASP B 165 -2.84 3.24 -34.57
CA ASP B 165 -3.98 2.45 -35.00
C ASP B 165 -3.76 1.94 -36.42
N LYS B 166 -2.71 1.14 -36.61
CA LYS B 166 -2.37 0.59 -37.92
C LYS B 166 -3.60 -0.01 -38.57
N LYS B 167 -4.55 -0.46 -37.76
CA LYS B 167 -5.86 -0.72 -38.30
C LYS B 167 -6.42 0.52 -38.98
N LYS B 168 -6.63 1.59 -38.22
CA LYS B 168 -7.01 2.85 -38.86
C LYS B 168 -5.84 3.44 -39.62
N TYR B 169 -4.63 3.34 -39.07
CA TYR B 169 -3.43 3.84 -39.71
C TYR B 169 -3.05 2.91 -40.84
N PRO B 170 -3.94 1.97 -41.16
CA PRO B 170 -3.81 1.31 -42.44
C PRO B 170 -3.92 2.31 -43.58
N TYR B 171 -5.04 3.02 -43.68
CA TYR B 171 -5.24 3.93 -44.80
C TYR B 171 -4.76 5.34 -44.50
N PHE B 172 -3.78 5.49 -43.61
CA PHE B 172 -3.19 6.80 -43.32
C PHE B 172 -1.83 6.61 -42.68
N PHE B 173 -1.03 7.66 -42.72
CA PHE B 173 0.34 7.54 -42.25
C PHE B 173 0.82 8.83 -41.61
N ARG B 174 1.99 8.74 -40.99
CA ARG B 174 2.65 9.86 -40.33
C ARG B 174 4.04 9.41 -39.89
N THR B 175 4.93 10.37 -39.63
CA THR B 175 6.33 10.05 -39.40
C THR B 175 6.86 10.41 -38.02
N VAL B 176 6.72 11.66 -37.59
CA VAL B 176 7.23 12.04 -36.28
C VAL B 176 6.26 11.56 -35.22
N PRO B 177 6.67 10.54 -34.45
CA PRO B 177 5.74 9.85 -33.56
C PRO B 177 6.28 9.78 -32.14
N SER B 178 5.60 8.99 -31.30
CA SER B 178 5.88 8.92 -29.88
C SER B 178 7.32 8.45 -29.61
N ASP B 179 7.99 9.20 -28.74
CA ASP B 179 9.39 8.90 -28.46
C ASP B 179 9.54 7.87 -27.37
N ASN B 180 8.57 6.97 -27.23
CA ASN B 180 8.76 5.84 -26.34
C ASN B 180 10.07 5.15 -26.63
N ALA B 181 10.48 5.13 -27.89
CA ALA B 181 11.74 4.51 -28.26
C ALA B 181 12.91 5.10 -27.49
N VAL B 182 12.79 6.36 -27.08
CA VAL B 182 13.80 7.00 -26.25
C VAL B 182 14.26 6.08 -25.13
N ASN B 183 13.38 5.18 -24.69
CA ASN B 183 13.79 4.04 -23.91
C ASN B 183 15.11 3.49 -24.41
N PRO B 184 15.22 3.27 -25.72
CA PRO B 184 16.46 2.78 -26.28
C PRO B 184 17.60 3.74 -26.01
N ALA B 185 17.40 5.00 -26.32
CA ALA B 185 18.32 6.02 -25.84
C ALA B 185 18.49 5.89 -24.34
N ILE B 186 17.37 5.78 -23.63
CA ILE B 186 17.44 5.47 -22.22
C ILE B 186 18.23 4.19 -21.99
N LEU B 187 17.94 3.17 -22.80
CA LEU B 187 18.80 1.99 -22.81
C LEU B 187 20.25 2.39 -23.07
N LYS B 188 20.48 3.19 -24.10
CA LYS B 188 21.77 3.83 -24.27
C LYS B 188 22.21 4.46 -22.96
N LEU B 189 21.33 5.25 -22.36
CA LEU B 189 21.57 5.71 -21.00
C LEU B 189 21.81 4.55 -20.06
N LEU B 190 20.87 3.61 -20.00
CA LEU B 190 21.12 2.38 -19.26
C LEU B 190 22.52 1.87 -19.55
N LYS B 191 22.95 1.96 -20.81
CA LYS B 191 24.36 1.83 -21.11
C LYS B 191 25.15 3.02 -20.57
N HIS B 192 24.98 4.19 -21.17
CA HIS B 192 25.75 5.36 -20.77
C HIS B 192 25.51 5.74 -19.32
N TYR B 193 24.29 6.15 -18.99
CA TYR B 193 23.94 6.38 -17.61
C TYR B 193 24.00 5.12 -16.78
N GLN B 194 24.33 3.99 -17.40
CA GLN B 194 24.77 2.81 -16.68
C GLN B 194 23.81 2.46 -15.55
N TRP B 195 22.55 2.30 -15.88
CA TRP B 195 21.55 1.89 -14.91
C TRP B 195 20.82 0.67 -15.46
N LYS B 196 20.32 -0.18 -14.56
CA LYS B 196 19.49 -1.30 -14.99
C LYS B 196 18.34 -1.55 -14.04
N ARG B 197 18.19 -0.76 -12.98
CA ARG B 197 17.18 -0.99 -11.96
C ARG B 197 16.52 0.34 -11.64
N VAL B 198 15.48 0.69 -12.38
CA VAL B 198 14.89 2.00 -12.21
C VAL B 198 13.37 1.91 -12.18
N GLY B 199 12.75 2.91 -11.56
CA GLY B 199 11.30 3.04 -11.49
C GLY B 199 10.92 4.44 -11.94
N THR B 200 9.65 4.62 -12.31
CA THR B 200 9.16 5.90 -12.73
C THR B 200 7.66 6.02 -12.47
N LEU B 201 7.16 7.24 -12.64
CA LEU B 201 5.75 7.55 -12.43
C LEU B 201 5.34 8.60 -13.44
N THR B 202 4.06 8.90 -13.49
CA THR B 202 3.56 9.92 -14.40
C THR B 202 2.24 10.47 -13.89
N GLN B 203 2.02 11.76 -14.11
CA GLN B 203 0.67 12.28 -14.05
C GLN B 203 -0.04 11.84 -15.31
N ASP B 204 -0.76 10.72 -15.20
CA ASP B 204 -1.21 9.98 -16.37
C ASP B 204 -2.34 10.68 -17.11
N VAL B 205 -2.04 11.83 -17.71
CA VAL B 205 -2.94 12.46 -18.66
C VAL B 205 -3.36 11.41 -19.66
N GLN B 206 -4.60 11.43 -20.10
CA GLN B 206 -5.05 10.44 -21.08
C GLN B 206 -3.99 10.25 -22.15
N ARG B 207 -3.33 11.35 -22.54
CA ARG B 207 -2.06 11.22 -23.25
C ARG B 207 -1.00 10.58 -22.39
N PHE B 208 -0.60 11.23 -21.30
CA PHE B 208 0.40 10.67 -20.41
C PHE B 208 -0.02 9.32 -19.85
N SER B 209 -1.32 9.07 -19.71
CA SER B 209 -1.77 7.71 -19.48
C SER B 209 -1.41 6.82 -20.65
N GLU B 210 -1.84 7.22 -21.85
CA GLU B 210 -1.42 6.51 -23.05
C GLU B 210 0.09 6.48 -23.15
N VAL B 211 0.74 7.56 -22.70
CA VAL B 211 2.19 7.56 -22.69
C VAL B 211 2.73 6.45 -21.81
N ARG B 212 2.13 6.25 -20.65
CA ARG B 212 2.58 5.18 -19.76
C ARG B 212 2.27 3.84 -20.36
N ASN B 213 1.18 3.76 -21.11
CA ASN B 213 0.94 2.57 -21.89
C ASN B 213 2.12 2.32 -22.80
N ASP B 214 2.54 3.37 -23.50
CA ASP B 214 3.73 3.27 -24.35
C ASP B 214 4.94 2.91 -23.52
N LEU B 215 4.95 3.34 -22.27
CA LEU B 215 6.06 3.00 -21.40
C LEU B 215 6.09 1.52 -21.12
N THR B 216 4.95 0.98 -20.72
CA THR B 216 4.79 -0.46 -20.65
C THR B 216 5.27 -1.11 -21.93
N GLY B 217 4.89 -0.54 -23.06
CA GLY B 217 5.38 -1.03 -24.33
C GLY B 217 6.89 -1.07 -24.33
N VAL B 218 7.53 0.04 -23.99
CA VAL B 218 8.97 0.10 -23.89
C VAL B 218 9.50 -0.98 -22.96
N LEU B 219 8.72 -1.35 -21.94
CA LEU B 219 9.15 -2.41 -21.05
C LEU B 219 9.28 -3.73 -21.77
N TYR B 220 8.84 -3.79 -23.03
CA TYR B 220 9.13 -4.93 -23.88
C TYR B 220 10.63 -5.12 -23.90
N GLY B 221 11.06 -6.37 -23.77
CA GLY B 221 12.45 -6.77 -23.75
C GLY B 221 13.26 -5.92 -22.79
N GLU B 222 12.65 -5.40 -21.73
CA GLU B 222 13.32 -4.47 -20.84
C GLU B 222 14.34 -5.29 -20.07
N ASP B 223 15.48 -5.53 -20.69
CA ASP B 223 16.54 -6.35 -20.10
C ASP B 223 17.29 -5.56 -19.04
N ILE B 224 16.53 -5.00 -18.12
CA ILE B 224 17.02 -4.22 -17.01
C ILE B 224 15.88 -4.08 -16.04
N GLU B 225 16.19 -4.11 -14.75
CA GLU B 225 15.14 -4.07 -13.75
C GLU B 225 14.33 -2.80 -13.92
N ILE B 226 13.09 -2.96 -14.32
CA ILE B 226 12.12 -1.87 -14.23
C ILE B 226 11.81 -1.76 -12.75
N SER B 227 12.78 -1.27 -11.98
CA SER B 227 12.71 -1.35 -10.53
C SER B 227 11.38 -0.89 -9.99
N ASP B 228 10.65 -0.10 -10.76
CA ASP B 228 9.26 0.22 -10.46
C ASP B 228 8.64 0.83 -11.69
N THR B 229 7.33 1.03 -11.62
CA THR B 229 6.64 1.92 -12.54
C THR B 229 5.47 2.50 -11.76
N GLU B 230 5.71 3.57 -11.05
CA GLU B 230 4.61 4.25 -10.39
C GLU B 230 3.86 5.08 -11.41
N SER B 231 2.91 5.85 -10.91
CA SER B 231 2.19 6.82 -11.70
C SER B 231 1.54 7.81 -10.75
N PHE B 232 0.79 8.75 -11.30
CA PHE B 232 0.11 9.71 -10.43
C PHE B 232 -0.98 10.41 -11.21
N SER B 233 -1.79 11.14 -10.47
CA SER B 233 -2.63 12.18 -11.04
C SER B 233 -2.24 13.55 -10.50
N ASN B 234 -2.30 13.73 -9.18
CA ASN B 234 -1.86 14.98 -8.57
C ASN B 234 -1.08 14.74 -7.30
N ASP B 235 -1.12 13.52 -6.77
CA ASP B 235 -0.61 13.20 -5.45
C ASP B 235 0.90 13.17 -5.48
N PRO B 236 1.51 14.32 -5.76
CA PRO B 236 2.96 14.38 -5.88
C PRO B 236 3.67 13.99 -4.60
N CYS B 237 3.47 14.76 -3.54
CA CYS B 237 4.13 14.46 -2.27
C CYS B 237 3.79 13.05 -1.79
N THR B 238 2.54 12.64 -1.99
CA THR B 238 2.16 11.28 -1.63
C THR B 238 3.04 10.28 -2.36
N SER B 239 3.01 10.31 -3.69
CA SER B 239 3.90 9.47 -4.45
C SER B 239 5.35 9.79 -4.13
N VAL B 240 5.66 11.04 -3.80
CA VAL B 240 7.04 11.37 -3.44
C VAL B 240 7.51 10.50 -2.29
N LYS B 241 6.70 10.38 -1.25
CA LYS B 241 7.02 9.47 -0.18
C LYS B 241 7.02 8.04 -0.66
N LYS B 242 5.97 7.64 -1.38
CA LYS B 242 5.86 6.27 -1.86
C LYS B 242 7.14 5.83 -2.56
N LEU B 243 7.77 6.75 -3.27
CA LEU B 243 8.89 6.41 -4.11
C LEU B 243 10.22 6.67 -3.44
N LYS B 244 10.31 7.65 -2.55
CA LYS B 244 11.40 7.65 -1.61
C LYS B 244 11.49 6.27 -0.96
N GLY B 245 10.33 5.71 -0.60
CA GLY B 245 10.27 4.33 -0.14
C GLY B 245 10.68 3.38 -1.25
N ASN B 246 10.52 3.76 -2.50
CA ASN B 246 11.01 2.94 -3.58
C ASN B 246 12.49 3.17 -3.82
N ASP B 247 13.22 3.69 -2.83
CA ASP B 247 14.66 3.90 -2.90
C ASP B 247 15.02 4.85 -4.05
N VAL B 248 14.59 6.11 -3.86
CA VAL B 248 14.76 7.13 -4.88
C VAL B 248 16.22 7.25 -5.32
N ARG B 249 16.48 6.94 -6.60
CA ARG B 249 17.78 7.10 -7.23
C ARG B 249 17.71 7.70 -8.63
N ILE B 250 16.58 7.60 -9.31
CA ILE B 250 16.43 8.04 -10.70
C ILE B 250 14.94 8.24 -10.97
N ILE B 251 14.60 9.10 -11.93
CA ILE B 251 13.22 9.52 -12.09
C ILE B 251 12.93 9.93 -13.52
N LEU B 252 11.81 9.45 -14.04
CA LEU B 252 11.23 9.88 -15.29
C LEU B 252 9.75 10.06 -15.09
N GLY B 253 9.16 11.08 -15.72
CA GLY B 253 7.77 11.44 -15.44
C GLY B 253 7.07 11.88 -16.72
N GLN B 254 5.77 11.58 -16.80
CA GLN B 254 4.89 12.12 -17.84
C GLN B 254 3.83 12.93 -17.12
N PHE B 255 3.99 14.25 -17.14
CA PHE B 255 3.13 15.14 -16.40
C PHE B 255 3.01 16.44 -17.16
N ASP B 256 2.03 17.25 -16.78
CA ASP B 256 1.87 18.55 -17.37
C ASP B 256 2.94 19.49 -16.84
N GLN B 257 3.42 20.39 -17.69
CA GLN B 257 4.16 21.54 -17.19
C GLN B 257 3.38 22.18 -16.04
N ASN B 258 2.05 22.16 -16.14
CA ASN B 258 1.23 22.45 -14.99
C ASN B 258 1.54 21.49 -13.85
N MET B 259 1.30 20.21 -14.09
CA MET B 259 1.57 19.18 -13.09
C MET B 259 3.01 19.29 -12.62
N ALA B 260 3.88 19.76 -13.52
CA ALA B 260 5.28 19.96 -13.15
C ALA B 260 5.43 20.83 -11.92
N ALA B 261 4.47 21.71 -11.65
CA ALA B 261 4.55 22.51 -10.44
C ALA B 261 4.61 21.62 -9.21
N LYS B 262 3.55 20.85 -8.96
CA LYS B 262 3.53 19.94 -7.82
C LYS B 262 4.66 18.93 -7.94
N VAL B 263 5.08 18.62 -9.17
CA VAL B 263 6.22 17.74 -9.33
C VAL B 263 7.44 18.30 -8.65
N PHE B 264 7.88 19.49 -9.08
CA PHE B 264 9.03 20.13 -8.47
C PHE B 264 8.80 20.35 -6.98
N CYS B 265 7.55 20.56 -6.58
CA CYS B 265 7.24 20.71 -5.18
C CYS B 265 7.64 19.47 -4.38
N CYS B 266 7.02 18.33 -4.73
CA CYS B 266 7.35 17.07 -4.07
C CYS B 266 8.83 16.76 -4.21
N ALA B 267 9.45 17.25 -5.29
CA ALA B 267 10.88 17.07 -5.48
C ALA B 267 11.65 17.74 -4.36
N TYR B 268 11.55 19.06 -4.26
CA TYR B 268 12.24 19.79 -3.21
C TYR B 268 11.89 19.23 -1.84
N GLU B 269 10.69 18.65 -1.71
CA GLU B 269 10.39 17.90 -0.49
C GLU B 269 11.41 16.79 -0.28
N GLU B 270 11.47 15.82 -1.20
CA GLU B 270 12.54 14.86 -1.15
C GLU B 270 13.89 15.50 -1.40
N ASN B 271 14.01 16.32 -2.44
CA ASN B 271 15.22 17.08 -2.76
C ASN B 271 16.46 16.19 -2.83
N MET B 272 16.30 14.90 -3.09
CA MET B 272 17.42 13.97 -3.01
C MET B 272 18.34 14.18 -4.20
N TYR B 273 18.83 15.41 -4.30
CA TYR B 273 19.55 15.90 -5.46
C TYR B 273 20.93 15.26 -5.48
N GLY B 274 20.98 14.06 -6.02
CA GLY B 274 22.20 13.28 -6.07
C GLY B 274 21.89 12.04 -6.89
N SER B 275 22.83 11.09 -6.94
CA SER B 275 22.48 9.78 -7.48
C SER B 275 21.27 9.18 -6.79
N LYS B 276 20.78 9.82 -5.73
CA LYS B 276 19.50 9.51 -5.13
C LYS B 276 18.33 10.14 -5.87
N TYR B 277 18.52 10.48 -7.14
CA TYR B 277 17.46 11.02 -7.98
C TYR B 277 17.93 11.11 -9.43
N GLN B 278 16.97 11.28 -10.34
CA GLN B 278 17.26 11.68 -11.72
C GLN B 278 16.01 12.33 -12.30
N TRP B 279 16.21 13.32 -13.16
CA TRP B 279 15.13 14.06 -13.77
C TRP B 279 15.03 13.66 -15.24
N ILE B 280 13.86 13.18 -15.64
CA ILE B 280 13.65 12.79 -17.04
C ILE B 280 12.24 13.15 -17.47
N ILE B 281 12.14 13.87 -18.58
CA ILE B 281 10.88 14.37 -19.09
C ILE B 281 11.03 14.85 -20.53
N PRO B 282 10.00 15.53 -21.02
CA PRO B 282 10.04 16.00 -22.40
C PRO B 282 9.58 17.45 -22.51
N GLY B 283 10.08 18.14 -23.52
CA GLY B 283 9.64 19.48 -23.85
C GLY B 283 8.16 19.54 -24.12
N TRP B 284 7.56 18.39 -24.44
CA TRP B 284 6.11 18.26 -24.36
C TRP B 284 5.58 18.84 -23.07
N TYR B 285 6.01 18.31 -21.93
CA TYR B 285 5.95 19.14 -20.74
C TYR B 285 6.66 20.44 -21.07
N GLU B 286 5.89 21.51 -21.07
CA GLU B 286 6.14 22.66 -21.93
C GLU B 286 7.57 23.15 -21.84
N PRO B 287 8.04 23.68 -22.96
CA PRO B 287 9.28 24.44 -22.97
C PRO B 287 9.17 25.60 -22.00
N SER B 288 10.30 25.95 -21.38
CA SER B 288 10.37 27.07 -20.46
C SER B 288 9.43 26.90 -19.28
N TRP B 289 8.89 25.70 -19.11
CA TRP B 289 8.10 25.43 -17.91
C TRP B 289 8.94 25.66 -16.67
N TRP B 290 10.18 25.18 -16.67
CA TRP B 290 11.09 25.56 -15.60
C TRP B 290 11.29 27.05 -15.58
N GLU B 291 11.51 27.65 -16.75
CA GLU B 291 11.47 29.09 -16.83
C GLU B 291 10.14 29.63 -16.34
N GLN B 292 9.05 28.93 -16.65
CA GLN B 292 7.76 29.31 -16.13
C GLN B 292 7.71 29.02 -14.64
N SER B 300 2.36 27.59 -4.43
CA SER B 300 3.82 27.63 -4.46
C SER B 300 4.40 27.03 -3.18
N ARG B 301 5.11 25.90 -3.32
CA ARG B 301 5.66 25.22 -2.17
C ARG B 301 7.18 25.12 -2.19
N CYS B 302 7.77 24.69 -3.30
CA CYS B 302 9.22 24.45 -3.32
C CYS B 302 9.98 25.76 -3.28
N LEU B 303 11.18 25.70 -2.72
CA LEU B 303 12.06 26.85 -2.74
C LEU B 303 12.38 27.17 -4.19
N ARG B 304 12.06 28.40 -4.61
CA ARG B 304 12.49 28.85 -5.93
C ARG B 304 13.94 28.51 -6.17
N LYS B 305 14.76 28.56 -5.12
CA LYS B 305 16.07 27.94 -5.18
C LYS B 305 15.96 26.45 -5.48
N ASN B 306 15.31 25.69 -4.59
CA ASN B 306 15.16 24.25 -4.83
C ASN B 306 14.40 24.00 -6.12
N LEU B 307 13.55 24.96 -6.52
CA LEU B 307 12.91 24.88 -7.81
C LEU B 307 13.94 24.85 -8.93
N LEU B 308 14.83 25.85 -8.96
CA LEU B 308 15.89 25.85 -9.95
C LEU B 308 16.74 24.59 -9.85
N ALA B 309 16.98 24.13 -8.61
CA ALA B 309 17.70 22.89 -8.39
C ALA B 309 17.07 21.74 -9.16
N ALA B 310 15.76 21.60 -9.06
CA ALA B 310 15.04 20.66 -9.91
C ALA B 310 15.24 20.96 -11.39
N MET B 311 15.05 22.22 -11.78
CA MET B 311 15.34 22.62 -13.16
C MET B 311 16.78 22.31 -13.52
N GLU B 312 17.67 22.38 -12.54
CA GLU B 312 19.04 21.97 -12.76
C GLU B 312 19.11 20.46 -12.92
N GLY B 313 19.98 20.01 -13.82
CA GLY B 313 20.11 18.58 -14.09
C GLY B 313 18.83 18.02 -14.66
N TYR B 314 17.87 18.90 -14.94
CA TYR B 314 16.63 18.41 -15.48
C TYR B 314 16.88 17.75 -16.83
N ILE B 315 16.74 16.44 -16.84
CA ILE B 315 17.00 15.64 -18.02
C ILE B 315 15.70 15.47 -18.80
N GLY B 316 15.46 16.38 -19.72
CA GLY B 316 14.35 16.24 -20.64
C GLY B 316 14.89 15.87 -22.01
N VAL B 317 13.97 15.74 -22.96
CA VAL B 317 14.33 15.47 -24.34
C VAL B 317 13.13 15.77 -25.22
N ASP B 318 13.41 16.11 -26.47
CA ASP B 318 12.39 16.30 -27.48
C ASP B 318 13.00 15.94 -28.83
N PHE B 319 12.30 16.24 -29.90
CA PHE B 319 12.81 15.94 -31.22
C PHE B 319 14.07 16.74 -31.48
N GLU B 320 15.03 16.09 -32.10
CA GLU B 320 16.12 16.83 -32.71
C GLU B 320 15.54 17.60 -33.87
N PRO B 321 15.36 18.90 -33.68
CA PRO B 321 14.48 19.69 -34.55
C PRO B 321 14.89 19.60 -36.01
N LEU B 322 16.20 19.51 -36.27
CA LEU B 322 16.68 19.48 -37.64
C LEU B 322 18.05 18.82 -37.70
N SER B 323 18.51 18.60 -38.92
CA SER B 323 19.81 17.96 -39.15
C SER B 323 20.91 18.81 -38.53
N SER B 324 21.77 18.17 -37.75
CA SER B 324 22.93 18.87 -37.19
C SER B 324 23.83 19.43 -38.27
N LYS B 325 24.18 18.63 -39.27
CA LYS B 325 24.96 19.14 -40.38
C LYS B 325 24.09 20.08 -41.19
N GLN B 326 24.24 21.38 -40.91
CA GLN B 326 23.29 22.34 -41.47
C GLN B 326 23.69 22.65 -42.91
N ILE B 327 23.91 21.58 -43.66
CA ILE B 327 24.53 21.63 -44.97
C ILE B 327 23.45 21.78 -46.00
N LYS B 328 23.86 21.84 -47.26
CA LYS B 328 22.93 21.64 -48.36
C LYS B 328 22.06 20.46 -48.02
N THR B 329 20.75 20.69 -47.95
CA THR B 329 19.83 19.67 -47.51
C THR B 329 19.75 18.57 -48.57
N ILE B 330 18.87 17.59 -48.35
CA ILE B 330 18.52 16.70 -49.44
C ILE B 330 17.98 17.49 -50.61
N SER B 331 17.30 18.60 -50.33
CA SER B 331 16.98 19.59 -51.34
C SER B 331 18.13 20.53 -51.63
N GLY B 332 19.35 20.16 -51.22
CA GLY B 332 20.55 20.96 -51.46
C GLY B 332 20.52 22.31 -50.77
N LYS B 333 19.48 22.57 -49.98
CA LYS B 333 19.37 23.83 -49.25
C LYS B 333 20.35 23.76 -48.10
N THR B 334 21.28 24.70 -48.05
CA THR B 334 22.15 24.74 -46.89
C THR B 334 21.27 24.84 -45.66
N PRO B 335 21.18 23.73 -44.94
CA PRO B 335 20.26 23.68 -43.82
C PRO B 335 20.54 24.82 -42.87
N GLN B 336 21.79 25.25 -42.81
CA GLN B 336 22.09 26.51 -42.16
C GLN B 336 21.35 27.67 -42.82
N GLN B 337 21.63 27.92 -44.10
CA GLN B 337 20.94 28.97 -44.83
C GLN B 337 19.44 28.72 -44.83
N TYR B 338 19.07 27.45 -44.95
CA TYR B 338 17.68 27.09 -44.81
C TYR B 338 17.08 27.74 -43.57
N GLU B 339 17.65 27.43 -42.41
CA GLU B 339 17.10 27.94 -41.17
C GLU B 339 17.24 29.45 -41.08
N ARG B 340 18.36 29.97 -41.59
CA ARG B 340 18.54 31.41 -41.68
C ARG B 340 17.31 32.04 -42.29
N GLU B 341 17.03 31.67 -43.54
CA GLU B 341 15.83 32.13 -44.20
C GLU B 341 14.59 31.78 -43.40
N TYR B 342 14.61 30.63 -42.73
CA TYR B 342 13.42 30.19 -42.04
C TYR B 342 13.01 31.21 -40.99
N ASN B 343 13.87 31.41 -40.01
CA ASN B 343 13.61 32.45 -39.03
C ASN B 343 13.42 33.80 -39.69
N ASN B 344 14.25 34.12 -40.68
CA ASN B 344 14.29 35.48 -41.17
C ASN B 344 13.07 35.82 -42.00
N LYS B 345 12.92 35.16 -43.14
CA LYS B 345 11.75 35.35 -43.97
C LYS B 345 10.49 35.00 -43.19
N ARG B 346 10.62 34.10 -42.22
CA ARG B 346 9.51 33.85 -41.31
C ARG B 346 9.04 35.16 -40.70
N SER B 347 9.98 35.97 -40.24
CA SER B 347 9.75 37.40 -40.07
C SER B 347 8.69 37.70 -39.02
N GLY B 348 8.08 36.66 -38.47
CA GLY B 348 7.28 36.79 -37.26
C GLY B 348 7.80 35.91 -36.15
N VAL B 349 8.53 34.86 -36.48
CA VAL B 349 9.20 33.97 -35.55
C VAL B 349 10.19 33.12 -36.31
N GLY B 350 10.64 32.06 -35.65
CA GLY B 350 11.00 30.85 -36.38
C GLY B 350 9.72 30.03 -36.46
N PRO B 351 9.54 29.30 -37.57
CA PRO B 351 8.27 28.65 -37.82
C PRO B 351 7.91 27.67 -36.70
N SER B 352 6.64 27.25 -36.68
CA SER B 352 6.09 26.39 -35.65
C SER B 352 7.11 25.30 -35.34
N LYS B 353 7.25 24.97 -34.06
CA LYS B 353 8.39 24.20 -33.54
C LYS B 353 8.85 23.12 -34.51
N PHE B 354 7.91 22.48 -35.18
CA PHE B 354 8.25 21.58 -36.26
C PHE B 354 8.80 22.29 -37.48
N HIS B 355 9.16 23.58 -37.35
CA HIS B 355 9.68 24.35 -38.47
C HIS B 355 10.61 23.52 -39.34
N GLY B 356 11.62 22.91 -38.73
CA GLY B 356 12.45 21.97 -39.46
C GLY B 356 11.60 20.89 -40.10
N TYR B 357 10.87 20.15 -39.27
CA TYR B 357 9.96 19.15 -39.80
C TYR B 357 8.92 19.76 -40.71
N ALA B 358 8.56 21.02 -40.48
CA ALA B 358 7.55 21.66 -41.33
C ALA B 358 8.03 21.75 -42.77
N TYR B 359 9.10 22.49 -43.01
CA TYR B 359 9.60 22.60 -44.36
C TYR B 359 10.09 21.26 -44.86
N ASP B 360 10.56 20.41 -43.94
CA ASP B 360 10.90 19.05 -44.30
C ASP B 360 9.72 18.38 -44.98
N GLY B 361 8.58 18.34 -44.29
CA GLY B 361 7.38 17.74 -44.85
C GLY B 361 6.99 18.44 -46.13
N ILE B 362 7.24 19.74 -46.24
CA ILE B 362 6.97 20.42 -47.50
C ILE B 362 7.73 19.74 -48.62
N TRP B 363 9.04 19.80 -48.55
CA TRP B 363 9.88 19.16 -49.55
C TRP B 363 9.61 17.67 -49.67
N VAL B 364 9.07 17.04 -48.64
CA VAL B 364 8.95 15.60 -48.64
C VAL B 364 7.66 15.15 -49.27
N ILE B 365 6.58 15.85 -48.96
CA ILE B 365 5.43 15.85 -49.82
C ILE B 365 5.88 15.95 -51.25
N ALA B 366 6.66 16.98 -51.56
CA ALA B 366 7.19 17.11 -52.91
C ALA B 366 7.95 15.87 -53.33
N LYS B 367 8.62 15.24 -52.39
CA LYS B 367 9.49 14.11 -52.73
C LYS B 367 8.67 12.91 -53.15
N THR B 368 7.85 12.41 -52.22
CA THR B 368 6.91 11.35 -52.57
C THR B 368 6.07 11.76 -53.75
N LEU B 369 5.89 13.07 -53.95
CA LEU B 369 5.12 13.56 -55.07
C LEU B 369 5.80 13.22 -56.38
N GLN B 370 7.05 13.64 -56.53
CA GLN B 370 7.79 13.29 -57.74
C GLN B 370 7.95 11.79 -57.87
N ARG B 371 8.05 11.10 -56.73
CA ARG B 371 8.17 9.64 -56.75
C ARG B 371 6.96 9.02 -57.43
N ALA B 372 5.78 9.26 -56.86
CA ALA B 372 4.57 8.78 -57.50
C ALA B 372 4.37 9.43 -58.85
N MET B 373 4.98 10.58 -59.10
CA MET B 373 4.87 11.22 -60.40
C MET B 373 5.52 10.35 -61.46
N GLU B 374 6.70 9.83 -61.15
CA GLU B 374 7.29 8.78 -61.97
C GLU B 374 6.37 7.58 -62.04
N THR B 375 6.00 7.06 -60.86
CA THR B 375 5.18 5.85 -60.80
C THR B 375 3.87 6.00 -61.56
N LEU B 376 3.50 7.24 -61.89
CA LEU B 376 2.23 7.51 -62.55
C LEU B 376 2.44 7.81 -64.02
N HIS B 377 3.53 8.50 -64.36
CA HIS B 377 4.00 8.48 -65.73
C HIS B 377 4.09 7.06 -66.23
N ALA B 378 4.29 6.10 -65.32
CA ALA B 378 4.11 4.70 -65.66
C ALA B 378 2.75 4.44 -66.28
N SER B 379 1.77 5.30 -66.02
CA SER B 379 0.49 5.20 -66.70
C SER B 379 0.30 6.39 -67.62
N ILE B 385 -5.06 9.58 -66.30
CA ILE B 385 -3.88 10.26 -65.81
C ILE B 385 -4.26 11.26 -64.72
N GLN B 386 -4.22 12.54 -65.06
CA GLN B 386 -4.56 13.58 -64.11
C GLN B 386 -6.03 13.60 -63.75
N ASP B 387 -6.82 12.65 -64.24
CA ASP B 387 -8.26 12.66 -64.06
C ASP B 387 -8.73 11.89 -62.82
N PHE B 388 -7.94 11.83 -61.76
CA PHE B 388 -8.33 11.03 -60.60
C PHE B 388 -9.47 11.68 -59.83
N ASN B 389 -10.47 10.87 -59.47
CA ASN B 389 -11.52 11.27 -58.56
C ASN B 389 -11.34 10.48 -57.26
N TYR B 390 -12.15 10.82 -56.27
CA TYR B 390 -12.18 10.02 -55.05
C TYR B 390 -12.51 8.57 -55.36
N THR B 391 -13.07 8.31 -56.53
CA THR B 391 -13.37 6.94 -56.93
C THR B 391 -12.10 6.19 -57.31
N ASP B 392 -11.02 6.91 -57.57
CA ASP B 392 -9.85 6.28 -58.18
C ASP B 392 -9.13 5.36 -57.21
N HIS B 393 -9.73 4.20 -56.92
CA HIS B 393 -9.10 3.23 -56.04
C HIS B 393 -7.72 2.83 -56.56
N THR B 394 -7.56 2.72 -57.88
CA THR B 394 -6.25 2.43 -58.43
C THR B 394 -5.25 3.53 -58.10
N LEU B 395 -5.71 4.78 -58.12
CA LEU B 395 -4.85 5.84 -57.64
C LEU B 395 -4.47 5.62 -56.19
N GLY B 396 -5.38 5.04 -55.40
CA GLY B 396 -5.02 4.71 -54.03
C GLY B 396 -3.96 3.62 -54.00
N ARG B 397 -4.03 2.68 -54.94
CA ARG B 397 -2.95 1.72 -55.06
C ARG B 397 -1.63 2.42 -55.33
N ILE B 398 -1.62 3.37 -56.26
CA ILE B 398 -0.41 4.12 -56.55
C ILE B 398 0.04 4.91 -55.32
N ILE B 399 -0.92 5.34 -54.52
CA ILE B 399 -0.59 5.99 -53.27
C ILE B 399 0.16 5.04 -52.37
N LEU B 400 -0.40 3.86 -52.16
CA LEU B 400 0.30 2.83 -51.40
C LEU B 400 1.67 2.56 -51.99
N ASN B 401 1.79 2.71 -53.30
CA ASN B 401 3.07 2.55 -53.96
C ASN B 401 4.06 3.56 -53.45
N ALA B 402 3.74 4.84 -53.64
CA ALA B 402 4.61 5.90 -53.11
C ALA B 402 4.75 5.78 -51.60
N MET B 403 3.85 5.03 -50.97
CA MET B 403 3.83 4.94 -49.52
C MET B 403 4.87 3.94 -49.04
N ASN B 404 4.78 2.70 -49.51
CA ASN B 404 5.93 1.83 -49.42
C ASN B 404 7.19 2.56 -49.86
N GLU B 405 7.08 3.43 -50.86
CA GLU B 405 8.17 4.25 -51.34
C GLU B 405 8.41 5.47 -50.46
N THR B 406 7.76 5.55 -49.31
CA THR B 406 8.06 6.65 -48.39
C THR B 406 9.40 6.40 -47.73
N ASN B 407 10.47 6.72 -48.44
CA ASN B 407 11.82 6.55 -47.92
C ASN B 407 12.82 7.27 -48.82
N PHE B 408 13.75 8.01 -48.22
CA PHE B 408 14.77 8.71 -48.97
C PHE B 408 15.75 9.26 -47.96
N PHE B 409 16.83 9.82 -48.46
CA PHE B 409 17.81 10.49 -47.63
C PHE B 409 17.27 11.87 -47.31
N GLY B 410 16.18 11.92 -46.58
CA GLY B 410 15.49 13.16 -46.32
C GLY B 410 16.46 14.22 -45.80
N VAL B 411 16.10 15.48 -46.03
CA VAL B 411 16.99 16.58 -45.69
C VAL B 411 17.41 16.54 -44.24
N THR B 412 16.47 16.69 -43.32
CA THR B 412 16.76 16.64 -41.89
C THR B 412 17.44 15.34 -41.50
N GLY B 413 17.27 14.30 -42.31
CA GLY B 413 17.95 13.04 -42.06
C GLY B 413 17.50 12.07 -43.12
N GLN B 414 18.11 10.90 -43.21
CA GLN B 414 17.76 10.04 -44.32
C GLN B 414 16.34 9.58 -44.11
N VAL B 415 15.43 10.51 -44.30
CA VAL B 415 14.07 10.36 -43.83
C VAL B 415 13.41 9.22 -44.57
N VAL B 416 13.26 8.10 -43.88
CA VAL B 416 12.43 7.02 -44.36
C VAL B 416 11.29 6.85 -43.37
N PHE B 417 10.46 5.84 -43.64
CA PHE B 417 9.25 5.64 -42.88
C PHE B 417 9.25 4.22 -42.35
N ARG B 418 9.93 4.02 -41.22
CA ARG B 418 10.08 2.73 -40.59
C ARG B 418 8.73 2.38 -40.01
N ASN B 419 7.95 1.62 -40.78
CA ASN B 419 6.53 1.55 -40.56
C ASN B 419 5.96 2.96 -40.40
N GLY B 420 6.21 3.80 -41.40
CA GLY B 420 5.79 5.19 -41.37
C GLY B 420 6.71 6.02 -40.48
N GLU B 421 7.59 5.37 -39.74
CA GLU B 421 8.35 6.06 -38.71
C GLU B 421 9.36 7.00 -39.32
N ARG B 422 9.26 8.29 -38.97
CA ARG B 422 10.30 9.23 -39.35
C ARG B 422 11.66 8.67 -39.04
N MET B 423 12.56 8.72 -40.03
CA MET B 423 13.96 8.36 -39.80
C MET B 423 14.71 9.58 -39.29
N GLY B 424 15.07 9.57 -38.00
CA GLY B 424 15.65 10.75 -37.35
C GLY B 424 16.42 10.49 -36.05
N THR B 425 16.63 11.55 -35.27
CA THR B 425 17.14 11.47 -33.92
C THR B 425 16.38 12.49 -33.08
N ILE B 426 16.59 12.46 -31.77
CA ILE B 426 15.85 13.32 -30.86
C ILE B 426 16.78 13.99 -29.87
N LYS B 427 16.76 15.30 -29.86
CA LYS B 427 17.53 16.10 -28.93
C LYS B 427 17.23 15.66 -27.51
N PHE B 428 18.28 15.60 -26.70
CA PHE B 428 18.11 15.22 -25.31
C PHE B 428 18.99 16.10 -24.45
N THR B 429 18.35 16.85 -23.57
CA THR B 429 19.06 17.83 -22.78
C THR B 429 18.99 17.46 -21.31
N GLN B 430 20.07 17.73 -20.62
CA GLN B 430 20.04 17.83 -19.17
C GLN B 430 20.04 19.30 -18.83
N PHE B 431 18.88 19.81 -18.47
CA PHE B 431 18.80 21.21 -18.07
C PHE B 431 19.49 21.37 -16.74
N GLN B 432 20.61 22.07 -16.74
CA GLN B 432 21.18 22.63 -15.52
C GLN B 432 20.46 23.96 -15.31
N ASP B 433 19.14 23.87 -15.26
CA ASP B 433 18.21 24.92 -14.82
C ASP B 433 18.22 26.09 -15.77
N SER B 434 19.30 26.22 -16.51
CA SER B 434 19.33 26.91 -17.79
C SER B 434 20.21 26.20 -18.78
N ARG B 435 21.20 25.43 -18.31
CA ARG B 435 22.10 24.78 -19.23
C ARG B 435 21.39 23.55 -19.74
N GLU B 436 20.43 23.78 -20.62
CA GLU B 436 19.70 22.67 -21.20
C GLU B 436 20.62 21.96 -22.16
N VAL B 437 21.48 21.11 -21.62
CA VAL B 437 22.52 20.48 -22.40
C VAL B 437 21.86 19.48 -23.33
N LYS B 438 21.46 19.97 -24.50
CA LYS B 438 20.88 19.10 -25.52
C LYS B 438 21.97 18.29 -26.15
N VAL B 439 22.59 17.44 -25.34
CA VAL B 439 23.75 16.69 -25.78
C VAL B 439 23.38 15.51 -26.66
N GLY B 440 22.25 14.87 -26.41
CA GLY B 440 22.01 13.54 -26.95
C GLY B 440 20.93 13.56 -28.00
N GLU B 441 21.12 12.74 -29.01
CA GLU B 441 20.14 12.55 -30.07
C GLU B 441 20.28 11.13 -30.58
N TYR B 442 19.32 10.28 -30.28
CA TYR B 442 19.38 8.89 -30.67
C TYR B 442 19.12 8.79 -32.16
N ASN B 443 20.18 8.63 -32.93
CA ASN B 443 20.04 8.58 -34.37
C ASN B 443 19.30 7.30 -34.70
N ALA B 444 17.98 7.41 -34.83
CA ALA B 444 17.11 6.25 -34.92
C ALA B 444 17.68 5.20 -35.87
N VAL B 445 18.45 5.66 -36.86
CA VAL B 445 19.26 4.75 -37.64
C VAL B 445 19.91 3.72 -36.73
N ALA B 446 20.67 4.18 -35.74
CA ALA B 446 21.08 3.29 -34.68
C ALA B 446 20.39 3.62 -33.38
N ASP B 447 19.44 4.54 -33.39
CA ASP B 447 19.08 5.28 -32.19
C ASP B 447 20.36 5.74 -31.52
N THR B 448 21.34 6.07 -32.36
CA THR B 448 22.71 6.27 -31.93
C THR B 448 22.67 7.53 -31.09
N LEU B 449 22.64 7.36 -29.79
CA LEU B 449 22.40 8.47 -28.88
C LEU B 449 23.63 9.33 -28.92
N GLU B 450 23.80 10.07 -30.01
CA GLU B 450 24.93 10.95 -30.20
C GLU B 450 24.85 11.99 -29.09
N ILE B 451 25.71 11.84 -28.10
CA ILE B 451 25.72 12.74 -26.96
C ILE B 451 26.82 13.76 -27.15
N ILE B 452 26.53 15.02 -26.86
CA ILE B 452 27.58 16.01 -26.86
C ILE B 452 28.50 15.69 -25.69
N ASN B 453 29.66 15.13 -26.01
CA ASN B 453 30.63 14.80 -24.98
C ASN B 453 30.98 16.03 -24.17
N ASP B 454 31.14 15.82 -22.87
CA ASP B 454 31.48 16.85 -21.89
C ASP B 454 30.36 17.85 -21.69
N THR B 455 29.29 17.79 -22.48
CA THR B 455 28.10 18.56 -22.17
C THR B 455 27.43 18.08 -20.91
N ILE B 456 27.77 16.88 -20.47
CA ILE B 456 27.26 16.36 -19.22
C ILE B 456 27.53 17.35 -18.09
N ARG B 457 26.47 17.75 -17.43
CA ARG B 457 26.60 18.49 -16.19
C ARG B 457 26.10 17.58 -15.09
N PHE B 458 26.90 16.59 -14.73
CA PHE B 458 26.46 15.52 -13.86
C PHE B 458 26.86 15.85 -12.44
N GLN B 459 25.90 15.67 -11.52
CA GLN B 459 26.12 16.08 -10.13
C GLN B 459 27.37 15.42 -9.58
N GLY B 460 27.36 14.09 -9.47
CA GLY B 460 28.56 13.34 -9.29
C GLY B 460 28.98 12.84 -10.67
N SER B 461 30.02 12.02 -10.73
CA SER B 461 30.28 11.23 -11.92
C SER B 461 29.27 10.11 -12.06
N GLU B 462 28.25 10.09 -11.21
CA GLU B 462 27.33 8.97 -11.12
C GLU B 462 26.55 8.82 -12.41
N PRO B 463 26.88 7.79 -13.19
CA PRO B 463 25.95 7.28 -14.20
C PRO B 463 24.89 6.51 -13.46
N PRO B 464 23.63 6.70 -13.86
CA PRO B 464 22.48 6.44 -13.00
C PRO B 464 22.64 5.18 -12.17
N LYS B 465 22.64 5.36 -10.85
CA LYS B 465 22.66 4.22 -9.95
C LYS B 465 21.38 3.42 -10.08
N ASP B 466 21.53 2.10 -10.03
CA ASP B 466 20.37 1.17 -10.14
C ASP B 466 19.94 0.72 -8.75
N LYS B 467 19.43 1.65 -7.94
CA LYS B 467 18.98 1.36 -6.55
C LYS B 467 20.07 0.59 -5.81
N THR B 468 21.24 1.21 -5.63
CA THR B 468 22.37 0.56 -4.92
C THR B 468 22.78 1.42 -3.72
N ILE B 469 23.62 0.87 -2.83
CA ILE B 469 24.09 1.59 -1.63
C ILE B 469 25.46 1.04 -1.20
N ILE B 470 25.55 0.56 0.05
CA ILE B 470 26.81 0.00 0.57
C ILE B 470 26.52 -0.78 1.86
N LEU B 471 27.11 -1.98 2.00
CA LEU B 471 26.91 -2.81 3.20
C LEU B 471 27.80 -2.31 4.34
N GLU B 472 27.20 -1.62 5.31
CA GLU B 472 27.94 -1.07 6.47
C GLU B 472 28.08 -2.15 7.55
N GLN B 473 29.30 -2.70 7.71
CA GLN B 473 29.55 -3.76 8.72
C GLN B 473 29.65 -3.12 10.11
N LEU B 474 29.35 -3.90 11.15
CA LEU B 474 29.41 -3.40 12.55
C LEU B 474 30.84 -3.53 13.08
N ARG B 475 31.10 -4.56 13.88
CA ARG B 475 32.42 -4.79 14.45
C ARG B 475 33.06 -3.45 14.81
N LYS B 476 33.53 -3.35 16.06
CA LYS B 476 34.03 -2.09 16.61
C LYS B 476 35.02 -2.41 17.72
N ILE B 477 36.31 -2.16 17.47
CA ILE B 477 37.34 -2.40 18.47
C ILE B 477 38.55 -1.55 18.08
N SER B 478 39.25 -1.04 19.09
CA SER B 478 40.50 -0.30 18.87
C SER B 478 41.68 -1.20 18.58
N LEU B 479 41.73 -2.39 19.19
CA LEU B 479 42.73 -3.42 18.85
C LEU B 479 44.14 -3.00 19.28
N PRO B 480 44.26 -1.77 19.76
CA PRO B 480 45.51 -1.30 20.32
C PRO B 480 45.40 -1.01 21.81
N LEU B 481 44.46 -0.15 22.20
CA LEU B 481 44.00 -0.16 23.58
C LEU B 481 43.59 -1.56 23.98
N TYR B 482 43.07 -2.33 23.01
CA TYR B 482 42.80 -3.74 23.24
C TYR B 482 44.09 -4.55 23.23
N SER B 483 45.04 -4.19 22.38
CA SER B 483 46.36 -4.81 22.46
C SER B 483 46.99 -4.50 23.81
N ILE B 484 46.96 -3.23 24.21
CA ILE B 484 47.44 -2.86 25.54
C ILE B 484 46.68 -3.61 26.61
N LEU B 485 45.41 -3.91 26.35
CA LEU B 485 44.59 -4.61 27.33
C LEU B 485 45.06 -6.05 27.49
N SER B 486 45.21 -6.77 26.38
CA SER B 486 45.75 -8.12 26.44
C SER B 486 47.12 -8.13 27.10
N ALA B 487 47.93 -7.12 26.79
CA ALA B 487 49.25 -7.00 27.40
C ALA B 487 49.13 -6.91 28.93
N LEU B 488 48.35 -5.95 29.41
CA LEU B 488 48.19 -5.77 30.84
C LEU B 488 47.57 -6.99 31.52
N THR B 489 46.68 -7.71 30.83
CA THR B 489 46.08 -8.90 31.42
C THR B 489 47.11 -9.98 31.61
N ILE B 490 47.91 -10.25 30.57
CA ILE B 490 49.02 -11.16 30.73
C ILE B 490 49.96 -10.72 31.85
N LEU B 491 50.18 -9.41 31.96
CA LEU B 491 51.05 -8.89 33.02
C LEU B 491 50.50 -9.22 34.40
N GLY B 492 49.21 -8.96 34.59
CA GLY B 492 48.59 -9.27 35.88
C GLY B 492 48.70 -10.75 36.19
N MET B 493 48.39 -11.60 35.22
CA MET B 493 48.46 -13.04 35.46
C MET B 493 49.88 -13.48 35.78
N ILE B 494 50.86 -12.91 35.09
CA ILE B 494 52.25 -13.31 35.32
C ILE B 494 52.74 -12.84 36.68
N MET B 495 52.44 -11.59 37.04
CA MET B 495 52.78 -11.10 38.37
C MET B 495 52.12 -11.95 39.43
N ALA B 496 50.89 -12.41 39.17
CA ALA B 496 50.22 -13.30 40.11
C ALA B 496 50.98 -14.60 40.27
N SER B 497 51.35 -15.23 39.15
CA SER B 497 52.12 -16.46 39.22
C SER B 497 53.42 -16.26 40.00
N ALA B 498 54.06 -15.11 39.80
CA ALA B 498 55.33 -14.84 40.47
C ALA B 498 55.13 -14.67 41.98
N PHE B 499 54.15 -13.85 42.37
CA PHE B 499 53.89 -13.64 43.79
C PHE B 499 53.48 -14.92 44.47
N LEU B 500 52.75 -15.79 43.75
CA LEU B 500 52.36 -17.07 44.30
C LEU B 500 53.57 -17.97 44.49
N PHE B 501 54.45 -18.01 43.48
CA PHE B 501 55.69 -18.76 43.61
C PHE B 501 56.48 -18.27 44.81
N PHE B 502 56.45 -16.97 45.08
CA PHE B 502 57.09 -16.45 46.27
C PHE B 502 56.41 -17.01 47.51
N ASN B 503 55.13 -16.69 47.68
CA ASN B 503 54.35 -17.05 48.85
C ASN B 503 54.42 -18.53 49.18
N ILE B 504 54.49 -19.40 48.18
CA ILE B 504 54.64 -20.82 48.43
C ILE B 504 56.10 -21.20 48.60
N LYS B 505 56.90 -20.94 47.58
CA LYS B 505 58.35 -21.08 47.65
C LYS B 505 58.93 -20.41 48.89
N ASN B 506 58.31 -19.35 49.38
CA ASN B 506 58.57 -18.89 50.74
C ASN B 506 57.27 -19.11 51.49
N ARG B 507 57.04 -20.36 51.90
CA ARG B 507 56.04 -20.68 52.90
C ARG B 507 56.74 -21.60 53.90
N ASN B 508 57.46 -20.99 54.82
CA ASN B 508 58.10 -21.70 55.91
C ASN B 508 57.63 -21.16 57.25
N GLN B 509 57.57 -19.85 57.39
CA GLN B 509 56.89 -19.23 58.52
C GLN B 509 55.41 -19.36 58.26
N LYS B 510 54.90 -20.59 58.34
CA LYS B 510 53.48 -20.82 58.18
C LYS B 510 52.79 -20.35 59.45
N LEU B 511 52.97 -19.07 59.76
CA LEU B 511 52.69 -18.51 61.07
C LEU B 511 51.28 -17.97 61.19
N ILE B 512 50.34 -18.56 60.49
CA ILE B 512 48.95 -18.08 60.56
C ILE B 512 48.06 -19.29 60.80
N LYS B 513 47.50 -19.37 62.00
CA LYS B 513 46.40 -20.30 62.25
C LYS B 513 45.15 -19.58 62.71
N MET B 514 45.21 -18.88 63.83
CA MET B 514 44.03 -18.22 64.40
C MET B 514 43.81 -16.87 63.75
N SER B 515 43.82 -16.89 62.43
CA SER B 515 43.69 -15.72 61.58
C SER B 515 43.38 -16.25 60.20
N SER B 516 43.59 -15.43 59.18
CA SER B 516 43.64 -16.02 57.86
C SER B 516 44.82 -16.97 57.90
N PRO B 517 44.53 -18.27 58.00
CA PRO B 517 45.54 -19.22 58.43
C PRO B 517 46.61 -19.41 57.36
N TYR B 518 47.61 -20.21 57.70
CA TYR B 518 48.79 -20.39 56.85
C TYR B 518 48.52 -21.24 55.61
N MET B 519 47.31 -21.76 55.44
CA MET B 519 46.99 -22.59 54.28
C MET B 519 46.27 -21.82 53.18
N ASN B 520 46.10 -20.51 53.34
CA ASN B 520 45.37 -19.71 52.36
C ASN B 520 46.03 -19.70 51.00
N ASN B 521 47.23 -20.25 50.86
CA ASN B 521 47.84 -20.38 49.55
C ASN B 521 46.91 -21.09 48.59
N LEU B 522 46.11 -22.03 49.09
CA LEU B 522 45.09 -22.66 48.25
C LEU B 522 44.13 -21.61 47.71
N ILE B 523 43.66 -20.70 48.56
CA ILE B 523 42.79 -19.64 48.09
C ILE B 523 43.51 -18.74 47.09
N ILE B 524 44.78 -18.44 47.34
CA ILE B 524 45.58 -17.70 46.37
C ILE B 524 45.59 -18.41 45.03
N LEU B 525 45.63 -19.74 45.06
CA LEU B 525 45.61 -20.50 43.82
C LEU B 525 44.27 -20.36 43.11
N GLY B 526 43.18 -20.47 43.87
CA GLY B 526 41.86 -20.25 43.27
C GLY B 526 41.78 -18.88 42.62
N GLY B 527 42.37 -17.89 43.28
CA GLY B 527 42.41 -16.54 42.73
C GLY B 527 43.24 -16.49 41.45
N MET B 528 44.35 -17.21 41.43
CA MET B 528 45.18 -17.24 40.22
C MET B 528 44.39 -17.81 39.06
N LEU B 529 43.68 -18.91 39.30
CA LEU B 529 42.80 -19.48 38.30
C LEU B 529 41.82 -18.45 37.79
N SER B 530 41.14 -17.77 38.73
CA SER B 530 40.21 -16.71 38.36
C SER B 530 40.86 -15.70 37.43
N TYR B 531 41.96 -15.09 37.88
CA TYR B 531 42.55 -13.96 37.16
C TYR B 531 43.08 -14.38 35.80
N ALA B 532 43.65 -15.57 35.70
CA ALA B 532 44.14 -16.03 34.41
C ALA B 532 42.98 -16.29 33.45
N SER B 533 41.99 -17.06 33.88
CA SER B 533 40.84 -17.32 33.02
C SER B 533 40.17 -16.02 32.60
N ILE B 534 40.18 -15.04 33.50
CA ILE B 534 39.71 -13.70 33.18
C ILE B 534 40.54 -13.06 32.08
N PHE B 535 41.86 -13.00 32.26
CA PHE B 535 42.74 -12.48 31.23
C PHE B 535 42.38 -13.06 29.87
N LEU B 536 42.16 -14.36 29.82
CA LEU B 536 41.90 -15.00 28.53
C LEU B 536 40.55 -14.56 27.95
N PHE B 537 39.46 -14.82 28.66
CA PHE B 537 38.15 -14.57 28.07
C PHE B 537 37.94 -13.09 27.81
N GLY B 538 38.69 -12.22 28.49
CA GLY B 538 38.66 -10.81 28.17
C GLY B 538 39.51 -10.53 26.94
N LEU B 539 40.63 -11.25 26.80
CA LEU B 539 41.41 -11.21 25.59
C LEU B 539 40.70 -11.90 24.44
N ASP B 540 39.45 -12.30 24.63
CA ASP B 540 38.63 -12.89 23.59
C ASP B 540 37.84 -11.84 22.80
N GLY B 541 38.38 -10.64 22.59
CA GLY B 541 37.63 -9.49 22.08
C GLY B 541 37.04 -9.51 20.67
N SER B 542 37.87 -9.44 19.59
CA SER B 542 37.29 -8.96 18.33
C SER B 542 37.76 -9.62 17.03
N PHE B 543 38.60 -10.65 17.03
CA PHE B 543 39.07 -11.23 15.78
C PHE B 543 38.85 -12.72 15.68
N VAL B 544 37.76 -13.23 16.27
CA VAL B 544 37.50 -14.66 16.35
C VAL B 544 37.33 -15.31 14.98
N SER B 545 37.49 -14.53 13.91
CA SER B 545 37.25 -15.00 12.55
C SER B 545 37.80 -16.39 12.32
N GLU B 546 38.88 -16.76 13.02
CA GLU B 546 39.34 -18.14 13.05
C GLU B 546 38.18 -19.12 13.18
N LYS B 547 37.35 -18.99 14.21
CA LYS B 547 36.08 -19.69 14.25
C LYS B 547 34.93 -18.67 14.23
N THR B 548 34.89 -17.76 15.19
CA THR B 548 33.87 -16.72 15.29
C THR B 548 32.45 -17.24 15.07
N PHE B 549 32.23 -18.53 15.28
CA PHE B 549 30.94 -19.15 15.02
C PHE B 549 30.59 -20.02 16.23
N GLU B 550 29.98 -19.42 17.23
CA GLU B 550 29.94 -20.04 18.55
C GLU B 550 31.32 -20.61 18.78
N THR B 551 32.33 -19.74 18.74
CA THR B 551 33.70 -20.14 18.45
C THR B 551 34.33 -20.87 19.63
N LEU B 552 33.48 -21.32 20.55
CA LEU B 552 33.85 -21.95 21.81
C LEU B 552 34.48 -20.96 22.78
N CYS B 553 34.63 -19.70 22.38
CA CYS B 553 34.95 -18.65 23.34
C CYS B 553 33.84 -18.54 24.38
N THR B 554 32.67 -19.08 24.05
CA THR B 554 31.71 -19.43 25.09
C THR B 554 32.39 -20.18 26.22
N VAL B 555 33.12 -21.25 25.88
CA VAL B 555 33.84 -21.99 26.91
C VAL B 555 34.95 -21.15 27.52
N ARG B 556 35.47 -20.17 26.77
CA ARG B 556 36.44 -19.26 27.33
C ARG B 556 35.84 -18.49 28.50
N THR B 557 34.73 -17.80 28.24
CA THR B 557 33.99 -17.13 29.30
C THR B 557 33.57 -18.13 30.37
N TRP B 558 33.32 -19.37 29.97
CA TRP B 558 32.87 -20.38 30.92
C TRP B 558 33.96 -20.67 31.94
N ILE B 559 35.14 -21.08 31.47
CA ILE B 559 36.26 -21.30 32.36
C ILE B 559 36.62 -20.03 33.11
N LEU B 560 36.39 -18.87 32.48
CA LEU B 560 36.65 -17.61 33.15
C LEU B 560 35.80 -17.51 34.41
N THR B 561 34.49 -17.51 34.26
CA THR B 561 33.59 -17.46 35.40
C THR B 561 33.83 -18.63 36.34
N VAL B 562 34.29 -19.75 35.81
CA VAL B 562 34.63 -20.88 36.66
C VAL B 562 35.71 -20.51 37.65
N GLY B 563 36.87 -20.10 37.15
CA GLY B 563 37.96 -19.68 38.04
C GLY B 563 37.50 -18.54 38.93
N TYR B 564 36.68 -17.64 38.38
CA TYR B 564 36.17 -16.52 39.16
C TYR B 564 35.41 -16.99 40.38
N THR B 565 34.32 -17.73 40.14
CA THR B 565 33.52 -18.27 41.23
C THR B 565 34.38 -19.15 42.13
N THR B 566 35.44 -19.74 41.59
CA THR B 566 36.33 -20.55 42.42
C THR B 566 37.02 -19.69 43.46
N ALA B 567 37.71 -18.66 43.00
CA ALA B 567 38.32 -17.69 43.90
C ALA B 567 37.29 -17.16 44.89
N PHE B 568 36.09 -16.87 44.39
CA PHE B 568 35.04 -16.35 45.26
C PHE B 568 34.72 -17.34 46.38
N GLY B 569 34.37 -18.58 46.00
CA GLY B 569 34.02 -19.60 46.97
C GLY B 569 35.16 -19.87 47.92
N ALA B 570 36.39 -19.57 47.51
CA ALA B 570 37.52 -19.71 48.43
C ALA B 570 37.27 -18.89 49.69
N MET B 571 37.18 -17.57 49.52
CA MET B 571 36.89 -16.69 50.64
C MET B 571 35.55 -17.03 51.26
N PHE B 572 34.61 -17.49 50.43
CA PHE B 572 33.29 -17.83 50.93
C PHE B 572 33.37 -18.91 52.01
N ALA B 573 33.93 -20.06 51.67
CA ALA B 573 34.05 -21.15 52.64
C ALA B 573 34.99 -20.78 53.76
N LYS B 574 36.01 -19.96 53.46
CA LYS B 574 36.85 -19.42 54.51
C LYS B 574 36.01 -18.76 55.58
N THR B 575 35.26 -17.74 55.19
CA THR B 575 34.41 -17.03 56.14
C THR B 575 33.31 -17.92 56.69
N TRP B 576 32.93 -18.95 55.93
CA TRP B 576 31.93 -19.88 56.41
C TRP B 576 32.43 -20.59 57.65
N ARG B 577 33.51 -21.34 57.51
CA ARG B 577 34.15 -21.97 58.66
C ARG B 577 34.51 -20.93 59.70
N VAL B 578 34.85 -19.73 59.26
CA VAL B 578 35.26 -18.68 60.18
C VAL B 578 34.12 -18.30 61.12
N HIS B 579 33.04 -17.75 60.56
CA HIS B 579 31.87 -17.42 61.35
C HIS B 579 31.33 -18.65 62.07
N ALA B 580 31.52 -19.84 61.48
CA ALA B 580 31.10 -21.06 62.15
C ALA B 580 31.81 -21.23 63.47
N ILE B 581 33.15 -21.23 63.45
CA ILE B 581 33.91 -21.27 64.69
C ILE B 581 33.59 -20.08 65.57
N PHE B 582 33.36 -18.91 64.96
CA PHE B 582 33.06 -17.70 65.69
C PHE B 582 31.77 -17.80 66.49
N LYS B 583 30.87 -18.68 66.07
CA LYS B 583 29.65 -18.91 66.84
C LYS B 583 29.96 -19.56 68.17
N ASN B 584 30.52 -20.76 68.13
CA ASN B 584 30.83 -21.52 69.34
C ASN B 584 31.77 -22.68 69.02
N ILE B 592 42.25 -29.84 57.44
CA ILE B 592 41.05 -30.27 58.16
C ILE B 592 39.81 -29.92 57.37
N LYS B 593 39.12 -28.86 57.81
CA LYS B 593 37.98 -28.35 57.07
C LYS B 593 38.33 -27.90 55.66
N ASP B 594 39.62 -27.84 55.33
CA ASP B 594 40.03 -27.62 53.94
C ASP B 594 39.33 -28.58 53.01
N GLN B 595 39.10 -29.82 53.45
CA GLN B 595 38.35 -30.77 52.65
C GLN B 595 36.92 -30.28 52.40
N LYS B 596 36.25 -29.78 53.44
CA LYS B 596 34.89 -29.30 53.27
C LYS B 596 34.83 -28.09 52.36
N LEU B 597 35.82 -27.20 52.47
CA LEU B 597 35.86 -26.04 51.59
C LEU B 597 36.07 -26.48 50.15
N LEU B 598 37.00 -27.42 49.93
CA LEU B 598 37.18 -27.99 48.61
C LEU B 598 35.88 -28.60 48.10
N VAL B 599 35.12 -29.23 48.98
CA VAL B 599 33.83 -29.80 48.60
C VAL B 599 32.87 -28.71 48.15
N ILE B 600 32.83 -27.60 48.86
CA ILE B 600 31.97 -26.49 48.45
C ILE B 600 32.35 -25.99 47.06
N VAL B 601 33.65 -25.74 46.85
CA VAL B 601 34.11 -25.30 45.54
C VAL B 601 33.80 -26.33 44.47
N GLY B 602 33.88 -27.61 44.81
CA GLY B 602 33.58 -28.65 43.84
C GLY B 602 32.11 -28.64 43.46
N GLY B 603 31.21 -28.47 44.43
CA GLY B 603 29.80 -28.39 44.11
C GLY B 603 29.51 -27.18 43.24
N MET B 604 30.20 -26.07 43.52
CA MET B 604 30.14 -24.92 42.63
C MET B 604 30.49 -25.31 41.20
N LEU B 605 31.69 -25.86 41.01
CA LEU B 605 32.14 -26.26 39.68
C LEU B 605 31.20 -27.29 39.08
N LEU B 606 30.50 -28.04 39.92
CA LEU B 606 29.58 -29.07 39.42
C LEU B 606 28.36 -28.43 38.77
N ILE B 607 27.66 -27.58 39.51
CA ILE B 607 26.58 -26.80 38.89
C ILE B 607 27.09 -26.07 37.66
N ASP B 608 28.35 -25.62 37.71
CA ASP B 608 28.97 -24.94 36.58
C ASP B 608 28.97 -25.81 35.34
N LEU B 609 29.60 -26.98 35.41
CA LEU B 609 29.66 -27.87 34.25
C LEU B 609 28.26 -28.30 33.82
N CYS B 610 27.34 -28.41 34.79
CA CYS B 610 25.96 -28.73 34.44
C CYS B 610 25.38 -27.69 33.50
N ILE B 611 25.33 -26.44 33.95
CA ILE B 611 24.88 -25.37 33.07
C ILE B 611 25.75 -25.23 31.85
N LEU B 612 27.00 -25.70 31.91
CA LEU B 612 27.89 -25.63 30.77
C LEU B 612 27.39 -26.53 29.65
N ILE B 613 27.11 -27.79 29.99
CA ILE B 613 26.46 -28.67 29.03
C ILE B 613 25.11 -28.11 28.61
N CYS B 614 24.40 -27.47 29.55
CA CYS B 614 23.10 -26.90 29.24
C CYS B 614 23.20 -25.89 28.10
N TRP B 615 23.97 -24.84 28.29
CA TRP B 615 24.21 -23.88 27.23
C TRP B 615 24.96 -24.46 26.05
N GLN B 616 25.66 -25.59 26.24
CA GLN B 616 26.21 -26.29 25.11
C GLN B 616 25.10 -26.83 24.22
N ALA B 617 23.97 -27.20 24.82
CA ALA B 617 22.78 -27.43 24.03
C ALA B 617 22.27 -26.15 23.38
N VAL B 618 22.38 -25.02 24.08
CA VAL B 618 22.07 -23.74 23.45
C VAL B 618 22.96 -23.51 22.24
N ASP B 619 24.26 -23.73 22.38
CA ASP B 619 25.21 -23.84 21.27
C ASP B 619 25.19 -22.59 20.37
N ARG B 623 25.33 -18.07 20.14
CA ARG B 623 26.30 -17.00 20.33
C ARG B 623 27.44 -17.09 19.32
N THR B 624 27.06 -17.33 18.08
CA THR B 624 27.86 -16.88 16.96
C THR B 624 27.70 -15.37 16.88
N VAL B 625 28.78 -14.68 16.53
CA VAL B 625 28.78 -13.23 16.55
C VAL B 625 27.85 -12.72 15.46
N GLU B 626 26.62 -12.40 15.83
CA GLU B 626 25.63 -11.92 14.88
C GLU B 626 24.73 -10.90 15.57
N LYS B 627 24.48 -9.79 14.88
CA LYS B 627 23.57 -8.76 15.36
C LYS B 627 22.88 -8.17 14.14
N TYR B 628 22.32 -6.98 14.29
CA TYR B 628 21.68 -6.33 13.16
C TYR B 628 21.62 -4.83 13.42
N SER B 629 21.81 -4.08 12.35
CA SER B 629 21.62 -2.63 12.33
C SER B 629 21.84 -2.17 10.90
N MET B 630 21.18 -1.09 10.54
CA MET B 630 21.51 -0.35 9.34
C MET B 630 22.48 0.76 9.74
N GLU B 631 23.30 1.19 8.80
CA GLU B 631 24.34 2.15 9.13
C GLU B 631 24.49 3.17 8.02
N PRO B 632 25.17 4.26 8.35
CA PRO B 632 25.55 5.25 7.37
C PRO B 632 26.98 4.96 6.94
N SER B 640 28.42 7.46 2.61
CA SER B 640 28.28 6.92 3.95
C SER B 640 26.93 6.26 4.14
N ILE B 641 26.84 5.00 3.70
CA ILE B 641 25.65 4.19 3.89
C ILE B 641 26.10 2.76 4.19
N ARG B 642 25.51 2.17 5.22
CA ARG B 642 26.03 0.89 5.70
C ARG B 642 24.94 0.13 6.42
N PRO B 643 25.34 -0.94 7.10
CA PRO B 643 24.41 -1.74 7.89
C PRO B 643 25.22 -2.60 8.84
N LEU B 644 24.99 -2.47 10.14
CA LEU B 644 25.81 -3.12 11.17
C LEU B 644 25.16 -4.41 11.64
N LEU B 645 25.98 -5.45 11.83
CA LEU B 645 25.46 -6.71 12.37
C LEU B 645 26.63 -7.55 12.91
N GLU B 646 26.73 -7.67 14.24
CA GLU B 646 27.61 -8.65 14.87
C GLU B 646 27.38 -8.71 16.37
N HIS B 647 27.13 -9.90 16.92
CA HIS B 647 27.04 -10.11 18.37
C HIS B 647 26.86 -11.59 18.70
N CYS B 648 27.42 -12.03 19.82
CA CYS B 648 27.29 -13.41 20.27
C CYS B 648 26.20 -13.48 21.31
N GLU B 649 25.12 -14.20 21.00
CA GLU B 649 24.01 -14.36 21.94
C GLU B 649 23.53 -15.80 21.91
N ASN B 650 23.21 -16.33 23.09
CA ASN B 650 22.92 -17.75 23.26
C ASN B 650 21.42 -18.02 23.27
N THR B 651 21.07 -19.29 23.05
CA THR B 651 19.67 -19.69 23.05
C THR B 651 19.02 -19.38 24.40
N HIS B 652 19.74 -19.61 25.49
CA HIS B 652 19.26 -19.14 26.77
C HIS B 652 19.39 -17.63 26.83
N MET B 653 18.32 -16.94 26.39
CA MET B 653 18.38 -15.49 26.24
C MET B 653 18.55 -14.82 27.60
N THR B 654 17.88 -15.35 28.62
CA THR B 654 18.14 -14.94 29.99
C THR B 654 18.10 -16.12 30.95
N ILE B 655 17.87 -17.34 30.44
CA ILE B 655 17.82 -18.50 31.31
C ILE B 655 19.14 -18.69 32.05
N TRP B 656 20.20 -18.95 31.30
CA TRP B 656 21.52 -19.03 31.91
C TRP B 656 21.90 -17.73 32.58
N LEU B 657 21.33 -16.61 32.12
CA LEU B 657 21.63 -15.33 32.75
C LEU B 657 21.15 -15.28 34.19
N GLY B 658 19.85 -15.54 34.41
CA GLY B 658 19.35 -15.64 35.77
C GLY B 658 20.11 -16.69 36.56
N ILE B 659 20.55 -17.75 35.88
CA ILE B 659 21.33 -18.78 36.56
C ILE B 659 22.61 -18.21 37.15
N VAL B 660 23.39 -17.52 36.33
CA VAL B 660 24.60 -16.87 36.83
C VAL B 660 24.26 -15.89 37.94
N TYR B 661 23.19 -15.12 37.75
CA TYR B 661 22.80 -14.14 38.76
C TYR B 661 22.56 -14.81 40.10
N ALA B 662 21.85 -15.94 40.10
CA ALA B 662 21.56 -16.64 41.34
C ALA B 662 22.84 -17.21 41.95
N TYR B 663 23.67 -17.84 41.12
CA TYR B 663 24.94 -18.35 41.60
C TYR B 663 25.73 -17.26 42.30
N LYS B 664 25.68 -16.05 41.74
CA LYS B 664 26.44 -14.95 42.31
C LYS B 664 25.84 -14.48 43.62
N GLY B 665 24.52 -14.25 43.64
CA GLY B 665 23.87 -13.84 44.87
C GLY B 665 24.16 -14.84 45.97
N LEU B 666 24.25 -16.12 45.63
CA LEU B 666 24.58 -17.15 46.60
C LEU B 666 25.79 -16.76 47.43
N LEU B 667 26.82 -16.22 46.78
CA LEU B 667 27.98 -15.77 47.50
C LEU B 667 27.79 -14.39 48.12
N MET B 668 27.30 -13.43 47.32
CA MET B 668 27.15 -12.06 47.80
C MET B 668 26.42 -12.00 49.13
N LEU B 669 25.47 -12.91 49.33
CA LEU B 669 24.75 -12.98 50.59
C LEU B 669 25.70 -13.19 51.76
N PHE B 670 26.41 -14.32 51.76
CA PHE B 670 27.35 -14.60 52.84
C PHE B 670 28.41 -13.51 52.93
N GLY B 671 28.71 -12.88 51.80
CA GLY B 671 29.67 -11.78 51.81
C GLY B 671 29.20 -10.67 52.73
N CYS B 672 28.04 -10.09 52.43
CA CYS B 672 27.49 -9.06 53.30
C CYS B 672 27.29 -9.57 54.71
N PHE B 673 26.98 -10.86 54.85
CA PHE B 673 26.73 -11.45 56.15
C PHE B 673 27.97 -11.35 57.04
N LEU B 674 29.06 -11.97 56.60
CA LEU B 674 30.30 -11.90 57.37
C LEU B 674 30.80 -10.48 57.48
N ALA B 675 30.51 -9.62 56.49
CA ALA B 675 30.82 -8.21 56.62
C ALA B 675 30.18 -7.64 57.88
N TRP B 676 28.91 -7.96 58.09
CA TRP B 676 28.26 -7.63 59.35
C TRP B 676 28.87 -8.36 60.53
N GLU B 677 29.38 -9.58 60.32
CA GLU B 677 29.93 -10.36 61.42
C GLU B 677 31.10 -9.62 62.08
N THR B 678 31.97 -9.05 61.26
CA THR B 678 33.06 -8.25 61.81
C THR B 678 32.56 -6.83 62.07
N ASP B 688 40.22 -9.24 57.96
CA ASP B 688 41.17 -9.28 56.87
C ASP B 688 40.47 -9.41 55.53
N SER B 689 39.90 -10.58 55.27
CA SER B 689 39.29 -10.84 53.97
C SER B 689 37.93 -10.16 53.82
N LYS B 690 37.49 -9.40 54.81
CA LYS B 690 36.25 -8.64 54.65
C LYS B 690 36.34 -7.73 53.45
N TYR B 691 37.46 -7.02 53.30
CA TYR B 691 37.68 -6.23 52.11
C TYR B 691 37.74 -7.11 50.87
N ILE B 692 38.16 -8.36 51.01
CA ILE B 692 38.15 -9.25 49.85
C ILE B 692 36.72 -9.50 49.40
N GLY B 693 35.82 -9.79 50.33
CA GLY B 693 34.41 -9.93 49.97
C GLY B 693 33.87 -8.63 49.41
N MET B 694 34.35 -7.50 49.93
CA MET B 694 33.95 -6.20 49.39
C MET B 694 34.34 -6.09 47.91
N SER B 695 35.59 -6.44 47.59
CA SER B 695 36.05 -6.38 46.22
C SER B 695 35.26 -7.35 45.35
N VAL B 696 34.87 -8.49 45.92
CA VAL B 696 34.04 -9.43 45.20
C VAL B 696 32.70 -8.82 44.83
N TYR B 697 32.03 -8.17 45.79
CA TYR B 697 30.77 -7.51 45.50
C TYR B 697 30.98 -6.41 44.46
N ASN B 698 32.11 -5.72 44.54
CA ASN B 698 32.47 -4.77 43.51
C ASN B 698 32.49 -5.44 42.15
N VAL B 699 33.12 -6.61 42.06
CA VAL B 699 33.15 -7.35 40.81
C VAL B 699 31.75 -7.75 40.39
N GLY B 700 30.85 -7.96 41.35
CA GLY B 700 29.47 -8.27 41.00
C GLY B 700 28.82 -7.07 40.33
N ILE B 701 28.94 -5.90 40.94
CA ILE B 701 28.49 -4.68 40.28
C ILE B 701 29.14 -4.53 38.91
N MET B 702 30.38 -4.97 38.79
CA MET B 702 31.07 -4.93 37.51
C MET B 702 30.38 -5.82 36.49
N CYS B 703 30.02 -7.04 36.90
CA CYS B 703 29.28 -7.92 36.00
C CYS B 703 27.96 -7.30 35.59
N ILE B 704 27.32 -6.56 36.49
CA ILE B 704 26.12 -5.82 36.12
C ILE B 704 26.42 -4.82 35.02
N ILE B 705 27.48 -4.02 35.21
CA ILE B 705 27.90 -3.10 34.17
C ILE B 705 28.19 -3.82 32.87
N GLY B 706 28.69 -5.06 32.97
CA GLY B 706 28.97 -5.84 31.77
C GLY B 706 27.68 -6.21 31.05
N ALA B 707 26.64 -6.57 31.80
CA ALA B 707 25.34 -6.79 31.19
C ALA B 707 24.86 -5.52 30.48
N ALA B 708 25.07 -4.37 31.12
CA ALA B 708 24.73 -3.11 30.49
C ALA B 708 25.49 -2.92 29.18
N VAL B 709 26.78 -3.22 29.19
CA VAL B 709 27.58 -3.12 27.97
C VAL B 709 27.06 -4.07 26.91
N SER B 710 26.65 -5.27 27.32
CA SER B 710 25.97 -6.17 26.41
C SER B 710 24.78 -5.49 25.78
N PHE B 711 24.00 -4.77 26.59
CA PHE B 711 23.00 -3.87 26.01
C PHE B 711 23.68 -2.78 25.20
N LEU B 712 24.81 -2.27 25.65
CA LEU B 712 25.51 -1.22 24.92
C LEU B 712 26.22 -1.78 23.69
N ASN B 718 29.13 -1.49 22.09
CA ASN B 718 29.96 -1.62 20.91
C ASN B 718 31.43 -1.69 21.28
N VAL B 719 32.28 -1.03 20.51
CA VAL B 719 33.61 -0.72 21.01
C VAL B 719 33.51 -0.02 22.35
N GLN B 720 32.42 0.75 22.53
CA GLN B 720 32.01 1.15 23.87
C GLN B 720 31.97 -0.05 24.80
N PHE B 721 31.15 -1.04 24.46
CA PHE B 721 31.08 -2.24 25.29
C PHE B 721 32.42 -2.95 25.33
N CYS B 722 33.23 -2.82 24.29
CA CYS B 722 34.56 -3.42 24.31
C CYS B 722 35.41 -2.82 25.42
N ILE B 723 35.52 -1.49 25.44
CA ILE B 723 36.24 -0.81 26.50
C ILE B 723 35.59 -1.09 27.85
N VAL B 724 34.28 -1.31 27.85
CA VAL B 724 33.61 -1.67 29.10
C VAL B 724 34.14 -3.00 29.63
N ALA B 725 34.19 -4.01 28.76
CA ALA B 725 34.78 -5.28 29.15
C ALA B 725 36.22 -5.11 29.59
N LEU B 726 36.95 -4.23 28.90
CA LEU B 726 38.31 -3.92 29.32
C LEU B 726 38.34 -3.44 30.76
N VAL B 727 37.54 -2.41 31.06
CA VAL B 727 37.50 -1.86 32.42
C VAL B 727 37.05 -2.93 33.41
N ILE B 728 36.18 -3.83 32.97
CA ILE B 728 35.75 -4.92 33.82
C ILE B 728 36.94 -5.76 34.23
N ILE B 729 37.71 -6.22 33.25
CA ILE B 729 38.91 -7.00 33.55
C ILE B 729 39.86 -6.19 34.41
N PHE B 730 39.89 -4.88 34.18
CA PHE B 730 40.70 -4.01 35.02
C PHE B 730 40.31 -4.15 36.47
N CYS B 731 39.03 -3.95 36.76
CA CYS B 731 38.55 -4.11 38.13
C CYS B 731 38.78 -5.52 38.64
N SER B 732 38.73 -6.51 37.75
CA SER B 732 38.96 -7.88 38.15
C SER B 732 40.37 -8.05 38.69
N THR B 733 41.36 -7.79 37.84
CA THR B 733 42.74 -7.83 38.28
C THR B 733 42.95 -6.87 39.44
N ILE B 734 42.12 -5.84 39.55
CA ILE B 734 42.24 -4.90 40.65
C ILE B 734 41.92 -5.58 41.97
N THR B 735 40.76 -6.22 42.05
CA THR B 735 40.44 -7.02 43.22
C THR B 735 41.50 -8.09 43.46
N LEU B 736 42.06 -8.63 42.39
CA LEU B 736 43.09 -9.64 42.52
C LEU B 736 44.31 -9.10 43.27
N CYS B 737 44.88 -8.02 42.74
CA CYS B 737 46.01 -7.39 43.41
C CYS B 737 45.64 -6.87 44.79
N LEU B 738 44.39 -6.48 44.99
CA LEU B 738 43.94 -6.11 46.33
C LEU B 738 44.14 -7.27 47.28
N VAL B 739 43.62 -8.44 46.92
CA VAL B 739 43.87 -9.64 47.70
C VAL B 739 45.36 -9.85 47.91
N PHE B 740 46.15 -9.68 46.85
CA PHE B 740 47.60 -9.82 46.98
C PHE B 740 48.16 -8.88 48.03
N VAL B 741 47.58 -7.70 48.17
CA VAL B 741 48.12 -6.70 49.09
C VAL B 741 47.98 -7.13 50.54
N PRO B 742 46.91 -7.86 50.85
CA PRO B 742 46.77 -8.41 52.19
C PRO B 742 47.96 -9.29 52.53
N LYS B 743 48.34 -10.17 51.60
CA LYS B 743 49.55 -10.97 51.80
C LYS B 743 50.78 -10.08 51.83
N LEU B 744 50.83 -9.06 50.97
CA LEU B 744 51.98 -8.17 50.92
C LEU B 744 52.21 -7.47 52.24
N ILE B 745 51.16 -7.33 53.04
CA ILE B 745 51.34 -6.86 54.41
C ILE B 745 52.36 -7.73 55.14
N THR B 746 52.32 -9.04 54.91
CA THR B 746 53.27 -9.93 55.56
C THR B 746 54.67 -9.76 54.97
N LEU B 747 54.76 -9.54 53.66
CA LEU B 747 56.05 -9.22 53.07
C LEU B 747 56.65 -7.98 53.71
N ARG B 748 55.82 -6.99 53.97
CA ARG B 748 56.25 -5.85 54.78
C ARG B 748 56.74 -6.32 56.14
N THR B 749 55.96 -7.20 56.78
CA THR B 749 56.44 -7.86 57.99
C THR B 749 57.67 -8.70 57.70
N ASN B 750 57.74 -9.30 56.51
CA ASN B 750 58.90 -10.07 56.12
C ASN B 750 60.05 -9.15 55.76
#